data_2JKP
#
_entry.id   2JKP
#
_cell.length_a   74.566
_cell.length_b   111.988
_cell.length_c   104.134
_cell.angle_alpha   90.00
_cell.angle_beta   100.89
_cell.angle_gamma   90.00
#
_symmetry.space_group_name_H-M   'P 1 21 1'
#
loop_
_entity.id
_entity.type
_entity.pdbx_description
1 polymer 'ALPHA-GLUCOSIDASE (ALPHA-GLUCOSIDASE SUSB)'
2 non-polymer CASTANOSPERMINE
3 non-polymer 'CALCIUM ION'
4 non-polymer 1,2-ETHANEDIOL
5 water water
#
_entity_poly.entity_id   1
_entity_poly.type   'polypeptide(L)'
_entity_poly.pdbx_seq_one_letter_code
;MGSSHHHHHHQQKLTSPDNNLVMTFQVDSKGAPTYELTYKNKVVIKPSTLGLELKKEDNTRTDFDWVDRRDLTKLDSKTN
LYDGFEVKDTQTATFDETWQPVWGEEKEIRNHYNELAVTLYQPMNDRSIVIRFRLFNDGLGFRYEFPQQKSLNYFVIKEE
HSQFGMNGDHIAFWIPGDYDTQEYDYTISRLSEIRGLMKEAITPNSSQTPFSQTGVQTALMMKTDDGLYINLHEAALVDY
SCMHLNLDDKNMVFESWLTPDAKGDKGYMQTPCNTPWRTIIVSDDARNILASRITLNLNEPCKIADAASWVKPVKYIGVW
WDMITGKGSWAYTDELTSVKLGETDYSKTKPNGKHSANTANVKRYIDFAAAHGFDAVLVEGWNEGWEDWFGNSKDYVFDF
VTPYPDFDVKEIHRYAARKGIKMMMHHETSASVRNYERHMDKAYQFMADNGYNSVKSGYVGNIIPRGEHHYGQWMNNHYL
YAVKKAADYKIMVNAHEATRPTGICRTYPNLIGNESARGTEYESFGGNKVYHTTILPFTRLVGGPMDYTPGIFETHCNKM
NPANNSQVRSTIARQLALYVTMYSPLQMAADIPENYERFMDAFQFIKDVALDWDETNYLEAEPGEYITIARKAKDTDDWY
VGCTAGENGHTSKLVFDFLTPGKQYIATVYADAKDADWKENPQAYTIKKGILTNKSKLNLHAANGGGYAISIKEVKDKSE
AKGLKRL
;
_entity_poly.pdbx_strand_id   A,B
#
# COMPACT_ATOMS: atom_id res chain seq x y z
N GLN A 11 19.37 -9.35 42.23
CA GLN A 11 19.26 -7.92 41.85
C GLN A 11 20.48 -7.49 41.08
N GLN A 12 20.27 -6.88 39.91
CA GLN A 12 21.37 -6.54 39.02
C GLN A 12 21.75 -5.07 39.05
N LYS A 13 23.05 -4.79 39.01
CA LYS A 13 23.55 -3.43 39.08
C LYS A 13 24.38 -3.17 37.85
N LEU A 14 24.14 -2.06 37.17
CA LEU A 14 24.96 -1.63 36.03
C LEU A 14 25.38 -0.20 36.31
N THR A 15 26.64 0.14 36.07
CA THR A 15 27.07 1.51 36.32
CA THR A 15 27.16 1.47 36.38
C THR A 15 27.80 2.05 35.12
N SER A 16 27.74 3.37 34.96
CA SER A 16 28.41 4.02 33.82
C SER A 16 29.90 3.96 34.02
N PRO A 17 30.66 4.08 32.94
CA PRO A 17 32.13 4.10 32.99
C PRO A 17 32.67 5.07 34.05
N ASP A 18 32.08 6.26 34.17
CA ASP A 18 32.58 7.26 35.11
C ASP A 18 31.94 7.19 36.47
N ASN A 19 31.25 6.09 36.71
CA ASN A 19 30.62 5.83 37.99
C ASN A 19 29.48 6.72 38.43
N ASN A 20 29.04 7.68 37.61
CA ASN A 20 28.02 8.60 38.12
C ASN A 20 26.61 8.11 37.96
N LEU A 21 26.42 7.05 37.17
CA LEU A 21 25.08 6.54 36.91
C LEU A 21 24.96 5.09 37.32
N VAL A 22 23.91 4.75 38.05
CA VAL A 22 23.68 3.39 38.43
C VAL A 22 22.29 2.95 37.98
N MET A 23 22.23 1.80 37.32
CA MET A 23 20.94 1.24 36.86
C MET A 23 20.79 -0.05 37.63
N THR A 24 19.66 -0.16 38.31
CA THR A 24 19.36 -1.33 39.11
C THR A 24 18.20 -2.07 38.47
N PHE A 25 18.39 -3.37 38.24
CA PHE A 25 17.37 -4.21 37.62
C PHE A 25 16.99 -5.40 38.49
N GLN A 26 15.69 -5.68 38.56
CA GLN A 26 15.21 -6.87 39.24
C GLN A 26 13.85 -7.25 38.70
N VAL A 27 13.45 -8.49 38.95
CA VAL A 27 12.10 -8.91 38.68
C VAL A 27 11.39 -8.81 40.02
N ASP A 28 10.17 -8.28 40.06
CA ASP A 28 9.45 -8.17 41.34
C ASP A 28 8.76 -9.48 41.71
N SER A 29 7.98 -9.45 42.79
CA SER A 29 7.42 -10.69 43.31
C SER A 29 6.40 -11.26 42.33
N LYS A 30 5.91 -10.43 41.40
CA LYS A 30 4.96 -10.92 40.39
C LYS A 30 5.63 -11.40 39.12
N GLY A 31 6.96 -11.30 39.08
CA GLY A 31 7.69 -11.68 37.87
C GLY A 31 7.71 -10.58 36.80
N ALA A 32 7.37 -9.35 37.21
CA ALA A 32 7.53 -8.18 36.36
C ALA A 32 8.94 -7.58 36.37
N PRO A 33 9.53 -7.44 35.18
CA PRO A 33 10.85 -6.85 35.10
C PRO A 33 10.75 -5.39 35.51
N THR A 34 11.64 -4.93 36.37
CA THR A 34 11.55 -3.55 36.80
C THR A 34 12.96 -2.96 36.80
N TYR A 35 13.09 -1.67 36.51
CA TYR A 35 14.38 -1.04 36.52
C TYR A 35 14.29 0.34 37.19
N GLU A 36 15.44 0.93 37.53
CA GLU A 36 15.49 2.30 38.07
C GLU A 36 16.87 2.86 37.77
N LEU A 37 17.00 4.18 37.84
CA LEU A 37 18.22 4.81 37.38
C LEU A 37 18.54 5.98 38.30
N THR A 38 19.79 6.07 38.77
CA THR A 38 20.23 7.20 39.54
C THR A 38 21.37 7.89 38.85
N TYR A 39 21.46 9.18 39.09
CA TYR A 39 22.51 10.04 38.51
C TYR A 39 23.12 10.85 39.67
N LYS A 40 24.40 10.64 39.92
CA LYS A 40 25.06 11.31 41.05
C LYS A 40 24.25 11.23 42.34
N ASN A 41 23.80 10.04 42.68
CA ASN A 41 22.91 9.82 43.82
C ASN A 41 21.53 10.47 43.80
N LYS A 42 21.09 10.98 42.66
CA LYS A 42 19.72 11.45 42.53
C LYS A 42 18.92 10.45 41.67
N VAL A 43 17.72 10.13 42.11
CA VAL A 43 16.86 9.25 41.38
C VAL A 43 16.51 10.00 40.07
N VAL A 44 16.69 9.33 38.94
CA VAL A 44 16.25 9.88 37.64
C VAL A 44 14.99 9.14 37.22
N ILE A 45 15.06 7.81 37.30
CA ILE A 45 13.92 6.96 37.06
C ILE A 45 13.62 6.19 38.35
N LYS A 46 12.43 6.38 38.93
CA LYS A 46 11.96 5.58 40.07
CA LYS A 46 12.03 5.57 40.08
C LYS A 46 11.69 4.17 39.58
N PRO A 47 11.46 3.22 40.50
CA PRO A 47 11.27 1.85 40.01
C PRO A 47 10.13 1.76 38.98
N SER A 48 10.44 1.23 37.79
CA SER A 48 9.49 1.27 36.64
C SER A 48 9.47 -0.07 35.93
N THR A 49 8.29 -0.53 35.53
CA THR A 49 8.23 -1.85 34.89
C THR A 49 8.43 -1.77 33.37
N LEU A 50 8.71 -2.94 32.81
CA LEU A 50 8.92 -3.14 31.39
C LEU A 50 8.15 -4.42 30.95
N GLY A 51 7.70 -4.45 29.71
CA GLY A 51 6.94 -5.56 29.20
C GLY A 51 6.05 -5.09 28.05
N LEU A 52 5.39 -6.07 27.44
CA LEU A 52 4.40 -5.82 26.40
CA LEU A 52 4.41 -5.82 26.40
C LEU A 52 3.19 -6.70 26.64
N GLU A 53 2.08 -6.34 25.97
CA GLU A 53 0.88 -7.17 25.89
C GLU A 53 0.72 -7.46 24.40
N LEU A 54 0.51 -8.73 24.06
CA LEU A 54 0.47 -9.17 22.68
C LEU A 54 -1.00 -9.39 22.35
N LYS A 55 -1.34 -9.33 21.07
CA LYS A 55 -2.70 -9.55 20.64
C LYS A 55 -3.03 -11.07 20.70
N LYS A 56 -4.25 -11.43 21.07
CA LYS A 56 -4.61 -12.84 21.10
C LYS A 56 -4.59 -13.45 19.69
N GLU A 57 -4.09 -14.68 19.57
CA GLU A 57 -4.09 -15.47 18.30
C GLU A 57 -5.46 -15.93 17.81
N ASP A 76 -5.09 -16.65 25.65
CA ASP A 76 -5.17 -15.86 26.87
C ASP A 76 -3.76 -15.57 27.35
N SER A 77 -3.13 -16.56 27.99
CA SER A 77 -1.91 -16.27 28.73
C SER A 77 -0.75 -15.88 27.80
N LYS A 78 -0.81 -16.30 26.54
CA LYS A 78 0.21 -15.87 25.58
C LYS A 78 0.20 -14.34 25.27
N THR A 79 -0.90 -13.66 25.59
CA THR A 79 -0.95 -12.20 25.45
C THR A 79 -0.11 -11.48 26.51
N ASN A 80 0.22 -12.16 27.60
CA ASN A 80 0.97 -11.56 28.70
C ASN A 80 2.46 -11.65 28.42
N LEU A 81 3.12 -10.52 28.20
CA LEU A 81 4.57 -10.52 28.11
C LEU A 81 5.05 -9.42 29.03
N TYR A 82 4.43 -9.30 30.19
CA TYR A 82 4.70 -8.21 31.12
C TYR A 82 5.02 -8.72 32.56
N ASP A 83 4.61 -9.93 32.90
CA ASP A 83 5.06 -10.45 34.18
C ASP A 83 5.19 -11.97 34.17
N GLY A 84 5.44 -12.55 35.35
CA GLY A 84 5.62 -14.00 35.41
C GLY A 84 6.93 -14.41 34.74
N PHE A 85 7.88 -13.48 34.67
CA PHE A 85 9.22 -13.77 34.14
C PHE A 85 10.14 -14.15 35.29
N GLU A 86 11.23 -14.86 34.99
CA GLU A 86 12.28 -15.07 35.96
C GLU A 86 13.63 -14.92 35.24
N VAL A 87 14.68 -14.46 35.92
CA VAL A 87 15.96 -14.25 35.25
C VAL A 87 16.65 -15.60 35.02
N LYS A 88 16.91 -15.92 33.75
CA LYS A 88 17.48 -17.19 33.38
C LYS A 88 18.98 -17.03 33.15
N ASP A 89 19.41 -15.83 32.81
CA ASP A 89 20.81 -15.60 32.53
C ASP A 89 21.04 -14.10 32.39
N THR A 90 22.30 -13.69 32.57
CA THR A 90 22.69 -12.32 32.41
C THR A 90 24.05 -12.35 31.79
N GLN A 91 24.33 -11.36 30.94
CA GLN A 91 25.65 -11.17 30.41
C GLN A 91 25.99 -9.70 30.39
N THR A 92 27.27 -9.41 30.66
CA THR A 92 27.78 -8.05 30.72
C THR A 92 28.83 -7.91 29.64
N ALA A 93 29.31 -6.70 29.45
CA ALA A 93 30.29 -6.38 28.41
C ALA A 93 30.49 -4.88 28.35
N THR A 94 31.64 -4.47 27.87
CA THR A 94 31.97 -3.05 27.75
C THR A 94 32.39 -2.78 26.32
N PHE A 95 32.21 -1.56 25.87
CA PHE A 95 32.51 -1.21 24.48
C PHE A 95 33.02 0.21 24.53
N ASP A 96 34.04 0.47 23.72
CA ASP A 96 34.60 1.82 23.64
C ASP A 96 35.33 1.98 22.31
N GLU A 97 34.65 2.57 21.32
CA GLU A 97 35.22 2.75 20.00
C GLU A 97 34.77 4.09 19.47
N THR A 98 35.57 4.68 18.60
CA THR A 98 35.16 5.92 17.98
CA THR A 98 35.24 5.94 17.95
C THR A 98 34.80 5.65 16.53
N TRP A 99 34.03 6.56 15.94
CA TRP A 99 33.54 6.40 14.56
C TRP A 99 33.28 7.81 14.04
N GLN A 100 33.23 7.96 12.72
CA GLN A 100 33.09 9.24 12.08
C GLN A 100 31.84 9.32 11.21
N PRO A 101 30.98 10.29 11.47
CA PRO A 101 29.76 10.47 10.67
C PRO A 101 30.17 11.01 9.35
N VAL A 102 29.34 10.87 8.32
CA VAL A 102 29.66 11.45 7.03
C VAL A 102 29.51 12.96 7.11
N TRP A 103 28.54 13.40 7.89
CA TRP A 103 28.36 14.81 8.12
C TRP A 103 27.88 14.86 9.55
N GLY A 104 28.08 15.98 10.22
CA GLY A 104 27.58 16.10 11.59
C GLY A 104 28.08 17.34 12.33
N GLU A 105 27.90 17.35 13.66
CA GLU A 105 28.29 18.50 14.49
C GLU A 105 29.77 18.39 14.92
N GLU A 106 30.36 17.20 14.74
CA GLU A 106 31.83 17.09 14.84
C GLU A 106 32.42 15.96 13.96
N LYS A 107 33.74 15.92 13.84
CA LYS A 107 34.36 14.93 12.98
C LYS A 107 34.21 13.50 13.51
N GLU A 108 34.20 13.33 14.83
CA GLU A 108 34.36 12.01 15.37
C GLU A 108 33.51 11.85 16.61
N ILE A 109 32.91 10.67 16.79
CA ILE A 109 32.03 10.47 17.90
C ILE A 109 32.54 9.25 18.63
N ARG A 110 32.50 9.30 19.96
CA ARG A 110 32.94 8.18 20.75
C ARG A 110 31.74 7.39 21.30
N ASN A 111 31.74 6.09 21.07
CA ASN A 111 30.69 5.21 21.57
C ASN A 111 31.14 4.35 22.80
N HIS A 112 30.77 4.78 24.02
CA HIS A 112 31.41 4.24 25.21
C HIS A 112 30.41 3.86 26.28
N TYR A 113 30.17 2.57 26.50
CA TYR A 113 29.13 2.19 27.45
C TYR A 113 29.43 0.88 28.14
N ASN A 114 28.86 0.68 29.33
CA ASN A 114 28.80 -0.64 29.91
C ASN A 114 27.46 -1.33 29.65
N GLU A 115 27.48 -2.61 29.34
CA GLU A 115 26.23 -3.28 28.96
C GLU A 115 25.79 -4.38 29.91
N LEU A 116 24.48 -4.54 30.07
CA LEU A 116 23.91 -5.70 30.74
C LEU A 116 22.75 -6.26 29.91
N ALA A 117 22.83 -7.55 29.58
CA ALA A 117 21.74 -8.24 28.90
C ALA A 117 21.12 -9.26 29.85
N VAL A 118 19.79 -9.25 29.95
CA VAL A 118 19.07 -10.07 30.88
C VAL A 118 18.10 -11.00 30.15
N THR A 119 18.34 -12.31 30.20
CA THR A 119 17.41 -13.27 29.58
C THR A 119 16.29 -13.60 30.56
N LEU A 120 15.06 -13.27 30.17
CA LEU A 120 13.92 -13.53 31.01
C LEU A 120 13.06 -14.67 30.47
N TYR A 121 12.79 -15.65 31.33
CA TYR A 121 12.05 -16.83 30.91
C TYR A 121 10.69 -16.79 31.54
N GLN A 122 9.69 -17.12 30.75
CA GLN A 122 8.32 -17.11 31.21
C GLN A 122 7.82 -18.56 31.29
N PRO A 123 7.81 -19.12 32.51
CA PRO A 123 7.40 -20.53 32.54
C PRO A 123 5.97 -20.79 32.03
N MET A 124 5.02 -19.92 32.33
CA MET A 124 3.67 -20.15 31.86
C MET A 124 3.58 -20.29 30.33
N ASN A 125 4.47 -19.65 29.59
CA ASN A 125 4.36 -19.68 28.13
C ASN A 125 5.57 -20.34 27.46
N ASP A 126 6.42 -20.94 28.29
CA ASP A 126 7.66 -21.57 27.86
C ASP A 126 8.35 -20.75 26.80
N ARG A 127 8.68 -19.51 27.12
CA ARG A 127 9.39 -18.67 26.15
C ARG A 127 10.21 -17.63 26.87
N SER A 128 11.22 -17.12 26.16
CA SER A 128 12.19 -16.19 26.66
C SER A 128 12.27 -14.88 25.85
N ILE A 129 12.46 -13.76 26.55
CA ILE A 129 12.98 -12.54 25.92
C ILE A 129 14.30 -12.08 26.54
N VAL A 130 14.91 -11.10 25.88
CA VAL A 130 16.08 -10.42 26.38
C VAL A 130 15.83 -8.92 26.46
N ILE A 131 16.14 -8.32 27.62
CA ILE A 131 16.23 -6.88 27.72
C ILE A 131 17.70 -6.51 27.83
N ARG A 132 18.14 -5.66 26.90
CA ARG A 132 19.53 -5.22 26.82
C ARG A 132 19.62 -3.75 27.27
N PHE A 133 20.47 -3.48 28.27
CA PHE A 133 20.69 -2.12 28.76
C PHE A 133 22.08 -1.65 28.39
N ARG A 134 22.21 -0.43 27.84
CA ARG A 134 23.53 0.16 27.63
C ARG A 134 23.58 1.48 28.39
N LEU A 135 24.48 1.56 29.37
CA LEU A 135 24.60 2.74 30.21
C LEU A 135 25.87 3.53 29.89
N PHE A 136 25.67 4.75 29.44
CA PHE A 136 26.70 5.70 29.11
C PHE A 136 26.82 6.71 30.25
N ASN A 137 27.82 7.58 30.12
CA ASN A 137 28.06 8.63 31.11
C ASN A 137 26.99 9.70 31.08
N ASP A 138 26.29 9.81 29.95
CA ASP A 138 25.19 10.77 29.86
C ASP A 138 23.77 10.15 29.74
N GLY A 139 23.64 8.86 30.01
CA GLY A 139 22.28 8.28 30.13
C GLY A 139 22.20 6.83 29.73
N LEU A 140 20.98 6.29 29.67
CA LEU A 140 20.70 4.87 29.49
C LEU A 140 19.89 4.60 28.24
N GLY A 141 20.24 3.51 27.56
CA GLY A 141 19.39 2.97 26.52
C GLY A 141 19.00 1.53 26.84
N PHE A 142 17.76 1.19 26.58
CA PHE A 142 17.36 -0.22 26.67
C PHE A 142 16.51 -0.65 25.47
N ARG A 143 16.54 -1.93 25.10
CA ARG A 143 15.57 -2.44 24.12
C ARG A 143 15.14 -3.84 24.49
N TYR A 144 14.00 -4.27 23.96
CA TYR A 144 13.62 -5.68 24.10
C TYR A 144 14.08 -6.46 22.86
N GLU A 145 14.43 -7.74 23.06
CA GLU A 145 14.85 -8.58 21.93
C GLU A 145 14.13 -9.92 22.02
N PHE A 146 13.71 -10.44 20.90
CA PHE A 146 12.85 -11.61 20.90
C PHE A 146 13.53 -12.64 20.02
N PRO A 147 14.32 -13.54 20.65
CA PRO A 147 15.06 -14.60 19.94
C PRO A 147 14.11 -15.60 19.26
N GLN A 148 14.53 -16.17 18.14
CA GLN A 148 13.76 -17.22 17.48
C GLN A 148 13.67 -18.45 18.38
N GLN A 149 12.48 -18.97 18.57
CA GLN A 149 12.36 -20.10 19.46
C GLN A 149 11.09 -20.86 19.13
N LYS A 150 11.00 -22.08 19.67
CA LYS A 150 9.89 -22.95 19.39
C LYS A 150 8.55 -22.22 19.63
N SER A 151 8.40 -21.55 20.79
CA SER A 151 7.10 -20.91 21.11
C SER A 151 6.95 -19.40 20.85
N LEU A 152 7.86 -18.77 20.08
CA LEU A 152 7.68 -17.35 19.75
C LEU A 152 8.20 -17.08 18.35
N ASN A 153 7.28 -16.91 17.41
CA ASN A 153 7.70 -16.69 16.03
C ASN A 153 7.03 -15.46 15.49
N TYR A 154 5.80 -15.61 15.00
CA TYR A 154 5.00 -14.45 14.58
C TYR A 154 4.13 -13.97 15.72
N PHE A 155 4.15 -12.67 15.98
CA PHE A 155 3.27 -12.15 16.99
C PHE A 155 2.90 -10.71 16.71
N VAL A 156 1.80 -10.29 17.32
CA VAL A 156 1.34 -8.92 17.12
C VAL A 156 1.27 -8.20 18.45
N ILE A 157 1.79 -6.98 18.48
CA ILE A 157 1.80 -6.19 19.69
C ILE A 157 0.48 -5.43 19.86
N LYS A 158 -0.14 -5.62 21.02
CA LYS A 158 -1.30 -4.87 21.37
C LYS A 158 -0.85 -3.49 21.91
N GLU A 159 0.10 -3.50 22.83
CA GLU A 159 0.67 -2.28 23.40
CA GLU A 159 0.72 -2.28 23.34
CA GLU A 159 0.72 -2.28 23.34
C GLU A 159 2.05 -2.62 23.98
N GLU A 160 2.99 -1.68 23.96
CA GLU A 160 4.24 -1.85 24.70
C GLU A 160 4.04 -1.08 26.01
N HIS A 161 4.58 -1.61 27.09
CA HIS A 161 4.47 -0.97 28.40
C HIS A 161 5.82 -0.72 29.05
N SER A 162 6.67 0.07 28.37
CA SER A 162 7.93 0.53 28.94
C SER A 162 7.62 1.75 29.80
N GLN A 163 7.88 1.66 31.12
CA GLN A 163 7.59 2.79 32.00
C GLN A 163 8.83 3.62 32.24
N PHE A 164 8.59 4.90 32.53
CA PHE A 164 9.62 5.87 32.93
C PHE A 164 9.04 6.70 34.07
N GLY A 165 9.28 6.25 35.31
CA GLY A 165 8.72 6.88 36.51
C GLY A 165 9.54 8.09 36.93
N MET A 166 8.93 9.27 36.88
CA MET A 166 9.66 10.52 37.27
C MET A 166 9.70 10.70 38.78
N ASN A 167 10.75 11.36 39.28
CA ASN A 167 10.90 11.55 40.73
C ASN A 167 10.21 12.77 41.30
N GLY A 168 9.67 13.62 40.45
CA GLY A 168 8.90 14.74 40.95
C GLY A 168 8.03 15.28 39.84
N ASP A 169 7.38 16.41 40.10
CA ASP A 169 6.50 17.05 39.13
C ASP A 169 7.37 18.02 38.30
N HIS A 170 8.13 17.44 37.38
CA HIS A 170 9.09 18.20 36.60
C HIS A 170 8.43 19.22 35.72
N ILE A 171 9.22 20.16 35.26
CA ILE A 171 8.80 21.04 34.19
C ILE A 171 9.08 20.33 32.87
N ALA A 172 8.09 20.32 31.98
CA ALA A 172 8.28 19.62 30.72
C ALA A 172 8.13 20.57 29.58
N PHE A 173 8.85 20.29 28.48
CA PHE A 173 8.73 21.04 27.24
C PHE A 173 8.16 20.05 26.21
N TRP A 174 6.87 20.16 25.90
CA TRP A 174 6.16 19.09 25.19
C TRP A 174 5.25 19.59 24.06
N ILE A 175 5.00 18.70 23.10
CA ILE A 175 3.86 18.82 22.16
C ILE A 175 2.93 17.61 22.32
N PRO A 176 1.64 17.78 21.98
CA PRO A 176 0.60 16.78 22.10
C PRO A 176 0.92 15.48 21.39
N GLY A 177 0.71 14.36 22.06
CA GLY A 177 0.80 13.04 21.42
C GLY A 177 -0.12 12.97 20.21
N ASP A 178 0.39 12.51 19.07
CA ASP A 178 -0.43 12.59 17.84
C ASP A 178 0.11 11.58 16.82
N TYR A 179 -0.76 10.76 16.27
CA TYR A 179 -0.35 9.78 15.32
C TYR A 179 -0.04 10.33 13.92
N ASP A 180 -0.31 11.60 13.67
CA ASP A 180 -0.31 12.09 12.29
C ASP A 180 0.47 13.37 12.04
N THR A 181 0.58 14.25 13.04
CA THR A 181 1.38 15.48 12.80
C THR A 181 2.31 15.79 13.99
N GLN A 182 3.43 16.50 13.76
CA GLN A 182 4.19 17.06 14.89
C GLN A 182 4.25 18.58 14.83
N GLU A 183 3.39 19.18 13.99
CA GLU A 183 3.52 20.58 13.66
C GLU A 183 2.90 21.53 14.71
N TYR A 184 3.18 21.26 15.98
CA TYR A 184 2.62 21.99 17.10
C TYR A 184 3.68 22.90 17.74
N ASP A 185 3.24 24.02 18.29
CA ASP A 185 4.07 24.85 19.15
C ASP A 185 4.25 24.11 20.48
N TYR A 186 5.41 24.27 21.08
CA TYR A 186 5.67 23.63 22.36
C TYR A 186 4.89 24.32 23.46
N THR A 187 4.60 23.58 24.53
CA THR A 187 4.12 24.15 25.77
C THR A 187 5.16 23.87 26.86
N ILE A 188 5.39 24.87 27.74
CA ILE A 188 6.21 24.67 28.93
C ILE A 188 5.32 24.57 30.17
N SER A 189 5.36 23.44 30.88
CA SER A 189 4.50 23.32 32.05
C SER A 189 4.95 22.23 33.01
N ARG A 190 4.33 22.18 34.18
CA ARG A 190 4.59 21.09 35.10
C ARG A 190 3.97 19.83 34.50
N LEU A 191 4.42 18.66 34.90
CA LEU A 191 3.75 17.41 34.50
C LEU A 191 2.30 17.38 34.99
N SER A 192 2.03 17.95 36.17
CA SER A 192 0.66 17.92 36.74
C SER A 192 -0.31 18.84 35.94
N GLU A 193 0.27 19.74 35.15
CA GLU A 193 -0.51 20.69 34.36
C GLU A 193 -0.79 20.24 32.94
N ILE A 194 -0.16 19.16 32.51
CA ILE A 194 -0.39 18.75 31.11
C ILE A 194 -1.90 18.54 30.81
N ARG A 195 -2.56 17.70 31.62
CA ARG A 195 -3.96 17.38 31.41
C ARG A 195 -4.79 18.64 31.17
N GLY A 196 -4.61 19.63 32.04
CA GLY A 196 -5.34 20.89 31.91
C GLY A 196 -5.04 21.72 30.67
N LEU A 197 -3.83 21.61 30.13
CA LEU A 197 -3.46 22.42 28.98
C LEU A 197 -3.59 21.75 27.60
N MET A 198 -3.85 20.44 27.58
CA MET A 198 -3.84 19.65 26.34
C MET A 198 -4.81 20.19 25.29
N LYS A 199 -6.04 20.46 25.72
CA LYS A 199 -7.04 20.98 24.78
C LYS A 199 -6.55 22.21 24.03
N GLU A 200 -6.06 23.23 24.72
CA GLU A 200 -5.55 24.40 23.98
C GLU A 200 -4.24 24.10 23.23
N ALA A 201 -3.43 23.15 23.71
CA ALA A 201 -2.16 22.82 23.00
C ALA A 201 -2.39 22.18 21.61
N ILE A 202 -3.53 21.51 21.43
CA ILE A 202 -3.80 20.91 20.14
C ILE A 202 -4.48 21.93 19.25
N THR A 203 -3.73 22.49 18.31
CA THR A 203 -4.27 23.45 17.38
C THR A 203 -4.62 22.74 16.08
N PRO A 204 -5.30 23.44 15.15
CA PRO A 204 -5.82 22.73 13.95
C PRO A 204 -4.77 22.28 12.93
N ASN A 205 -4.96 21.11 12.35
CA ASN A 205 -4.04 20.65 11.31
C ASN A 205 -4.81 19.73 10.39
N SER A 206 -4.50 19.71 9.12
CA SER A 206 -5.34 18.93 8.22
C SER A 206 -5.24 17.40 8.45
N SER A 207 -4.20 16.95 9.13
CA SER A 207 -4.16 15.55 9.48
C SER A 207 -3.57 15.39 10.89
N GLN A 208 -4.40 15.01 11.85
CA GLN A 208 -4.01 14.94 13.26
C GLN A 208 -4.85 13.90 13.98
N THR A 209 -4.22 13.06 14.78
CA THR A 209 -4.97 12.16 15.64
C THR A 209 -4.34 12.10 16.99
N PRO A 210 -4.74 13.03 17.87
CA PRO A 210 -4.29 13.00 19.25
C PRO A 210 -4.87 11.75 19.94
N PHE A 211 -4.23 11.23 20.97
CA PHE A 211 -4.71 10.00 21.55
C PHE A 211 -5.01 10.09 23.05
N SER A 212 -4.57 11.16 23.71
CA SER A 212 -4.68 11.21 25.18
C SER A 212 -4.61 12.63 25.72
N GLN A 213 -5.48 12.90 26.69
CA GLN A 213 -5.43 14.18 27.37
CA GLN A 213 -5.44 14.18 27.38
C GLN A 213 -4.06 14.34 28.03
N THR A 214 -3.37 13.24 28.28
CA THR A 214 -2.02 13.36 28.85
C THR A 214 -0.95 12.69 27.98
N GLY A 215 -1.20 12.61 26.68
CA GLY A 215 -0.19 12.10 25.72
C GLY A 215 0.72 13.21 25.14
N VAL A 216 2.02 12.90 25.06
CA VAL A 216 3.02 13.84 24.52
C VAL A 216 3.92 13.06 23.56
N GLN A 217 4.61 13.79 22.68
CA GLN A 217 5.52 13.18 21.74
C GLN A 217 6.95 13.11 22.31
N THR A 218 7.80 12.30 21.68
CA THR A 218 9.22 12.31 21.99
C THR A 218 9.93 12.93 20.76
N ALA A 219 11.16 13.48 20.94
CA ALA A 219 11.82 13.53 22.24
C ALA A 219 11.13 14.57 23.18
N LEU A 220 10.99 14.15 24.43
CA LEU A 220 10.43 14.96 25.48
C LEU A 220 11.56 15.45 26.38
N MET A 221 11.57 16.75 26.65
CA MET A 221 12.64 17.35 27.44
C MET A 221 12.01 17.82 28.78
N MET A 222 12.72 17.60 29.89
CA MET A 222 12.27 18.00 31.22
CA MET A 222 12.27 18.03 31.21
C MET A 222 13.40 18.65 32.05
N LYS A 223 13.02 19.51 32.99
CA LYS A 223 13.96 20.12 33.90
C LYS A 223 13.44 19.86 35.33
N THR A 224 14.27 19.30 36.21
CA THR A 224 13.77 18.95 37.53
C THR A 224 14.14 20.02 38.56
N ASP A 225 13.39 20.08 39.66
CA ASP A 225 13.69 21.06 40.72
C ASP A 225 15.04 20.81 41.37
N ASP A 226 15.55 19.59 41.26
CA ASP A 226 16.85 19.35 41.86
C ASP A 226 18.00 19.46 40.87
N GLY A 227 17.85 20.30 39.86
CA GLY A 227 19.00 20.69 39.04
C GLY A 227 19.39 19.76 37.88
N LEU A 228 18.52 18.81 37.52
CA LEU A 228 18.79 17.86 36.43
C LEU A 228 17.96 18.21 35.16
N TYR A 229 18.46 17.77 34.00
CA TYR A 229 17.76 17.84 32.71
C TYR A 229 17.63 16.40 32.21
N ILE A 230 16.43 16.06 31.73
CA ILE A 230 16.11 14.70 31.38
C ILE A 230 15.38 14.71 30.05
N ASN A 231 15.87 13.90 29.12
CA ASN A 231 15.28 13.78 27.77
C ASN A 231 14.89 12.31 27.57
N LEU A 232 13.62 12.07 27.25
CA LEU A 232 13.11 10.70 26.99
C LEU A 232 12.85 10.55 25.49
N HIS A 233 13.38 9.49 24.88
CA HIS A 233 13.31 9.39 23.41
C HIS A 233 13.44 7.95 23.00
N GLU A 234 13.54 7.72 21.71
CA GLU A 234 13.86 6.38 21.21
C GLU A 234 14.93 6.48 20.15
N ALA A 235 15.56 5.37 19.80
CA ALA A 235 16.55 5.39 18.74
C ALA A 235 16.40 4.16 17.84
N ALA A 236 16.67 4.33 16.53
CA ALA A 236 16.65 3.23 15.54
C ALA A 236 15.23 2.69 15.39
N LEU A 237 14.32 3.57 15.00
CA LEU A 237 12.92 3.21 14.88
C LEU A 237 12.67 2.59 13.50
N VAL A 238 12.76 1.26 13.45
CA VAL A 238 12.90 0.49 12.22
C VAL A 238 12.07 -0.78 12.39
N ASP A 239 11.26 -1.09 11.38
CA ASP A 239 10.37 -2.27 11.45
C ASP A 239 9.55 -2.30 12.72
N TYR A 240 9.02 -1.13 13.07
CA TYR A 240 8.34 -0.97 14.35
C TYR A 240 7.50 0.27 14.27
N SER A 241 6.50 0.39 15.14
CA SER A 241 5.63 1.56 15.24
C SER A 241 6.18 2.70 16.12
N CYS A 242 5.99 3.94 15.70
CA CYS A 242 6.49 5.08 16.47
C CYS A 242 6.00 5.10 17.93
N MET A 243 6.94 5.31 18.87
CA MET A 243 6.60 5.48 20.29
C MET A 243 6.26 6.92 20.69
N HIS A 244 5.10 7.11 21.32
CA HIS A 244 4.78 8.38 21.98
C HIS A 244 4.77 8.07 23.50
N LEU A 245 4.51 9.05 24.34
CA LEU A 245 4.45 8.77 25.79
C LEU A 245 3.11 9.17 26.39
N ASN A 246 2.56 8.31 27.23
CA ASN A 246 1.34 8.65 27.94
C ASN A 246 1.64 8.85 29.42
N LEU A 247 1.37 10.06 29.94
CA LEU A 247 1.60 10.34 31.34
C LEU A 247 0.47 9.86 32.26
N ASP A 248 0.83 9.00 33.23
CA ASP A 248 -0.03 8.70 34.37
C ASP A 248 0.23 9.75 35.42
N ASP A 249 -0.64 10.76 35.50
CA ASP A 249 -0.36 11.89 36.42
C ASP A 249 -0.78 11.61 37.89
N LYS A 250 -1.28 10.41 38.18
CA LYS A 250 -1.51 10.01 39.59
C LYS A 250 -0.17 9.61 40.20
N ASN A 251 0.76 9.37 39.29
CA ASN A 251 1.90 8.55 39.51
C ASN A 251 3.19 9.26 39.13
N MET A 252 3.06 10.23 38.23
CA MET A 252 4.21 10.78 37.52
C MET A 252 5.00 9.69 36.77
N VAL A 253 4.30 8.62 36.41
CA VAL A 253 4.89 7.61 35.51
C VAL A 253 4.52 7.81 34.03
N PHE A 254 5.51 8.12 33.17
CA PHE A 254 5.34 8.04 31.69
C PHE A 254 5.41 6.58 31.22
N GLU A 255 4.65 6.26 30.17
CA GLU A 255 4.67 4.92 29.53
C GLU A 255 4.65 5.01 27.99
N SER A 256 5.42 4.12 27.36
CA SER A 256 5.38 3.96 25.91
C SER A 256 3.93 3.82 25.41
N TRP A 257 3.61 4.47 24.29
CA TRP A 257 2.29 4.36 23.70
C TRP A 257 2.51 4.40 22.19
N LEU A 258 2.34 3.26 21.52
CA LEU A 258 2.74 3.19 20.12
C LEU A 258 1.58 3.59 19.22
N THR A 259 1.87 3.66 17.93
CA THR A 259 0.90 4.18 16.97
C THR A 259 0.20 2.97 16.36
N PRO A 260 -1.16 2.92 16.44
CA PRO A 260 -1.95 1.78 15.95
C PRO A 260 -2.05 1.79 14.44
N ASP A 261 -2.22 0.61 13.83
CA ASP A 261 -2.54 0.50 12.40
C ASP A 261 -4.05 0.70 12.11
N ALA A 262 -4.45 0.42 10.89
CA ALA A 262 -5.83 0.63 10.48
C ALA A 262 -6.84 -0.25 11.29
N LYS A 263 -6.39 -1.36 11.85
CA LYS A 263 -7.29 -2.18 12.68
C LYS A 263 -7.01 -2.00 14.17
N GLY A 264 -6.13 -1.07 14.52
CA GLY A 264 -5.86 -0.79 15.95
C GLY A 264 -4.68 -1.54 16.58
N ASP A 265 -3.98 -2.38 15.82
CA ASP A 265 -2.85 -3.15 16.37
C ASP A 265 -1.54 -2.39 16.31
N LYS A 266 -0.52 -2.83 17.08
CA LYS A 266 0.62 -1.93 17.16
C LYS A 266 1.97 -2.55 16.80
N GLY A 267 1.97 -3.46 15.83
CA GLY A 267 3.22 -3.94 15.22
C GLY A 267 3.14 -5.44 14.96
N TYR A 268 3.46 -5.83 13.74
CA TYR A 268 3.50 -7.22 13.35
C TYR A 268 4.96 -7.61 13.46
N MET A 269 5.25 -8.56 14.34
CA MET A 269 6.62 -8.97 14.63
C MET A 269 6.86 -10.42 14.17
N GLN A 270 8.14 -10.74 13.89
CA GLN A 270 8.60 -12.09 13.54
C GLN A 270 10.01 -12.36 14.11
N THR A 271 10.15 -13.29 15.06
CA THR A 271 11.48 -13.53 15.63
C THR A 271 12.47 -14.06 14.58
N PRO A 272 13.76 -13.73 14.71
CA PRO A 272 14.33 -12.95 15.81
C PRO A 272 14.13 -11.48 15.50
N CYS A 273 13.74 -10.67 16.47
CA CYS A 273 13.50 -9.25 16.15
C CYS A 273 13.77 -8.45 17.42
N ASN A 274 13.91 -7.14 17.25
CA ASN A 274 14.22 -6.18 18.33
C ASN A 274 13.22 -5.02 18.36
N THR A 275 12.87 -4.50 19.55
CA THR A 275 12.29 -3.16 19.61
C THR A 275 13.38 -2.13 19.31
N PRO A 276 12.97 -0.92 18.92
CA PRO A 276 13.97 0.13 18.95
C PRO A 276 14.43 0.37 20.35
N TRP A 277 15.55 1.07 20.50
CA TRP A 277 16.02 1.53 21.82
C TRP A 277 15.12 2.61 22.42
N ARG A 278 15.10 2.63 23.75
CA ARG A 278 14.44 3.70 24.50
C ARG A 278 15.53 4.35 25.30
N THR A 279 15.60 5.67 25.28
CA THR A 279 16.73 6.40 25.89
C THR A 279 16.29 7.42 26.95
N ILE A 280 17.11 7.50 28.00
CA ILE A 280 17.00 8.50 29.06
C ILE A 280 18.37 9.18 29.05
N ILE A 281 18.41 10.42 28.62
CA ILE A 281 19.62 11.21 28.58
C ILE A 281 19.49 12.18 29.72
N VAL A 282 20.50 12.21 30.60
CA VAL A 282 20.43 12.97 31.82
C VAL A 282 21.77 13.63 32.15
N SER A 283 21.68 14.80 32.77
CA SER A 283 22.82 15.59 33.17
C SER A 283 22.35 16.70 34.10
N ASP A 284 23.25 17.19 34.94
CA ASP A 284 23.01 18.44 35.67
C ASP A 284 23.42 19.67 34.84
N ASP A 285 23.90 19.48 33.62
CA ASP A 285 24.26 20.63 32.77
C ASP A 285 23.51 20.51 31.44
N ALA A 286 22.69 21.51 31.12
CA ALA A 286 21.78 21.43 29.99
C ALA A 286 22.53 21.24 28.70
N ARG A 287 23.73 21.79 28.65
CA ARG A 287 24.54 21.80 27.46
C ARG A 287 24.89 20.40 27.03
N ASN A 288 25.07 19.53 28.01
CA ASN A 288 25.36 18.12 27.79
C ASN A 288 24.21 17.30 27.24
N ILE A 289 22.99 17.79 27.37
CA ILE A 289 21.90 17.13 26.68
C ILE A 289 22.13 17.33 25.16
N LEU A 290 22.46 18.55 24.77
CA LEU A 290 22.88 18.87 23.40
C LEU A 290 24.16 18.09 22.91
N ALA A 291 25.06 17.78 23.85
CA ALA A 291 26.33 17.15 23.48
C ALA A 291 26.17 15.64 23.30
N SER A 292 25.06 15.10 23.83
CA SER A 292 24.89 13.65 23.83
C SER A 292 24.81 13.07 22.42
N ARG A 293 25.48 11.94 22.19
CA ARG A 293 25.35 11.21 20.90
C ARG A 293 24.83 9.81 21.16
N ILE A 294 24.18 9.61 22.30
CA ILE A 294 23.54 8.32 22.59
C ILE A 294 22.63 7.84 21.45
N THR A 295 21.77 8.75 20.94
CA THR A 295 20.88 8.40 19.82
C THR A 295 21.64 7.84 18.63
N LEU A 296 22.55 8.61 18.06
CA LEU A 296 23.31 8.10 16.93
C LEU A 296 24.13 6.84 17.31
N ASN A 297 24.66 6.79 18.55
CA ASN A 297 25.44 5.65 18.97
C ASN A 297 24.66 4.35 18.95
N LEU A 298 23.35 4.42 19.20
CA LEU A 298 22.56 3.21 19.28
C LEU A 298 22.04 2.76 17.93
N ASN A 299 22.37 3.50 16.87
CA ASN A 299 22.01 3.06 15.53
C ASN A 299 23.03 2.13 14.84
N GLU A 300 22.57 1.33 13.88
CA GLU A 300 23.47 0.48 13.08
C GLU A 300 24.44 1.35 12.29
N PRO A 301 25.73 0.92 12.22
CA PRO A 301 26.77 1.64 11.48
C PRO A 301 26.37 1.77 10.04
N CYS A 302 27.00 2.71 9.38
CA CYS A 302 26.70 3.08 8.01
C CYS A 302 26.63 1.87 7.07
N LYS A 303 25.51 1.72 6.34
CA LYS A 303 25.31 0.59 5.43
C LYS A 303 25.49 1.04 3.99
N ILE A 304 25.88 2.30 3.76
CA ILE A 304 26.13 2.74 2.41
C ILE A 304 27.62 2.91 2.25
N ALA A 305 28.27 1.95 1.57
CA ALA A 305 29.75 1.86 1.56
C ALA A 305 30.45 3.06 0.92
N ASP A 306 29.87 3.63 -0.12
CA ASP A 306 30.60 4.66 -0.81
C ASP A 306 30.07 6.04 -0.46
N ALA A 307 29.38 6.15 0.68
CA ALA A 307 28.51 7.31 0.96
C ALA A 307 29.24 8.65 0.84
N ALA A 308 30.42 8.67 1.42
CA ALA A 308 31.27 9.85 1.40
C ALA A 308 31.61 10.35 0.01
N SER A 309 31.52 9.51 -1.00
CA SER A 309 31.81 9.92 -2.38
CA SER A 309 31.84 9.98 -2.35
C SER A 309 30.68 10.72 -3.00
N TRP A 310 29.49 10.60 -2.41
CA TRP A 310 28.36 11.25 -3.07
C TRP A 310 27.38 12.01 -2.14
N VAL A 311 27.31 11.66 -0.88
CA VAL A 311 26.48 12.42 0.03
C VAL A 311 27.22 13.72 0.38
N LYS A 312 26.66 14.89 0.03
CA LYS A 312 27.28 16.18 0.39
C LYS A 312 26.26 17.11 1.02
N PRO A 313 26.71 18.00 1.92
CA PRO A 313 25.79 19.01 2.43
C PRO A 313 25.29 19.89 1.33
N VAL A 314 24.18 20.56 1.56
CA VAL A 314 23.55 21.37 0.53
C VAL A 314 23.05 22.69 1.14
N LYS A 315 23.58 23.82 0.68
CA LYS A 315 23.00 25.15 0.98
C LYS A 315 22.11 25.58 -0.22
N TYR A 316 20.87 25.99 0.02
CA TYR A 316 19.99 26.20 -1.11
C TYR A 316 19.02 27.34 -0.90
N ILE A 317 18.43 27.80 -1.99
CA ILE A 317 17.27 28.67 -1.90
C ILE A 317 16.16 27.98 -2.70
N GLY A 318 14.99 28.63 -2.81
CA GLY A 318 13.95 28.03 -3.64
C GLY A 318 12.73 28.89 -3.97
N VAL A 319 12.08 28.49 -5.06
CA VAL A 319 10.74 28.96 -5.38
C VAL A 319 9.84 28.20 -4.41
N TRP A 320 9.46 28.87 -3.33
CA TRP A 320 8.85 28.21 -2.18
C TRP A 320 8.03 29.19 -1.35
N TRP A 321 8.71 30.16 -0.75
CA TRP A 321 8.04 31.15 0.07
C TRP A 321 6.88 31.84 -0.67
N ASP A 322 7.00 32.10 -1.98
CA ASP A 322 5.83 32.61 -2.73
C ASP A 322 4.55 31.85 -2.40
N MET A 323 4.58 30.51 -2.54
CA MET A 323 3.32 29.74 -2.34
C MET A 323 3.04 29.61 -0.86
N ILE A 324 4.08 29.52 -0.03
CA ILE A 324 3.83 29.36 1.40
C ILE A 324 3.05 30.58 1.96
N THR A 325 3.39 31.78 1.49
CA THR A 325 2.81 33.03 1.98
C THR A 325 1.46 33.36 1.28
N GLY A 326 1.34 32.89 0.03
CA GLY A 326 0.08 32.94 -0.71
C GLY A 326 0.22 33.93 -1.85
N LYS A 327 1.44 34.43 -2.05
CA LYS A 327 1.70 35.42 -3.07
C LYS A 327 1.63 34.75 -4.42
N GLY A 328 2.05 33.47 -4.45
CA GLY A 328 2.04 32.69 -5.68
C GLY A 328 1.33 31.37 -5.44
N SER A 329 1.19 30.61 -6.51
CA SER A 329 0.48 29.32 -6.44
CA SER A 329 0.48 29.33 -6.45
C SER A 329 1.37 28.13 -6.85
N TRP A 330 1.07 26.94 -6.31
CA TRP A 330 1.71 25.70 -6.81
C TRP A 330 1.03 25.28 -8.10
N ALA A 331 -0.25 25.61 -8.23
CA ALA A 331 -1.07 25.31 -9.43
C ALA A 331 -0.71 26.16 -10.62
N TYR A 332 -0.88 25.55 -11.78
CA TYR A 332 -0.70 26.20 -13.06
C TYR A 332 -1.94 26.97 -13.53
N THR A 333 -3.12 26.47 -13.22
CA THR A 333 -4.39 27.07 -13.70
C THR A 333 -5.42 27.06 -12.60
N ASP A 334 -6.39 27.99 -12.71
CA ASP A 334 -7.48 28.09 -11.75
C ASP A 334 -8.81 27.67 -12.37
N GLU A 335 -8.81 27.34 -13.66
CA GLU A 335 -10.12 27.12 -14.27
C GLU A 335 -10.80 25.76 -14.10
N LEU A 336 -10.09 24.77 -13.58
CA LEU A 336 -10.69 23.44 -13.48
C LEU A 336 -11.15 23.12 -12.05
N THR A 337 -12.32 22.52 -11.90
CA THR A 337 -12.75 22.16 -10.54
C THR A 337 -12.02 20.92 -10.01
N SER A 338 -11.43 20.13 -10.91
CA SER A 338 -10.56 19.02 -10.50
C SER A 338 -9.84 18.57 -11.73
N VAL A 339 -8.77 17.78 -11.56
CA VAL A 339 -7.97 17.31 -12.70
C VAL A 339 -7.81 15.79 -12.68
N LYS A 340 -7.51 15.24 -13.84
CA LYS A 340 -7.24 13.83 -14.01
C LYS A 340 -5.99 13.69 -14.84
N LEU A 341 -4.90 13.26 -14.21
CA LEU A 341 -3.66 13.09 -14.95
C LEU A 341 -3.81 12.12 -16.14
N GLY A 342 -3.20 12.48 -17.27
CA GLY A 342 -3.35 11.69 -18.49
C GLY A 342 -4.63 12.05 -19.25
N GLU A 343 -5.52 12.84 -18.65
CA GLU A 343 -6.76 13.24 -19.31
C GLU A 343 -6.82 14.75 -19.46
N THR A 344 -6.72 15.46 -18.35
CA THR A 344 -6.56 16.90 -18.41
C THR A 344 -5.41 17.30 -19.34
N ASP A 345 -5.72 18.14 -20.34
CA ASP A 345 -4.69 18.66 -21.24
C ASP A 345 -4.31 20.11 -20.85
N TYR A 346 -3.35 20.23 -19.94
CA TYR A 346 -3.00 21.52 -19.35
C TYR A 346 -2.61 22.57 -20.41
N SER A 347 -2.05 22.13 -21.54
CA SER A 347 -1.71 23.07 -22.61
C SER A 347 -2.95 23.75 -23.16
N LYS A 348 -4.13 23.30 -22.74
CA LYS A 348 -5.36 23.94 -23.16
C LYS A 348 -5.97 24.72 -22.03
N THR A 349 -5.28 24.82 -20.89
CA THR A 349 -5.86 25.55 -19.77
C THR A 349 -5.23 26.94 -19.72
N LYS A 350 -5.92 27.84 -19.05
CA LYS A 350 -5.45 29.22 -18.97
C LYS A 350 -4.58 29.44 -17.74
N PRO A 351 -3.34 29.88 -17.95
CA PRO A 351 -2.47 30.16 -16.83
C PRO A 351 -3.15 31.11 -15.84
N ASN A 352 -2.95 30.90 -14.53
CA ASN A 352 -3.61 31.71 -13.53
C ASN A 352 -2.87 33.02 -13.23
N GLY A 353 -1.75 33.24 -13.93
CA GLY A 353 -0.99 34.47 -13.76
C GLY A 353 -0.16 34.46 -12.48
N LYS A 354 -0.32 33.41 -11.67
CA LYS A 354 0.20 33.33 -10.30
C LYS A 354 1.25 32.23 -10.07
N HIS A 355 1.66 31.56 -11.13
CA HIS A 355 2.39 30.28 -11.01
C HIS A 355 3.93 30.47 -10.92
N SER A 356 4.48 30.35 -9.71
CA SER A 356 5.87 30.73 -9.54
C SER A 356 6.84 29.81 -10.25
N ALA A 357 6.47 28.53 -10.39
CA ALA A 357 7.36 27.54 -11.01
C ALA A 357 7.37 27.59 -12.54
N ASN A 358 7.74 28.75 -13.08
CA ASN A 358 7.83 28.96 -14.54
C ASN A 358 9.29 29.25 -14.89
N THR A 359 9.68 28.86 -16.09
CA THR A 359 11.08 28.83 -16.48
C THR A 359 11.82 30.14 -16.20
N ALA A 360 11.25 31.25 -16.62
CA ALA A 360 11.94 32.55 -16.49
C ALA A 360 12.19 32.89 -15.00
N ASN A 361 11.21 32.60 -14.16
CA ASN A 361 11.33 32.86 -12.72
C ASN A 361 12.38 31.92 -12.09
N VAL A 362 12.32 30.65 -12.47
CA VAL A 362 13.32 29.69 -11.99
C VAL A 362 14.74 30.12 -12.39
N LYS A 363 14.94 30.49 -13.65
CA LYS A 363 16.24 31.07 -14.05
C LYS A 363 16.69 32.29 -13.22
N ARG A 364 15.77 33.16 -12.80
CA ARG A 364 16.25 34.23 -11.92
C ARG A 364 16.74 33.69 -10.57
N TYR A 365 16.09 32.64 -10.04
CA TYR A 365 16.58 32.09 -8.79
C TYR A 365 17.90 31.39 -9.05
N ILE A 366 18.02 30.78 -10.23
CA ILE A 366 19.30 30.16 -10.54
C ILE A 366 20.40 31.26 -10.59
N ASP A 367 20.07 32.38 -11.21
CA ASP A 367 21.01 33.54 -11.21
C ASP A 367 21.51 33.94 -9.80
N PHE A 368 20.56 34.15 -8.89
CA PHE A 368 20.89 34.60 -7.55
C PHE A 368 21.70 33.55 -6.78
N ALA A 369 21.31 32.29 -6.91
CA ALA A 369 22.00 31.20 -6.27
C ALA A 369 23.48 31.12 -6.69
N ALA A 370 23.73 31.24 -8.00
CA ALA A 370 25.11 31.21 -8.48
C ALA A 370 25.91 32.46 -8.06
N ALA A 371 25.29 33.62 -8.07
CA ALA A 371 25.98 34.85 -7.69
C ALA A 371 26.49 34.76 -6.24
N HIS A 372 25.78 34.03 -5.38
CA HIS A 372 26.13 34.05 -3.98
C HIS A 372 26.60 32.74 -3.38
N GLY A 373 27.00 31.81 -4.25
CA GLY A 373 27.70 30.61 -3.79
C GLY A 373 26.79 29.53 -3.23
N PHE A 374 25.50 29.57 -3.57
CA PHE A 374 24.63 28.48 -3.11
C PHE A 374 24.79 27.21 -3.95
N ASP A 375 24.45 26.05 -3.39
CA ASP A 375 24.61 24.78 -4.12
C ASP A 375 23.44 24.43 -5.04
N ALA A 376 22.24 24.74 -4.58
CA ALA A 376 21.02 24.26 -5.24
C ALA A 376 19.88 25.20 -5.15
N VAL A 377 18.90 24.99 -6.04
CA VAL A 377 17.61 25.69 -6.02
C VAL A 377 16.45 24.68 -6.04
N LEU A 378 15.55 24.80 -5.06
CA LEU A 378 14.36 23.94 -4.97
C LEU A 378 13.27 24.62 -5.79
N VAL A 379 12.51 23.86 -6.55
CA VAL A 379 11.29 24.43 -7.16
C VAL A 379 10.08 23.59 -6.82
N GLU A 380 9.06 24.22 -6.23
CA GLU A 380 7.82 23.50 -5.94
C GLU A 380 6.75 23.93 -6.93
N GLY A 381 5.88 22.99 -7.29
CA GLY A 381 4.75 23.30 -8.19
C GLY A 381 5.16 23.11 -9.64
N TRP A 382 6.22 22.35 -9.90
CA TRP A 382 6.67 22.16 -11.30
C TRP A 382 5.89 21.14 -12.07
N ASN A 383 5.20 20.23 -11.38
CA ASN A 383 4.68 19.05 -12.05
C ASN A 383 3.16 19.03 -12.15
N GLU A 384 2.64 18.35 -13.16
CA GLU A 384 1.18 18.28 -13.28
C GLU A 384 0.47 17.79 -12.01
N GLY A 385 -0.60 18.47 -11.63
CA GLY A 385 -1.56 17.92 -10.70
C GLY A 385 -1.82 18.73 -9.45
N TRP A 386 -1.19 19.89 -9.33
CA TRP A 386 -1.23 20.65 -8.06
C TRP A 386 -2.58 21.27 -7.81
N GLU A 387 -3.35 21.48 -8.87
CA GLU A 387 -4.73 21.99 -8.70
C GLU A 387 -5.49 21.19 -7.64
N ASP A 388 -5.14 19.91 -7.47
CA ASP A 388 -5.89 19.04 -6.55
C ASP A 388 -5.09 18.53 -5.35
N TRP A 389 -3.95 19.12 -5.04
CA TRP A 389 -3.06 18.54 -4.02
C TRP A 389 -3.59 18.43 -2.60
N PHE A 390 -4.61 19.23 -2.26
CA PHE A 390 -4.96 19.40 -0.86
C PHE A 390 -6.34 18.90 -0.46
N GLY A 391 -6.32 18.03 0.56
CA GLY A 391 -7.55 17.68 1.27
C GLY A 391 -8.53 16.76 0.55
N ASN A 392 -8.15 16.16 -0.58
CA ASN A 392 -9.13 15.45 -1.40
C ASN A 392 -9.07 13.92 -1.25
N SER A 393 -8.06 13.43 -0.53
CA SER A 393 -7.84 11.97 -0.38
C SER A 393 -7.84 11.32 -1.76
N LYS A 394 -7.09 11.96 -2.65
CA LYS A 394 -6.97 11.55 -4.05
C LYS A 394 -5.81 10.58 -4.21
N ASP A 395 -6.06 9.44 -4.85
CA ASP A 395 -5.07 8.42 -5.03
C ASP A 395 -4.08 8.83 -6.09
N TYR A 396 -4.60 9.05 -7.29
CA TYR A 396 -3.73 9.28 -8.44
C TYR A 396 -3.52 10.78 -8.58
N VAL A 397 -2.78 11.29 -7.61
CA VAL A 397 -2.65 12.73 -7.41
C VAL A 397 -1.49 13.37 -8.17
N PHE A 398 -0.38 12.65 -8.29
CA PHE A 398 0.78 13.13 -9.07
C PHE A 398 1.44 11.96 -9.79
N ASP A 399 2.25 12.25 -10.80
CA ASP A 399 3.04 11.22 -11.39
C ASP A 399 4.52 11.51 -11.19
N PHE A 400 4.87 12.64 -10.58
CA PHE A 400 6.29 12.93 -10.24
C PHE A 400 7.29 13.08 -11.39
N VAL A 401 6.77 13.05 -12.60
CA VAL A 401 7.61 13.10 -13.78
C VAL A 401 7.09 14.07 -14.84
N THR A 402 5.80 14.39 -14.85
CA THR A 402 5.28 15.26 -15.95
C THR A 402 5.18 16.74 -15.60
N PRO A 403 6.03 17.55 -16.22
CA PRO A 403 6.06 18.99 -15.98
C PRO A 403 4.89 19.78 -16.59
N TYR A 404 4.51 20.88 -15.94
CA TYR A 404 3.55 21.83 -16.47
C TYR A 404 4.10 22.45 -17.74
N PRO A 405 3.20 23.06 -18.54
CA PRO A 405 3.66 23.67 -19.81
C PRO A 405 4.70 24.81 -19.64
N ASP A 406 4.68 25.53 -18.52
CA ASP A 406 5.58 26.66 -18.33
C ASP A 406 6.86 26.27 -17.57
N PHE A 407 7.06 24.97 -17.38
CA PHE A 407 8.26 24.50 -16.70
C PHE A 407 9.09 23.67 -17.64
N ASP A 408 10.17 24.26 -18.16
CA ASP A 408 10.97 23.60 -19.17
C ASP A 408 12.12 22.79 -18.55
N VAL A 409 11.87 21.52 -18.33
CA VAL A 409 12.78 20.69 -17.55
C VAL A 409 14.19 20.69 -18.12
N LYS A 410 14.30 20.46 -19.42
CA LYS A 410 15.59 20.35 -20.05
C LYS A 410 16.35 21.69 -20.09
N GLU A 411 15.66 22.77 -20.45
CA GLU A 411 16.28 24.09 -20.47
C GLU A 411 16.75 24.50 -19.05
N ILE A 412 15.90 24.32 -18.07
CA ILE A 412 16.30 24.62 -16.68
C ILE A 412 17.54 23.81 -16.27
N HIS A 413 17.58 22.55 -16.65
CA HIS A 413 18.74 21.71 -16.36
C HIS A 413 20.00 22.29 -17.05
N ARG A 414 19.83 22.70 -18.31
CA ARG A 414 20.97 23.21 -19.08
C ARG A 414 21.47 24.50 -18.42
N TYR A 415 20.54 25.37 -18.06
CA TYR A 415 20.90 26.65 -17.46
C TYR A 415 21.61 26.42 -16.11
N ALA A 416 21.05 25.57 -15.27
CA ALA A 416 21.61 25.32 -13.94
C ALA A 416 23.01 24.76 -14.02
N ALA A 417 23.20 23.75 -14.85
CA ALA A 417 24.53 23.19 -15.08
C ALA A 417 25.55 24.25 -15.57
N ARG A 418 25.07 25.18 -16.39
CA ARG A 418 25.86 26.31 -16.88
C ARG A 418 26.33 27.19 -15.75
N LYS A 419 25.48 27.38 -14.75
CA LYS A 419 25.85 28.18 -13.61
C LYS A 419 26.49 27.39 -12.47
N GLY A 420 26.72 26.10 -12.68
CA GLY A 420 27.29 25.24 -11.59
C GLY A 420 26.30 24.96 -10.47
N ILE A 421 25.02 25.13 -10.76
CA ILE A 421 23.95 24.94 -9.79
C ILE A 421 23.30 23.54 -9.98
N LYS A 422 22.71 22.98 -8.94
CA LYS A 422 21.90 21.75 -9.10
C LYS A 422 20.46 22.06 -8.73
N MET A 423 19.54 21.50 -9.48
CA MET A 423 18.13 21.63 -9.10
C MET A 423 17.77 20.58 -8.04
N MET A 424 17.00 21.01 -7.05
CA MET A 424 16.50 20.10 -6.04
C MET A 424 15.09 19.65 -6.37
N MET A 425 14.91 18.32 -6.49
CA MET A 425 13.62 17.77 -6.84
C MET A 425 12.62 17.95 -5.72
N HIS A 426 11.37 18.18 -6.08
CA HIS A 426 10.23 18.16 -5.14
C HIS A 426 9.21 17.01 -5.42
N HIS A 427 9.04 16.13 -4.44
CA HIS A 427 8.02 15.06 -4.50
C HIS A 427 6.93 15.19 -3.43
N GLU A 428 6.09 16.22 -3.49
CA GLU A 428 4.90 16.18 -2.62
C GLU A 428 4.03 15.00 -3.04
N THR A 429 3.65 14.16 -2.09
CA THR A 429 2.80 12.99 -2.39
C THR A 429 1.37 13.22 -2.03
N SER A 430 1.09 14.29 -1.31
CA SER A 430 -0.26 14.55 -0.83
CA SER A 430 -0.25 14.56 -0.85
C SER A 430 -0.78 13.35 -0.07
N ALA A 431 0.15 12.66 0.60
CA ALA A 431 -0.10 11.49 1.46
C ALA A 431 -0.74 10.26 0.79
N SER A 432 -0.59 10.15 -0.52
CA SER A 432 -1.06 9.00 -1.33
C SER A 432 0.17 8.13 -1.58
N VAL A 433 0.34 7.17 -0.69
CA VAL A 433 1.61 6.47 -0.55
C VAL A 433 1.74 5.32 -1.54
N ARG A 434 0.65 4.59 -1.82
CA ARG A 434 0.76 3.55 -2.81
C ARG A 434 1.12 4.15 -4.16
N ASN A 435 0.43 5.24 -4.47
CA ASN A 435 0.74 5.97 -5.68
C ASN A 435 2.20 6.43 -5.79
N TYR A 436 2.76 6.90 -4.69
CA TYR A 436 4.16 7.32 -4.72
C TYR A 436 5.03 6.09 -4.98
N GLU A 437 4.77 5.02 -4.24
CA GLU A 437 5.55 3.79 -4.39
C GLU A 437 5.44 3.30 -5.83
N ARG A 438 4.24 3.31 -6.39
CA ARG A 438 4.12 2.81 -7.77
C ARG A 438 4.99 3.60 -8.75
N HIS A 439 5.13 4.89 -8.48
CA HIS A 439 5.88 5.75 -9.37
C HIS A 439 7.36 5.97 -9.01
N MET A 440 7.80 5.44 -7.87
CA MET A 440 9.09 5.86 -7.30
C MET A 440 10.33 5.55 -8.13
N ASP A 441 10.42 4.36 -8.68
CA ASP A 441 11.55 4.03 -9.54
C ASP A 441 11.57 4.94 -10.76
N LYS A 442 10.42 5.16 -11.37
CA LYS A 442 10.36 6.05 -12.54
C LYS A 442 10.65 7.52 -12.17
N ALA A 443 10.13 7.99 -11.02
CA ALA A 443 10.53 9.29 -10.49
C ALA A 443 12.02 9.42 -10.19
N TYR A 444 12.64 8.42 -9.55
CA TYR A 444 14.09 8.50 -9.33
C TYR A 444 14.91 8.44 -10.65
N GLN A 445 14.54 7.53 -11.55
CA GLN A 445 15.17 7.50 -12.87
C GLN A 445 15.05 8.88 -13.56
N PHE A 446 13.87 9.49 -13.46
CA PHE A 446 13.67 10.83 -14.02
C PHE A 446 14.64 11.84 -13.42
N MET A 447 14.77 11.79 -12.10
CA MET A 447 15.76 12.63 -11.47
C MET A 447 17.15 12.34 -12.05
N ALA A 448 17.51 11.08 -12.18
CA ALA A 448 18.89 10.78 -12.62
C ALA A 448 19.07 11.32 -14.04
N ASP A 449 18.03 11.11 -14.84
CA ASP A 449 18.12 11.49 -16.26
C ASP A 449 18.20 12.99 -16.45
N ASN A 450 17.82 13.77 -15.44
CA ASN A 450 17.75 15.22 -15.62
C ASN A 450 18.57 15.99 -14.62
N GLY A 451 19.58 15.34 -14.03
CA GLY A 451 20.56 16.04 -13.20
C GLY A 451 20.04 16.49 -11.83
N TYR A 452 19.06 15.77 -11.28
CA TYR A 452 18.67 16.04 -9.88
C TYR A 452 19.27 14.93 -9.02
N ASN A 453 19.91 15.30 -7.92
CA ASN A 453 20.44 14.28 -7.01
C ASN A 453 20.00 14.40 -5.54
N SER A 454 19.08 15.31 -5.24
CA SER A 454 18.49 15.40 -3.93
C SER A 454 17.02 15.74 -4.10
N VAL A 455 16.20 15.14 -3.25
CA VAL A 455 14.76 15.34 -3.31
C VAL A 455 14.18 15.70 -1.96
N LYS A 456 13.25 16.64 -2.01
CA LYS A 456 12.40 16.97 -0.89
CA LYS A 456 12.39 16.97 -0.88
C LYS A 456 11.03 16.32 -1.11
N SER A 457 10.65 15.39 -0.24
CA SER A 457 9.37 14.73 -0.31
C SER A 457 8.41 15.33 0.69
N GLY A 458 7.12 15.01 0.59
CA GLY A 458 6.16 15.50 1.55
C GLY A 458 5.01 14.51 1.64
N TYR A 459 4.18 14.65 2.66
CA TYR A 459 3.08 13.71 2.90
C TYR A 459 1.93 14.48 3.57
N VAL A 460 1.43 15.52 2.90
CA VAL A 460 0.38 16.32 3.52
C VAL A 460 -0.98 15.73 3.19
N GLY A 461 -1.78 15.43 4.21
CA GLY A 461 -3.08 14.77 3.97
C GLY A 461 -3.16 13.56 4.87
N ASN A 462 -4.34 12.95 5.01
CA ASN A 462 -4.45 11.68 5.71
C ASN A 462 -3.93 10.60 4.78
N ILE A 463 -3.13 9.69 5.33
CA ILE A 463 -2.50 8.60 4.58
C ILE A 463 -3.50 7.76 3.75
N ILE A 464 -3.14 7.46 2.51
CA ILE A 464 -3.76 6.45 1.64
C ILE A 464 -2.61 5.45 1.46
N PRO A 465 -2.79 4.17 1.87
CA PRO A 465 -4.03 3.44 2.20
C PRO A 465 -4.74 4.04 3.42
N ARG A 466 -6.02 4.29 3.26
CA ARG A 466 -6.83 4.99 4.27
C ARG A 466 -7.11 4.17 5.51
N GLY A 467 -6.94 4.82 6.66
CA GLY A 467 -7.02 4.13 7.91
C GLY A 467 -5.65 3.99 8.56
N GLU A 468 -4.57 4.07 7.77
CA GLU A 468 -3.24 4.15 8.38
C GLU A 468 -2.93 5.58 8.87
N HIS A 469 -2.04 5.66 9.85
CA HIS A 469 -1.50 6.93 10.36
C HIS A 469 -0.08 7.23 9.87
N HIS A 470 0.33 8.48 10.00
CA HIS A 470 1.64 8.89 9.50
C HIS A 470 2.76 8.10 10.15
N TYR A 471 2.61 7.72 11.43
CA TYR A 471 3.77 7.17 12.23
C TYR A 471 3.66 5.69 12.64
N GLY A 472 2.72 4.98 12.04
CA GLY A 472 2.55 3.54 12.26
C GLY A 472 3.68 2.70 11.63
N GLN A 473 3.79 1.42 12.01
CA GLN A 473 4.82 0.53 11.44
C GLN A 473 4.77 0.53 9.89
N TRP A 474 3.56 0.62 9.35
CA TRP A 474 3.36 0.59 7.90
C TRP A 474 4.09 1.71 7.23
N MET A 475 3.87 2.94 7.70
CA MET A 475 4.51 4.11 7.07
C MET A 475 5.97 4.18 7.42
N ASN A 476 6.37 3.77 8.62
CA ASN A 476 7.79 3.82 8.96
C ASN A 476 8.59 3.00 7.96
N ASN A 477 8.06 1.85 7.59
CA ASN A 477 8.58 1.04 6.53
C ASN A 477 8.65 1.80 5.22
N HIS A 478 7.53 2.45 4.83
CA HIS A 478 7.56 3.23 3.61
C HIS A 478 8.66 4.32 3.59
N TYR A 479 8.80 5.13 4.65
CA TYR A 479 9.80 6.22 4.58
C TYR A 479 11.22 5.68 4.42
N LEU A 480 11.52 4.57 5.10
CA LEU A 480 12.86 3.97 5.03
C LEU A 480 13.04 3.26 3.67
N TYR A 481 11.98 2.67 3.13
CA TYR A 481 11.99 2.12 1.79
C TYR A 481 12.38 3.21 0.77
N ALA A 482 11.76 4.38 0.87
CA ALA A 482 12.09 5.50 -0.03
C ALA A 482 13.57 5.93 0.05
N VAL A 483 14.10 5.97 1.26
CA VAL A 483 15.49 6.30 1.51
C VAL A 483 16.45 5.22 1.01
N LYS A 484 16.10 3.96 1.24
CA LYS A 484 16.96 2.87 0.74
C LYS A 484 16.92 2.80 -0.77
N LYS A 485 15.76 2.99 -1.38
CA LYS A 485 15.74 2.99 -2.82
C LYS A 485 16.52 4.20 -3.34
N ALA A 486 16.35 5.37 -2.73
CA ALA A 486 17.14 6.52 -3.18
C ALA A 486 18.66 6.27 -3.15
N ALA A 487 19.14 5.61 -2.11
CA ALA A 487 20.55 5.35 -1.97
C ALA A 487 21.11 4.54 -3.15
N ASP A 488 20.32 3.59 -3.67
CA ASP A 488 20.71 2.75 -4.81
C ASP A 488 20.85 3.64 -6.00
N TYR A 489 20.09 4.75 -6.03
CA TYR A 489 20.26 5.75 -7.10
C TYR A 489 21.26 6.90 -6.79
N LYS A 490 21.95 6.84 -5.65
CA LYS A 490 22.80 7.95 -5.18
CA LYS A 490 22.80 7.96 -5.20
C LYS A 490 22.03 9.27 -5.06
N ILE A 491 20.81 9.16 -4.54
CA ILE A 491 19.99 10.30 -4.25
C ILE A 491 19.86 10.54 -2.75
N MET A 492 19.93 11.84 -2.38
CA MET A 492 19.74 12.28 -1.01
C MET A 492 18.29 12.65 -0.78
N VAL A 493 17.79 12.44 0.42
CA VAL A 493 16.34 12.64 0.71
C VAL A 493 16.10 13.58 1.91
N ASN A 494 15.11 14.45 1.78
CA ASN A 494 14.67 15.29 2.87
C ASN A 494 13.16 15.19 2.94
N ALA A 495 12.63 14.52 3.93
CA ALA A 495 11.20 14.21 3.91
C ALA A 495 10.38 14.98 4.92
N HIS A 496 9.49 15.84 4.43
CA HIS A 496 8.54 16.59 5.27
C HIS A 496 7.39 15.68 5.67
N GLU A 497 6.81 15.91 6.85
CA GLU A 497 5.69 15.08 7.38
C GLU A 497 5.99 13.59 7.66
N ALA A 498 7.22 13.15 7.48
CA ALA A 498 7.56 11.79 7.86
C ALA A 498 7.69 11.67 9.39
N THR A 499 7.66 10.45 9.89
CA THR A 499 8.12 10.16 11.26
C THR A 499 9.39 10.92 11.68
N ARG A 500 9.40 11.48 12.89
CA ARG A 500 10.54 12.28 13.34
C ARG A 500 11.78 11.35 13.58
N PRO A 501 13.01 11.89 13.41
CA PRO A 501 14.19 11.04 13.25
C PRO A 501 14.64 10.49 14.56
N THR A 502 15.34 9.36 14.46
CA THR A 502 15.75 8.61 15.64
C THR A 502 17.20 8.10 15.44
N GLY A 503 17.94 8.80 14.60
CA GLY A 503 19.36 8.50 14.39
C GLY A 503 19.63 7.58 13.21
N ILE A 504 18.60 7.26 12.41
CA ILE A 504 18.79 6.30 11.33
C ILE A 504 19.77 6.81 10.30
N CYS A 505 20.01 8.12 10.33
CA CYS A 505 20.94 8.75 9.37
C CYS A 505 22.33 8.14 9.51
N ARG A 506 22.71 7.63 10.68
CA ARG A 506 23.99 6.95 10.77
C ARG A 506 24.05 5.76 9.81
N THR A 507 22.96 4.99 9.80
CA THR A 507 22.86 3.78 9.01
C THR A 507 22.72 4.14 7.53
N TYR A 508 21.92 5.17 7.25
CA TYR A 508 21.69 5.63 5.86
C TYR A 508 21.93 7.13 5.77
N PRO A 509 23.19 7.55 5.59
CA PRO A 509 23.53 8.99 5.62
C PRO A 509 22.93 9.80 4.46
N ASN A 510 22.20 9.16 3.55
CA ASN A 510 21.56 9.97 2.48
C ASN A 510 20.24 10.58 2.94
N LEU A 511 19.81 10.23 4.13
CA LEU A 511 18.67 10.93 4.76
C LEU A 511 19.21 12.21 5.39
N ILE A 512 19.24 13.27 4.57
CA ILE A 512 19.90 14.49 5.01
C ILE A 512 18.97 15.48 5.70
N GLY A 513 17.71 15.11 5.86
CA GLY A 513 16.78 16.03 6.48
C GLY A 513 15.42 15.40 6.68
N ASN A 514 14.67 15.93 7.65
CA ASN A 514 13.19 15.87 7.70
C ASN A 514 12.69 17.22 8.19
N GLU A 515 11.38 17.45 8.04
CA GLU A 515 10.74 18.54 8.78
C GLU A 515 10.27 17.95 10.11
N SER A 516 9.05 17.41 10.13
CA SER A 516 8.66 16.49 11.18
C SER A 516 8.60 17.18 12.55
N ALA A 517 8.12 18.43 12.48
CA ALA A 517 8.05 19.38 13.59
C ALA A 517 7.53 20.68 13.00
N ARG A 518 7.30 21.67 13.85
CA ARG A 518 6.72 22.92 13.37
C ARG A 518 7.89 23.79 12.81
N GLY A 519 7.86 24.07 11.50
CA GLY A 519 8.95 24.79 10.87
C GLY A 519 8.62 26.26 10.54
N THR A 520 9.56 26.90 9.87
CA THR A 520 9.38 28.30 9.47
C THR A 520 8.10 28.54 8.68
N GLU A 521 7.59 27.51 8.03
CA GLU A 521 6.32 27.68 7.29
C GLU A 521 5.19 28.19 8.20
N TYR A 522 5.17 27.81 9.48
CA TYR A 522 4.09 28.27 10.34
C TYR A 522 4.28 29.73 10.81
N GLU A 523 5.43 30.31 10.52
CA GLU A 523 5.67 31.71 10.81
C GLU A 523 4.79 32.49 9.84
N SER A 524 4.33 31.78 8.80
CA SER A 524 3.49 32.38 7.75
C SER A 524 2.02 32.07 7.96
N PHE A 525 1.71 31.24 8.96
CA PHE A 525 0.33 30.82 9.20
C PHE A 525 -0.06 31.26 10.61
N GLY A 526 0.45 32.39 11.08
CA GLY A 526 0.13 32.85 12.42
C GLY A 526 1.36 32.97 13.32
N GLY A 527 2.43 32.21 13.02
CA GLY A 527 3.70 32.39 13.72
C GLY A 527 4.03 31.23 14.63
N ASN A 528 5.32 31.03 14.89
CA ASN A 528 5.80 30.12 15.95
C ASN A 528 6.02 30.85 17.25
N LYS A 529 5.89 30.17 18.39
CA LYS A 529 6.25 30.81 19.65
C LYS A 529 7.68 31.35 19.64
N VAL A 530 7.87 32.51 20.27
CA VAL A 530 9.17 33.16 20.28
C VAL A 530 10.26 32.21 20.75
N TYR A 531 9.95 31.36 21.73
CA TYR A 531 11.00 30.52 22.29
C TYR A 531 11.19 29.22 21.50
N HIS A 532 10.53 29.09 20.37
CA HIS A 532 10.51 27.80 19.61
C HIS A 532 11.91 27.25 19.27
N THR A 533 12.77 28.09 18.71
CA THR A 533 14.13 27.64 18.37
C THR A 533 15.08 27.46 19.56
N THR A 534 14.66 27.87 20.77
CA THR A 534 15.36 27.50 22.01
C THR A 534 14.95 26.15 22.58
N ILE A 535 13.98 25.47 21.95
CA ILE A 535 13.51 24.17 22.44
C ILE A 535 13.86 23.05 21.45
N LEU A 536 13.66 23.31 20.16
CA LEU A 536 13.87 22.29 19.14
C LEU A 536 15.21 21.53 19.22
N PRO A 537 16.32 22.25 19.42
CA PRO A 537 17.59 21.51 19.58
C PRO A 537 17.58 20.48 20.70
N PHE A 538 16.76 20.70 21.73
CA PHE A 538 16.67 19.85 22.89
C PHE A 538 15.72 18.66 22.72
N THR A 539 14.82 18.76 21.75
CA THR A 539 13.77 17.79 21.54
C THR A 539 13.94 17.26 20.11
N ARG A 540 13.42 18.00 19.14
CA ARG A 540 13.34 17.51 17.76
C ARG A 540 14.66 17.14 17.14
N LEU A 541 15.68 17.97 17.34
CA LEU A 541 17.00 17.70 16.73
CA LEU A 541 16.96 17.70 16.70
C LEU A 541 17.65 16.45 17.27
N VAL A 542 17.17 15.96 18.42
CA VAL A 542 17.76 14.72 18.93
C VAL A 542 17.37 13.50 18.10
N GLY A 543 18.34 12.95 17.38
CA GLY A 543 18.02 11.92 16.36
C GLY A 543 18.19 12.30 14.91
N GLY A 544 18.36 13.59 14.60
CA GLY A 544 18.46 13.99 13.19
C GLY A 544 18.18 15.45 12.92
N PRO A 545 18.79 15.99 11.85
CA PRO A 545 18.74 17.39 11.50
C PRO A 545 17.33 17.76 11.07
N MET A 546 17.03 19.05 11.08
CA MET A 546 15.73 19.51 10.63
C MET A 546 15.89 20.45 9.47
N ASP A 547 15.02 20.37 8.48
CA ASP A 547 15.02 21.37 7.38
C ASP A 547 14.04 22.44 7.87
N TYR A 548 14.53 23.37 8.67
CA TYR A 548 13.71 24.36 9.36
C TYR A 548 13.41 25.56 8.43
N THR A 549 14.15 25.65 7.33
CA THR A 549 14.09 26.75 6.33
C THR A 549 14.19 28.19 6.94
N PRO A 550 15.23 28.45 7.70
CA PRO A 550 15.41 29.79 8.35
C PRO A 550 15.75 30.87 7.33
N GLY A 551 16.06 32.08 7.80
CA GLY A 551 16.59 33.14 6.93
C GLY A 551 15.56 34.09 6.33
N ILE A 552 14.44 34.31 7.02
CA ILE A 552 13.45 35.27 6.53
C ILE A 552 13.88 36.64 7.07
N PHE A 553 14.12 37.57 6.15
CA PHE A 553 14.56 38.94 6.45
C PHE A 553 13.35 39.87 6.49
N GLU A 554 12.50 39.84 5.46
CA GLU A 554 11.23 40.55 5.56
C GLU A 554 10.21 39.74 6.35
N THR A 555 10.06 40.07 7.64
CA THR A 555 9.35 39.21 8.56
C THR A 555 7.85 39.45 8.63
N HIS A 556 7.37 40.44 7.90
CA HIS A 556 5.93 40.73 7.82
C HIS A 556 5.46 40.09 6.54
N CYS A 557 4.57 39.09 6.63
CA CYS A 557 4.23 38.34 5.43
C CYS A 557 3.35 39.17 4.50
N ASN A 558 2.70 40.19 5.07
CA ASN A 558 1.80 41.03 4.27
C ASN A 558 2.49 41.73 3.10
N LYS A 559 3.82 41.85 3.17
CA LYS A 559 4.60 42.41 2.07
C LYS A 559 4.74 41.41 0.94
N MET A 560 4.56 40.12 1.23
CA MET A 560 4.54 39.11 0.15
C MET A 560 3.13 38.98 -0.36
N ASN A 561 2.18 38.96 0.57
CA ASN A 561 0.78 38.78 0.21
C ASN A 561 -0.05 39.63 1.17
N PRO A 562 -0.76 40.62 0.61
CA PRO A 562 -1.48 41.57 1.48
C PRO A 562 -2.55 40.94 2.36
N ALA A 563 -3.02 39.73 2.04
CA ALA A 563 -4.10 39.09 2.83
C ALA A 563 -3.53 38.30 4.03
N ASN A 564 -2.22 38.15 4.08
CA ASN A 564 -1.56 37.44 5.16
C ASN A 564 -0.93 38.43 6.16
N ASN A 565 -1.49 38.51 7.35
CA ASN A 565 -0.96 39.43 8.36
C ASN A 565 -0.07 38.73 9.39
N SER A 566 0.37 37.52 9.00
CA SER A 566 1.27 36.75 9.84
C SER A 566 2.61 37.48 9.94
N GLN A 567 3.22 37.42 11.12
CA GLN A 567 4.52 38.01 11.35
C GLN A 567 5.46 36.97 11.91
N VAL A 568 6.61 36.78 11.28
CA VAL A 568 7.64 35.88 11.82
C VAL A 568 8.17 36.33 13.19
N ARG A 569 8.09 35.45 14.18
CA ARG A 569 8.50 35.82 15.52
CA ARG A 569 8.49 35.83 15.51
C ARG A 569 10.00 35.77 15.73
N SER A 570 10.70 36.70 15.09
CA SER A 570 12.15 36.78 15.14
C SER A 570 12.66 38.17 14.76
N THR A 571 13.87 38.50 15.23
CA THR A 571 14.62 39.57 14.59
C THR A 571 15.46 38.98 13.46
N ILE A 572 16.00 39.87 12.61
CA ILE A 572 16.88 39.45 11.53
C ILE A 572 18.16 38.79 12.09
N ALA A 573 18.72 39.36 13.12
CA ALA A 573 19.95 38.78 13.62
C ALA A 573 19.66 37.36 14.13
N ARG A 574 18.50 37.11 14.72
CA ARG A 574 18.26 35.75 15.18
C ARG A 574 18.08 34.75 14.02
N GLN A 575 17.49 35.18 12.91
CA GLN A 575 17.43 34.33 11.73
C GLN A 575 18.85 33.91 11.33
N LEU A 576 19.78 34.86 11.39
CA LEU A 576 21.16 34.52 11.07
C LEU A 576 21.70 33.46 12.03
N ALA A 577 21.40 33.60 13.33
CA ALA A 577 21.94 32.68 14.35
C ALA A 577 21.52 31.24 14.03
N LEU A 578 20.38 31.08 13.37
CA LEU A 578 19.80 29.74 13.25
C LEU A 578 20.64 28.85 12.33
N TYR A 579 21.47 29.44 11.48
CA TYR A 579 22.37 28.64 10.63
C TYR A 579 23.38 27.93 11.51
N VAL A 580 23.51 28.36 12.75
CA VAL A 580 24.42 27.72 13.66
C VAL A 580 23.68 27.00 14.78
N THR A 581 22.58 27.57 15.26
CA THR A 581 21.85 27.01 16.43
C THR A 581 20.81 25.95 16.02
N MET A 582 20.43 25.90 14.74
CA MET A 582 19.59 24.80 14.25
C MET A 582 20.42 23.92 13.34
N TYR A 583 21.15 22.98 13.94
CA TYR A 583 22.06 22.16 13.17
C TYR A 583 21.39 21.44 11.97
N SER A 584 22.02 21.51 10.80
CA SER A 584 21.59 20.74 9.65
C SER A 584 22.61 20.77 8.50
N PRO A 585 22.86 19.61 7.82
CA PRO A 585 23.72 19.63 6.62
C PRO A 585 22.92 20.20 5.44
N LEU A 586 21.63 20.39 5.62
CA LEU A 586 20.76 20.93 4.53
C LEU A 586 20.18 22.24 5.06
N GLN A 587 20.61 23.36 4.50
CA GLN A 587 20.23 24.67 5.02
C GLN A 587 19.63 25.55 3.90
N MET A 588 18.39 25.98 4.07
CA MET A 588 17.81 26.86 3.06
C MET A 588 17.96 28.33 3.48
N ALA A 589 18.09 29.23 2.50
CA ALA A 589 17.86 30.64 2.73
C ALA A 589 16.47 30.91 2.11
N ALA A 590 15.46 31.05 2.98
CA ALA A 590 14.07 30.83 2.55
C ALA A 590 13.35 32.03 1.97
N ASP A 591 13.88 33.25 2.21
CA ASP A 591 13.25 34.48 1.68
C ASP A 591 13.41 34.58 0.16
N ILE A 592 12.69 35.49 -0.50
CA ILE A 592 12.87 35.63 -1.95
C ILE A 592 14.10 36.49 -2.21
N PRO A 593 14.73 36.34 -3.36
CA PRO A 593 15.97 37.11 -3.64
C PRO A 593 15.89 38.65 -3.44
N GLU A 594 14.81 39.28 -3.90
CA GLU A 594 14.53 40.69 -3.71
C GLU A 594 14.76 41.08 -2.27
N ASN A 595 14.19 40.32 -1.34
CA ASN A 595 14.33 40.70 0.04
C ASN A 595 15.73 40.58 0.59
N TYR A 596 16.51 39.64 0.05
CA TYR A 596 17.90 39.50 0.49
C TYR A 596 18.71 40.68 -0.04
N GLU A 597 18.32 41.17 -1.23
CA GLU A 597 19.01 42.27 -1.89
CA GLU A 597 19.06 42.26 -1.86
C GLU A 597 18.82 43.59 -1.16
N ARG A 598 17.78 43.62 -0.31
CA ARG A 598 17.48 44.80 0.52
CA ARG A 598 17.48 44.80 0.51
C ARG A 598 18.34 44.80 1.78
N PHE A 599 19.04 43.71 2.05
CA PHE A 599 19.82 43.61 3.28
C PHE A 599 21.07 42.79 3.04
N MET A 600 21.78 43.09 1.97
CA MET A 600 22.88 42.24 1.55
C MET A 600 24.00 42.17 2.57
N ASP A 601 24.12 43.21 3.41
CA ASP A 601 25.19 43.23 4.38
C ASP A 601 24.91 42.16 5.46
N ALA A 602 23.64 42.05 5.88
CA ALA A 602 23.22 40.97 6.76
C ALA A 602 23.32 39.65 6.00
N PHE A 603 22.96 39.65 4.73
CA PHE A 603 23.00 38.41 3.96
C PHE A 603 24.39 37.74 3.96
N GLN A 604 25.43 38.55 4.09
CA GLN A 604 26.80 38.03 4.04
C GLN A 604 27.02 36.86 5.00
N PHE A 605 26.35 36.85 6.15
CA PHE A 605 26.55 35.75 7.10
C PHE A 605 26.03 34.45 6.52
N ILE A 606 24.92 34.53 5.79
CA ILE A 606 24.28 33.33 5.24
C ILE A 606 25.20 32.77 4.14
N LYS A 607 25.85 33.66 3.44
CA LYS A 607 26.74 33.27 2.35
C LYS A 607 27.98 32.60 2.92
N ASP A 608 28.42 33.07 4.07
CA ASP A 608 29.71 32.57 4.61
C ASP A 608 29.57 31.29 5.43
N VAL A 609 28.47 31.17 6.14
CA VAL A 609 28.34 30.10 7.10
C VAL A 609 28.55 28.71 6.48
N ALA A 610 29.26 27.82 7.17
CA ALA A 610 29.48 26.48 6.62
C ALA A 610 28.28 25.61 7.01
N LEU A 611 28.27 24.34 6.55
CA LEU A 611 27.16 23.44 6.77
C LEU A 611 27.59 22.16 7.46
N ASP A 612 28.91 22.01 7.68
CA ASP A 612 29.47 20.76 8.24
C ASP A 612 30.65 21.13 9.13
N TRP A 613 30.96 20.31 10.12
CA TRP A 613 31.71 20.79 11.27
C TRP A 613 32.72 19.77 11.82
N ASP A 614 33.92 20.24 12.18
CA ASP A 614 34.91 19.36 12.79
C ASP A 614 34.74 19.35 14.30
N GLU A 615 34.22 20.46 14.85
CA GLU A 615 34.03 20.61 16.28
C GLU A 615 32.77 21.41 16.57
N THR A 616 32.09 21.08 17.66
CA THR A 616 31.04 21.96 18.17
C THR A 616 31.23 22.18 19.65
N ASN A 617 31.11 23.41 20.07
CA ASN A 617 31.16 23.69 21.48
CA ASN A 617 31.21 23.76 21.47
C ASN A 617 29.87 24.36 21.94
N TYR A 618 29.16 23.70 22.85
CA TYR A 618 27.91 24.31 23.35
C TYR A 618 28.24 25.36 24.43
N LEU A 619 28.08 26.64 24.10
CA LEU A 619 28.58 27.70 25.00
C LEU A 619 27.61 27.97 26.11
N GLU A 620 26.37 28.27 25.75
CA GLU A 620 25.32 28.38 26.78
C GLU A 620 24.07 27.68 26.30
N ALA A 621 23.29 27.17 27.24
CA ALA A 621 22.05 26.52 26.82
C ALA A 621 21.09 26.48 27.96
N GLU A 622 19.83 26.89 27.71
CA GLU A 622 18.77 26.63 28.69
C GLU A 622 17.43 26.48 27.97
N PRO A 623 16.79 25.30 28.09
CA PRO A 623 15.69 25.08 27.16
C PRO A 623 14.63 26.12 27.40
N GLY A 624 14.10 26.65 26.31
CA GLY A 624 13.03 27.61 26.40
C GLY A 624 13.56 29.04 26.53
N GLU A 625 14.85 29.21 26.85
CA GLU A 625 15.37 30.57 27.12
CA GLU A 625 15.37 30.56 27.13
C GLU A 625 16.48 31.01 26.19
N TYR A 626 17.52 30.20 26.06
CA TYR A 626 18.61 30.62 25.17
C TYR A 626 19.49 29.42 24.82
N ILE A 627 20.15 29.52 23.68
CA ILE A 627 21.14 28.54 23.27
C ILE A 627 22.19 29.28 22.51
N THR A 628 23.46 29.04 22.86
CA THR A 628 24.59 29.64 22.16
C THR A 628 25.61 28.55 21.80
N ILE A 629 26.03 28.53 20.55
CA ILE A 629 26.81 27.44 20.02
C ILE A 629 27.94 28.00 19.12
N ALA A 630 29.14 27.48 19.33
CA ALA A 630 30.25 27.76 18.43
C ALA A 630 30.61 26.45 17.70
N ARG A 631 30.78 26.54 16.39
CA ARG A 631 31.12 25.34 15.61
C ARG A 631 32.30 25.66 14.71
N LYS A 632 33.22 24.70 14.61
CA LYS A 632 34.43 24.83 13.77
C LYS A 632 34.19 24.19 12.40
N ALA A 633 34.25 24.99 11.35
CA ALA A 633 33.96 24.50 10.02
C ALA A 633 34.90 23.38 9.56
N LYS A 634 34.33 22.29 9.03
CA LYS A 634 35.11 21.14 8.62
CA LYS A 634 35.09 21.12 8.59
C LYS A 634 36.27 21.53 7.69
N ASP A 635 37.46 21.02 8.03
CA ASP A 635 38.72 21.25 7.29
C ASP A 635 39.17 22.72 7.22
N THR A 636 38.81 23.55 8.20
CA THR A 636 39.27 24.94 8.27
C THR A 636 39.65 25.23 9.71
N ASP A 637 40.21 26.42 10.00
CA ASP A 637 40.17 26.90 11.42
C ASP A 637 39.31 28.15 11.53
N ASP A 638 38.25 28.19 10.72
CA ASP A 638 37.18 29.17 10.85
C ASP A 638 36.10 28.66 11.82
N TRP A 639 35.55 29.57 12.63
CA TRP A 639 34.48 29.23 13.55
C TRP A 639 33.29 30.14 13.29
N TYR A 640 32.10 29.64 13.61
CA TYR A 640 30.85 30.38 13.44
C TYR A 640 30.03 30.24 14.69
N VAL A 641 29.55 31.36 15.22
CA VAL A 641 28.80 31.35 16.48
C VAL A 641 27.39 31.81 16.22
N GLY A 642 26.44 31.26 16.98
CA GLY A 642 25.05 31.68 16.90
C GLY A 642 24.39 31.66 18.25
N CYS A 643 23.50 32.61 18.50
CA CYS A 643 22.79 32.71 19.76
C CYS A 643 21.33 32.92 19.43
N THR A 644 20.44 32.12 20.04
CA THR A 644 19.04 32.35 19.80
C THR A 644 18.36 32.44 21.16
N ALA A 645 17.37 33.35 21.27
CA ALA A 645 16.81 33.62 22.61
C ALA A 645 15.30 33.75 22.62
N GLY A 646 14.71 33.53 23.79
CA GLY A 646 13.26 33.63 23.92
C GLY A 646 12.74 35.01 24.26
N GLU A 647 11.65 35.05 25.04
CA GLU A 647 10.88 36.28 25.23
C GLU A 647 11.61 37.31 26.06
N ASN A 648 12.51 36.86 26.94
CA ASN A 648 13.26 37.78 27.80
C ASN A 648 14.60 38.22 27.22
N GLY A 649 14.93 37.82 25.99
CA GLY A 649 16.27 38.08 25.44
C GLY A 649 17.34 37.34 26.23
N HIS A 650 18.60 37.70 26.06
CA HIS A 650 19.61 37.05 26.87
C HIS A 650 20.89 37.86 26.75
N THR A 651 21.66 37.94 27.83
CA THR A 651 22.94 38.63 27.74
CA THR A 651 22.92 38.66 27.78
C THR A 651 24.07 37.63 27.75
N SER A 652 24.97 37.77 26.78
CA SER A 652 26.10 36.85 26.67
C SER A 652 27.39 37.51 27.12
N LYS A 653 28.13 36.83 27.98
CA LYS A 653 29.50 37.24 28.26
C LYS A 653 30.43 36.19 27.63
N LEU A 654 30.78 36.39 26.36
CA LEU A 654 31.47 35.37 25.56
C LEU A 654 32.98 35.36 25.75
N VAL A 655 33.50 34.16 25.93
CA VAL A 655 34.94 33.93 26.06
C VAL A 655 35.41 33.15 24.84
N PHE A 656 36.55 33.54 24.26
CA PHE A 656 36.99 32.92 23.02
C PHE A 656 38.22 32.04 23.11
N ASP A 657 38.23 31.12 24.06
CA ASP A 657 39.41 30.32 24.18
C ASP A 657 39.21 28.94 23.57
N PHE A 658 38.20 28.78 22.72
CA PHE A 658 38.17 27.61 21.88
C PHE A 658 39.03 27.96 20.67
N LEU A 659 39.42 29.24 20.56
CA LEU A 659 40.30 29.74 19.48
C LEU A 659 41.77 29.34 19.72
N THR A 660 42.55 29.24 18.65
CA THR A 660 43.93 28.73 18.77
C THR A 660 44.89 29.81 19.26
N PRO A 661 45.56 29.54 20.39
CA PRO A 661 46.52 30.52 20.94
C PRO A 661 47.54 30.99 19.88
N GLY A 662 47.86 32.28 19.87
CA GLY A 662 48.83 32.77 18.92
C GLY A 662 48.26 33.06 17.54
N LYS A 663 47.06 32.58 17.22
CA LYS A 663 46.54 32.94 15.90
C LYS A 663 45.74 34.22 15.95
N GLN A 664 45.55 34.86 14.82
CA GLN A 664 44.64 35.98 14.73
C GLN A 664 43.43 35.69 13.83
N TYR A 665 42.27 36.28 14.14
CA TYR A 665 41.07 36.00 13.38
C TYR A 665 40.35 37.28 13.00
N ILE A 666 39.83 37.33 11.77
CA ILE A 666 38.86 38.36 11.42
C ILE A 666 37.42 37.94 11.78
N ALA A 667 36.81 38.71 12.70
CA ALA A 667 35.50 38.38 13.25
C ALA A 667 34.50 39.43 12.84
N THR A 668 33.37 38.97 12.30
CA THR A 668 32.25 39.84 11.96
C THR A 668 31.04 39.47 12.81
N VAL A 669 30.61 40.42 13.63
CA VAL A 669 29.49 40.28 14.58
C VAL A 669 28.19 40.90 14.06
N TYR A 670 27.18 40.05 13.89
CA TYR A 670 25.88 40.52 13.41
C TYR A 670 24.94 40.46 14.60
N ALA A 671 24.55 41.61 15.15
CA ALA A 671 23.81 41.60 16.41
C ALA A 671 22.51 42.39 16.35
N ASP A 672 21.65 42.19 17.33
CA ASP A 672 20.47 43.06 17.42
C ASP A 672 20.92 44.45 17.83
N ALA A 673 20.38 45.48 17.15
CA ALA A 673 20.41 46.86 17.67
C ALA A 673 19.90 46.84 19.10
N LYS A 674 20.26 47.84 19.91
CA LYS A 674 19.80 47.83 21.29
C LYS A 674 18.30 48.14 21.38
N ASP A 675 17.74 48.67 20.30
CA ASP A 675 16.30 48.93 20.22
C ASP A 675 15.56 47.76 19.53
N ALA A 676 16.27 46.67 19.23
CA ALA A 676 15.64 45.60 18.43
C ALA A 676 14.52 44.93 19.20
N ASP A 677 13.60 44.32 18.48
CA ASP A 677 12.51 43.58 19.09
C ASP A 677 11.86 42.77 17.99
N TRP A 678 11.51 41.49 18.26
CA TRP A 678 10.88 40.68 17.19
C TRP A 678 9.63 41.34 16.59
N LYS A 679 8.81 41.89 17.48
CA LYS A 679 7.51 42.41 17.07
C LYS A 679 7.63 43.84 16.58
N GLU A 680 8.19 44.73 17.40
CA GLU A 680 8.18 46.17 17.06
C GLU A 680 9.35 46.67 16.25
N ASN A 681 10.48 45.97 16.29
CA ASN A 681 11.67 46.44 15.58
C ASN A 681 12.57 45.25 15.24
N PRO A 682 12.14 44.41 14.29
CA PRO A 682 12.82 43.14 14.02
C PRO A 682 13.95 43.34 13.04
N GLN A 683 13.87 44.40 12.25
CA GLN A 683 14.91 44.62 11.25
C GLN A 683 16.07 45.48 11.72
N ALA A 684 16.20 45.69 13.02
CA ALA A 684 17.30 46.53 13.49
C ALA A 684 18.51 45.70 13.93
N TYR A 685 19.60 45.81 13.19
CA TYR A 685 20.81 45.11 13.58
C TYR A 685 22.06 46.01 13.39
N THR A 686 23.18 45.59 13.96
CA THR A 686 24.47 46.21 13.69
C THR A 686 25.36 45.14 13.04
N ILE A 687 26.34 45.58 12.24
CA ILE A 687 27.40 44.71 11.77
C ILE A 687 28.76 45.33 12.15
N LYS A 688 29.58 44.58 12.88
CA LYS A 688 30.89 45.07 13.31
C LYS A 688 32.01 44.10 12.93
N LYS A 689 33.08 44.65 12.38
CA LYS A 689 34.18 43.83 11.92
C LYS A 689 35.47 44.20 12.62
N GLY A 690 36.10 43.21 13.25
CA GLY A 690 37.30 43.46 14.05
C GLY A 690 38.16 42.23 14.15
N ILE A 691 39.19 42.31 14.99
CA ILE A 691 40.10 41.19 15.21
C ILE A 691 39.81 40.45 16.50
N LEU A 692 39.85 39.11 16.47
CA LEU A 692 39.68 38.34 17.69
C LEU A 692 40.87 37.37 17.92
N THR A 693 41.07 37.00 19.17
CA THR A 693 42.01 35.93 19.53
C THR A 693 41.47 35.21 20.71
N ASN A 694 42.17 34.18 21.16
CA ASN A 694 41.64 33.38 22.25
C ASN A 694 41.70 34.14 23.55
N LYS A 695 42.20 35.37 23.50
CA LYS A 695 42.18 36.25 24.67
C LYS A 695 41.01 37.23 24.62
N SER A 696 40.34 37.35 23.48
CA SER A 696 39.21 38.28 23.38
C SER A 696 37.99 37.93 24.24
N LYS A 697 37.20 38.96 24.55
CA LYS A 697 35.94 38.83 25.27
C LYS A 697 34.88 39.66 24.55
N LEU A 698 33.63 39.22 24.57
CA LEU A 698 32.53 40.01 24.02
C LEU A 698 31.28 39.91 24.87
N ASN A 699 30.72 41.08 25.19
CA ASN A 699 29.40 41.18 25.80
C ASN A 699 28.41 41.52 24.69
N LEU A 700 27.37 40.69 24.57
CA LEU A 700 26.35 40.89 23.54
C LEU A 700 25.00 40.63 24.13
N HIS A 701 23.98 41.28 23.59
CA HIS A 701 22.64 41.12 24.10
C HIS A 701 21.68 40.73 22.98
N ALA A 702 21.07 39.56 23.17
CA ALA A 702 20.05 39.09 22.27
C ALA A 702 18.78 39.69 22.79
N ALA A 703 18.09 40.42 21.91
CA ALA A 703 16.80 41.03 22.23
C ALA A 703 15.70 40.01 22.44
N ASN A 704 14.54 40.51 22.85
CA ASN A 704 13.31 39.72 22.89
CA ASN A 704 13.29 39.73 22.88
C ASN A 704 13.07 39.06 21.53
N GLY A 705 13.11 37.73 21.49
CA GLY A 705 13.03 37.00 20.23
C GLY A 705 14.18 37.32 19.27
N GLY A 706 15.35 37.59 19.81
CA GLY A 706 16.47 38.04 18.98
C GLY A 706 17.64 37.09 19.11
N GLY A 707 18.81 37.53 18.68
CA GLY A 707 20.00 36.69 18.83
C GLY A 707 21.16 37.34 18.10
N TYR A 708 22.21 36.58 17.81
CA TYR A 708 23.35 37.12 17.09
C TYR A 708 24.08 36.00 16.38
N ALA A 709 24.89 36.39 15.40
CA ALA A 709 25.72 35.46 14.69
C ALA A 709 27.10 36.08 14.52
N ILE A 710 28.14 35.23 14.54
CA ILE A 710 29.52 35.71 14.34
C ILE A 710 30.34 34.78 13.44
N SER A 711 30.97 35.33 12.42
CA SER A 711 32.00 34.59 11.70
C SER A 711 33.39 34.98 12.22
N ILE A 712 34.24 33.97 12.39
CA ILE A 712 35.56 34.13 12.95
C ILE A 712 36.51 33.34 12.04
N LYS A 713 37.13 34.04 11.08
CA LYS A 713 38.00 33.43 10.09
C LYS A 713 39.48 33.70 10.39
N GLU A 714 40.30 32.66 10.48
CA GLU A 714 41.72 32.84 10.73
C GLU A 714 42.29 33.72 9.64
N VAL A 715 43.16 34.65 10.00
CA VAL A 715 43.70 35.63 9.04
C VAL A 715 44.56 34.99 7.95
N GLN B 11 -43.60 8.97 -17.58
CA GLN B 11 -43.09 7.57 -17.62
C GLN B 11 -42.37 7.29 -18.93
N GLN B 12 -41.21 6.65 -18.87
CA GLN B 12 -40.40 6.36 -20.07
C GLN B 12 -40.44 4.88 -20.42
N LYS B 13 -40.42 4.56 -21.71
CA LYS B 13 -40.41 3.16 -22.15
C LYS B 13 -39.23 2.90 -23.07
N LEU B 14 -38.54 1.79 -22.85
CA LEU B 14 -37.47 1.40 -23.76
C LEU B 14 -37.79 -0.03 -24.10
N THR B 15 -37.60 -0.43 -25.34
CA THR B 15 -37.92 -1.82 -25.70
C THR B 15 -36.76 -2.52 -26.43
N SER B 16 -36.73 -3.85 -26.37
CA SER B 16 -35.72 -4.64 -27.10
C SER B 16 -35.87 -4.50 -28.61
N PRO B 17 -34.75 -4.63 -29.34
CA PRO B 17 -34.88 -4.61 -30.80
C PRO B 17 -35.96 -5.58 -31.27
N ASP B 18 -36.10 -6.73 -30.62
CA ASP B 18 -37.11 -7.70 -31.03
C ASP B 18 -38.46 -7.51 -30.30
N ASN B 19 -38.62 -6.44 -29.55
CA ASN B 19 -39.91 -6.14 -28.93
C ASN B 19 -40.38 -7.12 -27.85
N ASN B 20 -39.53 -8.07 -27.49
CA ASN B 20 -39.93 -9.01 -26.45
C ASN B 20 -39.71 -8.51 -25.01
N LEU B 21 -38.88 -7.47 -24.88
CA LEU B 21 -38.50 -6.94 -23.56
C LEU B 21 -38.81 -5.47 -23.52
N VAL B 22 -39.44 -5.04 -22.44
CA VAL B 22 -39.75 -3.64 -22.24
C VAL B 22 -39.36 -3.18 -20.84
N MET B 23 -38.63 -2.08 -20.79
CA MET B 23 -38.18 -1.46 -19.53
C MET B 23 -39.00 -0.19 -19.35
N THR B 24 -39.67 -0.04 -18.21
CA THR B 24 -40.27 1.27 -17.91
C THR B 24 -39.62 1.98 -16.71
N PHE B 25 -39.31 3.26 -16.92
CA PHE B 25 -38.66 4.11 -15.91
C PHE B 25 -39.52 5.32 -15.50
N GLN B 26 -39.55 5.62 -14.21
CA GLN B 26 -40.30 6.76 -13.68
CA GLN B 26 -40.32 6.75 -13.67
C GLN B 26 -39.72 7.21 -12.34
N VAL B 27 -39.73 8.51 -12.05
CA VAL B 27 -39.39 8.89 -10.68
C VAL B 27 -40.73 8.92 -9.95
N ASP B 28 -40.77 8.52 -8.68
CA ASP B 28 -42.01 8.51 -7.94
C ASP B 28 -42.37 9.92 -7.38
N SER B 29 -43.34 10.02 -6.47
CA SER B 29 -43.80 11.34 -6.01
C SER B 29 -42.79 12.05 -5.08
N LYS B 30 -41.79 11.31 -4.59
CA LYS B 30 -40.75 11.88 -3.75
C LYS B 30 -39.45 11.97 -4.56
N GLY B 31 -39.55 11.83 -5.87
CA GLY B 31 -38.38 11.97 -6.77
C GLY B 31 -37.43 10.76 -6.87
N ALA B 32 -37.92 9.59 -6.48
CA ALA B 32 -37.10 8.39 -6.41
C ALA B 32 -37.15 7.68 -7.76
N PRO B 33 -35.97 7.50 -8.38
CA PRO B 33 -35.89 6.81 -9.66
C PRO B 33 -36.28 5.33 -9.52
N THR B 34 -37.24 4.91 -10.37
CA THR B 34 -37.83 3.57 -10.31
C THR B 34 -37.80 2.91 -11.69
N TYR B 35 -37.57 1.60 -11.76
CA TYR B 35 -37.58 0.89 -13.05
C TYR B 35 -38.30 -0.46 -12.93
N GLU B 36 -38.65 -1.07 -14.07
CA GLU B 36 -39.19 -2.42 -14.04
C GLU B 36 -38.93 -3.08 -15.39
N LEU B 37 -39.07 -4.41 -15.44
CA LEU B 37 -38.71 -5.15 -16.66
C LEU B 37 -39.61 -6.36 -16.88
N THR B 38 -40.08 -6.50 -18.11
CA THR B 38 -40.92 -7.65 -18.47
C THR B 38 -40.32 -8.30 -19.70
N TYR B 39 -40.60 -9.58 -19.84
CA TYR B 39 -40.05 -10.39 -20.93
C TYR B 39 -41.23 -11.14 -21.51
N LYS B 40 -41.53 -10.93 -22.79
CA LYS B 40 -42.71 -11.58 -23.42
C LYS B 40 -43.93 -11.40 -22.53
N ASN B 41 -44.11 -10.18 -21.99
CA ASN B 41 -45.27 -9.84 -21.19
C ASN B 41 -45.29 -10.48 -19.82
N LYS B 42 -44.17 -11.02 -19.37
CA LYS B 42 -44.09 -11.44 -17.97
C LYS B 42 -43.17 -10.48 -17.21
N VAL B 43 -43.45 -10.31 -15.93
CA VAL B 43 -42.63 -9.40 -15.14
C VAL B 43 -41.36 -10.13 -14.72
N VAL B 44 -40.23 -9.53 -15.07
CA VAL B 44 -38.90 -10.04 -14.70
C VAL B 44 -38.38 -9.27 -13.47
N ILE B 45 -38.38 -7.93 -13.60
CA ILE B 45 -38.16 -7.00 -12.46
C ILE B 45 -39.42 -6.18 -12.12
N LYS B 46 -39.97 -6.39 -10.93
CA LYS B 46 -41.01 -5.51 -10.37
C LYS B 46 -40.46 -4.11 -10.08
N PRO B 47 -41.35 -3.08 -10.03
CA PRO B 47 -40.85 -1.71 -9.78
C PRO B 47 -39.75 -1.70 -8.70
N SER B 48 -38.59 -1.16 -9.03
CA SER B 48 -37.39 -1.28 -8.19
C SER B 48 -36.67 0.08 -8.19
N THR B 49 -36.15 0.50 -7.04
CA THR B 49 -35.54 1.85 -7.03
C THR B 49 -34.06 1.84 -7.35
N LEU B 50 -33.55 3.01 -7.73
CA LEU B 50 -32.16 3.21 -8.09
C LEU B 50 -31.70 4.42 -7.27
N GLY B 51 -30.45 4.42 -6.81
CA GLY B 51 -29.91 5.57 -6.08
C GLY B 51 -28.73 5.22 -5.21
N LEU B 52 -28.03 6.21 -4.69
CA LEU B 52 -26.97 5.94 -3.74
C LEU B 52 -27.11 6.77 -2.49
N GLU B 53 -26.48 6.30 -1.40
CA GLU B 53 -26.21 7.17 -0.29
C GLU B 53 -24.72 7.50 -0.26
N LEU B 54 -24.39 8.78 -0.08
CA LEU B 54 -22.98 9.22 0.02
C LEU B 54 -22.58 9.44 1.49
N LYS B 55 -21.29 9.28 1.80
CA LYS B 55 -20.77 9.64 3.12
C LYS B 55 -20.93 11.16 3.37
N LYS B 56 -21.27 11.54 4.60
CA LYS B 56 -21.37 12.95 4.99
C LYS B 56 -19.98 13.60 5.01
N GLU B 57 -19.85 14.81 4.50
CA GLU B 57 -18.52 15.46 4.38
C GLU B 57 -17.78 15.66 5.71
N ASP B 76 -25.28 17.20 4.58
CA ASP B 76 -26.42 16.50 5.22
C ASP B 76 -27.44 16.03 4.16
N SER B 77 -28.10 16.98 3.49
CA SER B 77 -28.93 16.60 2.37
C SER B 77 -28.04 16.16 1.21
N LYS B 78 -26.77 16.56 1.24
CA LYS B 78 -25.82 16.14 0.22
C LYS B 78 -25.52 14.63 0.25
N THR B 79 -25.84 13.96 1.36
CA THR B 79 -25.73 12.49 1.45
C THR B 79 -26.79 11.76 0.63
N ASN B 80 -27.77 12.52 0.14
CA ASN B 80 -28.89 11.94 -0.55
C ASN B 80 -28.62 11.96 -2.02
N LEU B 81 -28.37 10.78 -2.59
CA LEU B 81 -28.35 10.68 -4.04
C LEU B 81 -29.31 9.53 -4.44
N TYR B 82 -30.41 9.43 -3.70
CA TYR B 82 -31.45 8.43 -3.94
C TYR B 82 -32.87 8.96 -4.23
N ASP B 83 -33.16 10.22 -3.91
CA ASP B 83 -34.46 10.79 -4.36
C ASP B 83 -34.47 12.31 -4.43
N GLY B 84 -35.66 12.89 -4.55
CA GLY B 84 -35.75 14.32 -4.87
C GLY B 84 -35.24 14.63 -6.26
N PHE B 85 -35.29 13.64 -7.15
CA PHE B 85 -34.81 13.83 -8.54
C PHE B 85 -35.96 14.26 -9.46
N GLU B 86 -35.62 15.00 -10.52
CA GLU B 86 -36.58 15.33 -11.60
C GLU B 86 -35.98 14.88 -12.91
N VAL B 87 -36.78 14.37 -13.83
CA VAL B 87 -36.25 14.06 -15.15
C VAL B 87 -35.99 15.33 -15.93
N LYS B 88 -34.72 15.66 -16.14
CA LYS B 88 -34.37 16.91 -16.80
C LYS B 88 -34.31 16.74 -18.32
N ASP B 89 -34.01 15.53 -18.77
CA ASP B 89 -34.12 15.19 -20.19
C ASP B 89 -33.64 13.77 -20.49
N THR B 90 -33.91 13.30 -21.70
CA THR B 90 -33.56 11.95 -22.10
C THR B 90 -32.90 11.96 -23.47
N GLN B 91 -32.33 10.84 -23.86
CA GLN B 91 -31.73 10.66 -25.16
C GLN B 91 -31.87 9.19 -25.47
N THR B 92 -32.14 8.85 -26.73
CA THR B 92 -32.25 7.45 -27.13
C THR B 92 -31.28 7.15 -28.26
N ALA B 93 -31.04 5.87 -28.52
CA ALA B 93 -30.12 5.50 -29.58
C ALA B 93 -30.13 4.03 -29.86
N THR B 94 -29.64 3.68 -31.04
CA THR B 94 -29.56 2.30 -31.42
C THR B 94 -28.11 1.98 -31.77
N PHE B 95 -27.65 0.81 -31.34
CA PHE B 95 -26.29 0.36 -31.61
C PHE B 95 -26.41 -1.05 -32.15
N ASP B 96 -25.70 -1.36 -33.23
CA ASP B 96 -25.75 -2.71 -33.79
C ASP B 96 -24.47 -2.97 -34.55
N GLU B 97 -23.42 -3.40 -33.84
CA GLU B 97 -22.13 -3.63 -34.48
C GLU B 97 -21.54 -4.96 -34.01
N THR B 98 -20.62 -5.53 -34.79
CA THR B 98 -20.00 -6.78 -34.34
C THR B 98 -18.52 -6.52 -34.08
N TRP B 99 -17.90 -7.40 -33.30
CA TRP B 99 -16.49 -7.29 -32.98
C TRP B 99 -15.88 -8.67 -32.77
N GLN B 100 -14.56 -8.77 -32.83
CA GLN B 100 -13.92 -10.07 -32.67
C GLN B 100 -13.03 -10.12 -31.44
N PRO B 101 -13.32 -11.02 -30.52
CA PRO B 101 -12.46 -11.24 -29.38
C PRO B 101 -11.10 -11.82 -29.82
N VAL B 102 -10.04 -11.59 -29.04
CA VAL B 102 -8.74 -12.17 -29.37
C VAL B 102 -8.82 -13.68 -29.19
N TRP B 103 -9.57 -14.11 -28.16
CA TRP B 103 -9.89 -15.51 -27.96
C TRP B 103 -11.29 -15.53 -27.41
N GLY B 104 -12.01 -16.65 -27.56
CA GLY B 104 -13.37 -16.73 -27.08
C GLY B 104 -14.16 -17.95 -27.52
N GLU B 105 -15.48 -17.89 -27.34
CA GLU B 105 -16.37 -19.00 -27.66
C GLU B 105 -16.81 -19.01 -29.14
N GLU B 106 -16.71 -17.87 -29.79
CA GLU B 106 -16.95 -17.79 -31.22
C GLU B 106 -16.03 -16.73 -31.80
N LYS B 107 -15.97 -16.64 -33.12
CA LYS B 107 -15.04 -15.71 -33.74
C LYS B 107 -15.56 -14.29 -33.65
N GLU B 108 -16.89 -14.14 -33.69
CA GLU B 108 -17.55 -12.84 -33.76
C GLU B 108 -18.69 -12.72 -32.76
N ILE B 109 -18.86 -11.50 -32.23
CA ILE B 109 -19.93 -11.17 -31.29
C ILE B 109 -20.73 -9.95 -31.78
N ARG B 110 -22.05 -10.05 -31.67
CA ARG B 110 -22.93 -8.96 -32.08
C ARG B 110 -23.34 -8.17 -30.83
N ASN B 111 -23.10 -6.88 -30.89
CA ASN B 111 -23.42 -5.94 -29.81
C ASN B 111 -24.61 -5.10 -30.28
N HIS B 112 -25.81 -5.54 -29.90
CA HIS B 112 -27.04 -4.98 -30.45
C HIS B 112 -28.06 -4.59 -29.40
N TYR B 113 -28.20 -3.29 -29.14
CA TYR B 113 -29.07 -2.79 -28.07
C TYR B 113 -29.86 -1.52 -28.46
N ASN B 114 -30.98 -1.29 -27.76
CA ASN B 114 -31.61 0.03 -27.71
C ASN B 114 -31.23 0.67 -26.37
N GLU B 115 -30.87 1.95 -26.45
CA GLU B 115 -30.38 2.69 -25.30
C GLU B 115 -31.26 3.87 -24.92
N LEU B 116 -31.54 3.99 -23.62
CA LEU B 116 -32.16 5.18 -23.05
C LEU B 116 -31.27 5.85 -21.99
N ALA B 117 -30.94 7.11 -22.17
CA ALA B 117 -30.19 7.85 -21.15
C ALA B 117 -31.07 8.92 -20.51
N VAL B 118 -31.20 8.83 -19.19
CA VAL B 118 -31.99 9.80 -18.41
C VAL B 118 -31.08 10.68 -17.55
N THR B 119 -31.10 11.99 -17.81
CA THR B 119 -30.48 12.98 -16.92
C THR B 119 -31.42 13.31 -15.77
N LEU B 120 -30.97 13.10 -14.53
CA LEU B 120 -31.79 13.38 -13.36
C LEU B 120 -31.22 14.54 -12.56
N TYR B 121 -32.03 15.59 -12.46
CA TYR B 121 -31.68 16.78 -11.73
C TYR B 121 -32.27 16.74 -10.30
N GLN B 122 -31.44 17.05 -9.32
CA GLN B 122 -31.82 17.08 -7.90
C GLN B 122 -31.75 18.55 -7.43
N PRO B 123 -32.88 19.28 -7.53
CA PRO B 123 -32.92 20.69 -7.12
C PRO B 123 -32.31 20.99 -5.75
N MET B 124 -32.55 20.16 -4.75
CA MET B 124 -32.09 20.43 -3.40
C MET B 124 -30.55 20.46 -3.23
N ASN B 125 -29.81 19.74 -4.09
CA ASN B 125 -28.36 19.76 -4.00
C ASN B 125 -27.78 20.39 -5.23
N ASP B 126 -28.66 20.87 -6.11
CA ASP B 126 -28.27 21.48 -7.38
C ASP B 126 -27.21 20.70 -8.13
N ARG B 127 -27.46 19.41 -8.33
CA ARG B 127 -26.54 18.56 -9.08
C ARG B 127 -27.35 17.54 -9.84
N SER B 128 -26.77 17.00 -10.90
CA SER B 128 -27.44 16.02 -11.72
C SER B 128 -26.64 14.74 -11.87
N ILE B 129 -27.31 13.61 -12.05
CA ILE B 129 -26.66 12.37 -12.42
C ILE B 129 -27.30 11.88 -13.73
N VAL B 130 -26.72 10.86 -14.35
CA VAL B 130 -27.33 10.25 -15.51
C VAL B 130 -27.46 8.76 -15.27
N ILE B 131 -28.63 8.20 -15.55
CA ILE B 131 -28.76 6.73 -15.55
C ILE B 131 -28.93 6.19 -16.97
N ARG B 132 -28.00 5.34 -17.40
CA ARG B 132 -28.04 4.82 -18.78
C ARG B 132 -28.53 3.39 -18.77
N PHE B 133 -29.40 3.09 -19.73
CA PHE B 133 -30.02 1.81 -19.84
C PHE B 133 -29.72 1.27 -21.25
N ARG B 134 -29.39 -0.02 -21.35
CA ARG B 134 -29.19 -0.69 -22.64
C ARG B 134 -29.91 -2.03 -22.62
N LEU B 135 -30.86 -2.13 -23.55
CA LEU B 135 -31.76 -3.24 -23.59
C LEU B 135 -31.46 -4.07 -24.84
N PHE B 136 -31.19 -5.35 -24.58
CA PHE B 136 -30.80 -6.31 -25.59
C PHE B 136 -31.95 -7.29 -25.67
N ASN B 137 -31.94 -8.13 -26.71
CA ASN B 137 -32.90 -9.20 -26.75
C ASN B 137 -32.77 -10.18 -25.60
N ASP B 138 -31.62 -10.20 -24.93
CA ASP B 138 -31.50 -11.17 -23.83
C ASP B 138 -31.37 -10.55 -22.42
N GLY B 139 -31.67 -9.28 -22.30
CA GLY B 139 -31.66 -8.65 -20.96
C GLY B 139 -31.29 -7.19 -20.95
N LEU B 140 -31.25 -6.64 -19.74
CA LEU B 140 -31.02 -5.21 -19.54
C LEU B 140 -29.70 -4.93 -18.80
N GLY B 141 -29.01 -3.88 -19.23
CA GLY B 141 -27.89 -3.31 -18.48
C GLY B 141 -28.16 -1.86 -18.08
N PHE B 142 -27.78 -1.49 -16.85
CA PHE B 142 -27.78 -0.07 -16.46
C PHE B 142 -26.57 0.39 -15.63
N ARG B 143 -26.25 1.66 -15.74
CA ARG B 143 -25.23 2.21 -14.87
C ARG B 143 -25.58 3.64 -14.56
N TYR B 144 -24.93 4.19 -13.54
CA TYR B 144 -25.09 5.60 -13.19
C TYR B 144 -23.85 6.32 -13.66
N GLU B 145 -24.00 7.56 -14.12
CA GLU B 145 -22.82 8.35 -14.51
C GLU B 145 -22.93 9.66 -13.77
N PHE B 146 -21.78 10.22 -13.40
CA PHE B 146 -21.71 11.40 -12.55
C PHE B 146 -20.87 12.41 -13.28
N PRO B 147 -21.54 13.34 -13.97
CA PRO B 147 -20.86 14.36 -14.74
C PRO B 147 -20.08 15.29 -13.82
N GLN B 148 -19.01 15.89 -14.34
CA GLN B 148 -18.27 16.91 -13.63
C GLN B 148 -19.10 18.17 -13.62
N GLN B 149 -19.24 18.79 -12.46
CA GLN B 149 -20.13 19.94 -12.30
C GLN B 149 -19.73 20.60 -11.00
N LYS B 150 -20.30 21.76 -10.73
CA LYS B 150 -19.79 22.61 -9.67
C LYS B 150 -19.97 21.95 -8.33
N SER B 151 -21.08 21.21 -8.19
CA SER B 151 -21.54 20.65 -6.94
C SER B 151 -21.32 19.17 -6.76
N LEU B 152 -20.69 18.52 -7.73
CA LEU B 152 -20.33 17.10 -7.58
C LEU B 152 -18.94 16.85 -8.17
N ASN B 153 -17.95 16.71 -7.30
CA ASN B 153 -16.58 16.47 -7.75
C ASN B 153 -16.02 15.25 -7.03
N TYR B 154 -15.47 15.43 -5.84
CA TYR B 154 -15.05 14.29 -5.02
C TYR B 154 -16.18 13.93 -4.08
N PHE B 155 -16.52 12.65 -3.99
CA PHE B 155 -17.48 12.17 -3.03
C PHE B 155 -17.18 10.72 -2.67
N VAL B 156 -17.75 10.25 -1.57
CA VAL B 156 -17.51 8.91 -1.14
C VAL B 156 -18.83 8.21 -0.99
N ILE B 157 -18.91 6.99 -1.54
CA ILE B 157 -20.17 6.24 -1.52
C ILE B 157 -20.29 5.53 -0.19
N LYS B 158 -21.43 5.72 0.47
CA LYS B 158 -21.71 5.01 1.69
C LYS B 158 -22.30 3.63 1.38
N GLU B 159 -23.29 3.61 0.49
CA GLU B 159 -23.90 2.35 0.00
C GLU B 159 -24.51 2.70 -1.34
N GLU B 160 -24.47 1.75 -2.27
CA GLU B 160 -25.30 1.82 -3.45
C GLU B 160 -26.62 1.09 -3.15
N HIS B 161 -27.71 1.61 -3.69
CA HIS B 161 -29.04 1.02 -3.50
C HIS B 161 -29.68 0.68 -4.85
N SER B 162 -29.01 -0.17 -5.63
CA SER B 162 -29.59 -0.69 -6.88
C SER B 162 -30.41 -1.90 -6.54
N GLN B 163 -31.72 -1.80 -6.81
CA GLN B 163 -32.67 -2.84 -6.46
C GLN B 163 -33.00 -3.76 -7.64
N PHE B 164 -33.25 -5.02 -7.31
CA PHE B 164 -33.73 -6.00 -8.29
C PHE B 164 -34.92 -6.73 -7.70
N GLY B 165 -36.13 -6.25 -7.98
CA GLY B 165 -37.33 -6.85 -7.40
C GLY B 165 -37.79 -8.10 -8.13
N MET B 166 -37.75 -9.26 -7.45
CA MET B 166 -38.18 -10.53 -8.05
C MET B 166 -39.72 -10.67 -8.00
N ASN B 167 -40.30 -11.31 -9.02
CA ASN B 167 -41.75 -11.46 -9.08
C ASN B 167 -42.26 -12.70 -8.41
N GLY B 168 -41.39 -13.41 -7.69
CA GLY B 168 -41.80 -14.62 -7.05
C GLY B 168 -40.73 -15.18 -6.16
N ASP B 169 -41.02 -16.34 -5.59
CA ASP B 169 -40.08 -17.06 -4.77
C ASP B 169 -39.30 -18.05 -5.64
N HIS B 170 -38.43 -17.50 -6.48
CA HIS B 170 -37.69 -18.27 -7.44
C HIS B 170 -36.76 -19.29 -6.84
N ILE B 171 -36.32 -20.20 -7.70
CA ILE B 171 -35.22 -21.08 -7.34
CA ILE B 171 -35.22 -21.10 -7.41
C ILE B 171 -33.92 -20.37 -7.70
N ALA B 172 -32.97 -20.39 -6.77
CA ALA B 172 -31.68 -19.72 -6.97
C ALA B 172 -30.51 -20.68 -6.84
N PHE B 173 -29.45 -20.42 -7.59
CA PHE B 173 -28.20 -21.20 -7.50
C PHE B 173 -27.14 -20.23 -6.96
N TRP B 174 -26.78 -20.34 -5.67
CA TRP B 174 -26.03 -19.23 -5.03
C TRP B 174 -24.89 -19.67 -4.08
N ILE B 175 -23.93 -18.76 -3.93
CA ILE B 175 -22.95 -18.88 -2.85
C ILE B 175 -23.07 -17.64 -1.96
N PRO B 176 -22.67 -17.75 -0.70
CA PRO B 176 -22.79 -16.75 0.35
C PRO B 176 -22.06 -15.47 -0.02
N GLY B 177 -22.70 -14.33 0.16
CA GLY B 177 -22.05 -13.03 -0.03
C GLY B 177 -20.79 -12.97 0.83
N ASP B 178 -19.68 -12.55 0.23
CA ASP B 178 -18.43 -12.58 0.96
C ASP B 178 -17.41 -11.61 0.40
N TYR B 179 -16.71 -10.87 1.26
CA TYR B 179 -15.76 -9.82 0.81
C TYR B 179 -14.40 -10.37 0.42
N ASP B 180 -14.18 -11.65 0.70
CA ASP B 180 -12.83 -12.23 0.69
C ASP B 180 -12.66 -13.50 -0.13
N THR B 181 -13.63 -14.41 -0.11
CA THR B 181 -13.50 -15.66 -0.92
C THR B 181 -14.72 -15.98 -1.79
N GLN B 182 -14.54 -16.76 -2.84
CA GLN B 182 -15.70 -17.28 -3.58
C GLN B 182 -15.62 -18.76 -3.68
N GLU B 183 -14.83 -19.39 -2.82
CA GLU B 183 -14.52 -20.79 -2.99
C GLU B 183 -15.51 -21.71 -2.26
N TYR B 184 -16.79 -21.47 -2.44
CA TYR B 184 -17.83 -22.20 -1.73
C TYR B 184 -18.54 -23.11 -2.72
N ASP B 185 -18.98 -24.27 -2.28
CA ASP B 185 -19.95 -25.02 -3.08
C ASP B 185 -21.26 -24.25 -3.23
N TYR B 186 -21.90 -24.39 -4.38
CA TYR B 186 -23.19 -23.76 -4.64
C TYR B 186 -24.31 -24.41 -3.87
N THR B 187 -25.35 -23.63 -3.56
CA THR B 187 -26.57 -24.15 -2.96
C THR B 187 -27.76 -23.93 -3.91
N ILE B 188 -28.64 -24.90 -4.03
CA ILE B 188 -29.85 -24.78 -4.87
C ILE B 188 -31.02 -24.75 -3.90
N SER B 189 -31.79 -23.64 -3.88
CA SER B 189 -32.92 -23.48 -2.98
C SER B 189 -33.78 -22.34 -3.43
N ARG B 190 -34.95 -22.20 -2.80
CA ARG B 190 -35.82 -21.05 -3.02
C ARG B 190 -35.22 -19.82 -2.36
N LEU B 191 -35.54 -18.64 -2.86
CA LEU B 191 -35.18 -17.38 -2.20
C LEU B 191 -35.51 -17.42 -0.73
N SER B 192 -36.77 -17.78 -0.44
CA SER B 192 -37.25 -17.89 0.94
C SER B 192 -36.43 -18.85 1.76
N GLU B 193 -35.69 -19.75 1.13
CA GLU B 193 -34.89 -20.72 1.91
C GLU B 193 -33.43 -20.30 2.21
N ILE B 194 -32.98 -19.23 1.59
CA ILE B 194 -31.58 -18.81 1.73
C ILE B 194 -31.17 -18.61 3.19
N ARG B 195 -31.97 -17.80 3.89
CA ARG B 195 -31.66 -17.41 5.25
C ARG B 195 -31.40 -18.63 6.10
N GLY B 196 -32.27 -19.63 5.94
CA GLY B 196 -32.15 -20.81 6.75
C GLY B 196 -30.99 -21.71 6.35
N LEU B 197 -30.50 -21.59 5.10
CA LEU B 197 -29.38 -22.39 4.59
C LEU B 197 -27.99 -21.75 4.76
N MET B 198 -27.99 -20.43 4.98
CA MET B 198 -26.75 -19.65 5.02
C MET B 198 -25.68 -20.23 5.96
N LYS B 199 -26.03 -20.49 7.20
CA LYS B 199 -25.00 -20.94 8.12
C LYS B 199 -24.21 -22.16 7.61
N GLU B 200 -24.93 -23.14 7.06
CA GLU B 200 -24.36 -24.37 6.55
C GLU B 200 -23.58 -24.12 5.25
N ALA B 201 -24.07 -23.21 4.43
CA ALA B 201 -23.45 -22.87 3.15
C ALA B 201 -22.06 -22.20 3.29
N ILE B 202 -21.82 -21.56 4.43
CA ILE B 202 -20.55 -20.94 4.73
C ILE B 202 -19.59 -21.91 5.38
N THR B 203 -18.75 -22.55 4.57
CA THR B 203 -17.77 -23.50 5.06
C THR B 203 -16.45 -22.80 5.35
N PRO B 204 -15.54 -23.45 6.09
CA PRO B 204 -14.35 -22.70 6.52
C PRO B 204 -13.42 -22.28 5.41
N ASN B 205 -12.77 -21.15 5.60
CA ASN B 205 -11.78 -20.65 4.65
C ASN B 205 -10.84 -19.68 5.36
N SER B 206 -9.57 -19.68 4.98
CA SER B 206 -8.54 -18.90 5.71
C SER B 206 -8.74 -17.38 5.58
N SER B 207 -9.57 -16.96 4.63
CA SER B 207 -9.91 -15.55 4.54
C SER B 207 -11.32 -15.40 3.99
N GLN B 208 -12.27 -15.09 4.87
CA GLN B 208 -13.64 -14.98 4.50
C GLN B 208 -14.29 -13.93 5.37
N THR B 209 -15.13 -13.09 4.75
CA THR B 209 -15.93 -12.16 5.51
C THR B 209 -17.34 -12.11 4.92
N PRO B 210 -18.20 -13.00 5.41
CA PRO B 210 -19.62 -12.94 5.07
C PRO B 210 -20.23 -11.65 5.60
N PHE B 211 -21.26 -11.12 4.93
CA PHE B 211 -21.82 -9.87 5.42
C PHE B 211 -23.35 -9.90 5.80
N SER B 212 -24.08 -10.94 5.42
CA SER B 212 -25.55 -11.00 5.63
C SER B 212 -26.11 -12.43 5.62
N GLN B 213 -27.02 -12.71 6.55
CA GLN B 213 -27.65 -14.03 6.58
C GLN B 213 -28.40 -14.28 5.27
N THR B 214 -28.69 -13.22 4.52
CA THR B 214 -29.28 -13.37 3.16
C THR B 214 -28.46 -12.65 2.08
N GLY B 215 -27.15 -12.62 2.25
CA GLY B 215 -26.30 -12.02 1.18
C GLY B 215 -25.75 -13.11 0.26
N VAL B 216 -25.75 -12.85 -1.05
CA VAL B 216 -25.24 -13.79 -2.02
C VAL B 216 -24.29 -13.06 -2.97
N GLN B 217 -23.46 -13.81 -3.68
CA GLN B 217 -22.56 -13.18 -4.66
C GLN B 217 -23.20 -13.15 -6.01
N THR B 218 -22.58 -12.40 -6.91
CA THR B 218 -22.89 -12.30 -8.33
CA THR B 218 -22.93 -12.43 -8.32
C THR B 218 -21.76 -13.06 -9.11
N ALA B 219 -22.04 -13.58 -10.31
CA ALA B 219 -23.41 -13.57 -10.92
C ALA B 219 -24.30 -14.62 -10.24
N LEU B 220 -25.56 -14.23 -9.99
CA LEU B 220 -26.57 -15.05 -9.33
C LEU B 220 -27.50 -15.67 -10.40
N MET B 221 -27.78 -16.97 -10.30
CA MET B 221 -28.62 -17.62 -11.29
C MET B 221 -29.94 -18.07 -10.66
N MET B 222 -31.03 -17.84 -11.40
CA MET B 222 -32.38 -18.17 -10.93
C MET B 222 -33.24 -18.80 -12.03
N LYS B 223 -34.13 -19.70 -11.60
CA LYS B 223 -35.14 -20.36 -12.44
C LYS B 223 -36.53 -20.03 -11.88
N THR B 224 -37.41 -19.46 -12.70
CA THR B 224 -38.77 -19.03 -12.25
C THR B 224 -39.87 -20.08 -12.48
N ASP B 225 -40.94 -20.01 -11.68
CA ASP B 225 -42.08 -20.90 -11.84
C ASP B 225 -42.79 -20.74 -13.18
N ASP B 226 -42.71 -19.56 -13.77
CA ASP B 226 -43.34 -19.42 -15.08
C ASP B 226 -42.35 -19.63 -16.20
N GLY B 227 -41.33 -20.45 -15.93
CA GLY B 227 -40.43 -20.96 -16.98
C GLY B 227 -39.39 -19.98 -17.49
N LEU B 228 -38.97 -19.01 -16.67
CA LEU B 228 -37.92 -18.11 -17.11
C LEU B 228 -36.59 -18.43 -16.39
N TYR B 229 -35.49 -17.95 -16.98
CA TYR B 229 -34.16 -18.06 -16.38
C TYR B 229 -33.59 -16.68 -16.28
N ILE B 230 -33.16 -16.31 -15.07
CA ILE B 230 -32.70 -14.94 -14.77
C ILE B 230 -31.31 -14.95 -14.12
N ASN B 231 -30.45 -14.11 -14.69
CA ASN B 231 -29.08 -13.96 -14.20
C ASN B 231 -28.84 -12.51 -13.75
N LEU B 232 -28.39 -12.32 -12.52
CA LEU B 232 -28.04 -10.96 -12.03
C LEU B 232 -26.54 -10.83 -11.83
N HIS B 233 -25.93 -9.74 -12.31
CA HIS B 233 -24.47 -9.64 -12.35
C HIS B 233 -24.05 -8.22 -12.58
N GLU B 234 -22.76 -7.98 -12.82
CA GLU B 234 -22.29 -6.66 -13.22
C GLU B 234 -21.23 -6.82 -14.27
N ALA B 235 -20.90 -5.70 -14.91
CA ALA B 235 -19.97 -5.72 -16.01
C ALA B 235 -19.06 -4.53 -15.87
N ALA B 236 -17.77 -4.70 -16.19
CA ALA B 236 -16.83 -3.56 -16.19
C ALA B 236 -16.60 -2.99 -14.77
N LEU B 237 -16.20 -3.86 -13.86
CA LEU B 237 -15.96 -3.45 -12.47
C LEU B 237 -14.60 -2.78 -12.39
N VAL B 238 -14.55 -1.48 -12.64
CA VAL B 238 -13.32 -0.75 -12.72
C VAL B 238 -13.46 0.52 -11.88
N ASP B 239 -12.41 0.82 -11.10
CA ASP B 239 -12.37 2.02 -10.22
C ASP B 239 -13.64 2.10 -9.36
N TYR B 240 -13.99 0.97 -8.74
CA TYR B 240 -15.23 0.84 -8.00
C TYR B 240 -15.09 -0.41 -7.17
N SER B 241 -15.97 -0.53 -6.19
CA SER B 241 -15.90 -1.67 -5.28
C SER B 241 -16.82 -2.80 -5.74
N CYS B 242 -16.47 -4.05 -5.46
CA CYS B 242 -17.25 -5.17 -5.95
C CYS B 242 -18.68 -5.23 -5.35
N MET B 243 -19.68 -5.34 -6.24
CA MET B 243 -21.09 -5.55 -5.85
C MET B 243 -21.51 -6.97 -5.47
N HIS B 244 -22.09 -7.12 -4.28
CA HIS B 244 -22.81 -8.34 -3.86
C HIS B 244 -24.30 -8.02 -3.84
N LEU B 245 -25.12 -8.99 -3.48
CA LEU B 245 -26.56 -8.78 -3.42
C LEU B 245 -27.05 -9.21 -2.07
N ASN B 246 -27.90 -8.38 -1.47
CA ASN B 246 -28.52 -8.67 -0.20
C ASN B 246 -30.01 -8.81 -0.46
N LEU B 247 -30.55 -9.96 -0.07
CA LEU B 247 -31.93 -10.26 -0.34
C LEU B 247 -32.84 -9.83 0.81
N ASP B 248 -33.87 -9.07 0.49
CA ASP B 248 -34.94 -8.82 1.43
C ASP B 248 -35.94 -9.96 1.17
N ASP B 249 -35.96 -10.92 2.08
CA ASP B 249 -36.70 -12.17 1.83
C ASP B 249 -38.16 -12.06 2.31
N LYS B 250 -38.58 -10.85 2.67
CA LYS B 250 -39.98 -10.59 2.91
C LYS B 250 -40.57 -10.22 1.56
N ASN B 251 -40.01 -9.20 0.91
CA ASN B 251 -40.48 -8.73 -0.39
C ASN B 251 -39.81 -9.36 -1.63
N MET B 252 -38.82 -10.22 -1.42
CA MET B 252 -38.06 -10.78 -2.52
C MET B 252 -37.41 -9.73 -3.42
N VAL B 253 -36.81 -8.72 -2.79
CA VAL B 253 -36.04 -7.71 -3.48
C VAL B 253 -34.54 -7.93 -3.16
N PHE B 254 -33.73 -8.09 -4.22
CA PHE B 254 -32.26 -8.10 -4.06
C PHE B 254 -31.81 -6.67 -4.16
N GLU B 255 -30.77 -6.33 -3.41
CA GLU B 255 -30.23 -4.98 -3.51
C GLU B 255 -28.68 -4.95 -3.49
N SER B 256 -28.09 -4.11 -4.32
CA SER B 256 -26.64 -3.95 -4.38
C SER B 256 -26.05 -3.77 -3.00
N TRP B 257 -24.98 -4.50 -2.68
CA TRP B 257 -24.28 -4.30 -1.40
C TRP B 257 -22.78 -4.32 -1.68
N LEU B 258 -22.11 -3.16 -1.65
CA LEU B 258 -20.74 -3.08 -2.18
C LEU B 258 -19.75 -3.48 -1.06
N THR B 259 -18.48 -3.63 -1.40
CA THR B 259 -17.48 -4.20 -0.43
C THR B 259 -16.79 -3.04 0.29
N PRO B 260 -16.80 -3.04 1.62
CA PRO B 260 -16.24 -1.86 2.29
C PRO B 260 -14.72 -1.87 2.29
N ASP B 261 -14.13 -0.67 2.40
CA ASP B 261 -12.73 -0.56 2.68
C ASP B 261 -12.39 -0.69 4.18
N ALA B 262 -11.13 -0.44 4.52
CA ALA B 262 -10.67 -0.59 5.89
C ALA B 262 -11.44 0.33 6.87
N LYS B 263 -12.03 1.43 6.40
CA LYS B 263 -12.74 2.32 7.35
C LYS B 263 -14.25 2.10 7.28
N GLY B 264 -14.66 1.06 6.54
CA GLY B 264 -16.10 0.81 6.34
C GLY B 264 -16.72 1.59 5.16
N ASP B 265 -15.92 2.36 4.44
CA ASP B 265 -16.47 3.12 3.29
C ASP B 265 -16.54 2.32 1.96
N LYS B 266 -17.33 2.81 0.98
CA LYS B 266 -17.61 1.95 -0.19
C LYS B 266 -17.38 2.62 -1.56
N GLY B 267 -16.40 3.49 -1.65
CA GLY B 267 -15.92 3.98 -2.94
C GLY B 267 -15.57 5.45 -2.97
N TYR B 268 -14.33 5.73 -3.36
CA TYR B 268 -13.86 7.09 -3.51
C TYR B 268 -13.97 7.43 -4.96
N MET B 269 -14.84 8.38 -5.22
CA MET B 269 -15.19 8.74 -6.57
CA MET B 269 -15.21 8.75 -6.56
C MET B 269 -14.70 10.15 -6.86
N GLN B 270 -14.45 10.40 -8.17
CA GLN B 270 -14.09 11.72 -8.64
C GLN B 270 -14.70 11.92 -10.03
N THR B 271 -15.52 12.96 -10.18
CA THR B 271 -16.24 13.12 -11.45
C THR B 271 -15.27 13.67 -12.49
N PRO B 272 -15.50 13.37 -13.77
CA PRO B 272 -16.60 12.51 -14.19
C PRO B 272 -16.25 11.03 -14.02
N CYS B 273 -17.21 10.23 -13.59
CA CYS B 273 -16.96 8.82 -13.33
C CYS B 273 -18.26 8.05 -13.51
N ASN B 274 -18.15 6.74 -13.65
CA ASN B 274 -19.34 5.91 -13.85
C ASN B 274 -19.31 4.79 -12.86
N THR B 275 -20.47 4.31 -12.43
CA THR B 275 -20.49 2.98 -11.81
C THR B 275 -20.29 1.88 -12.86
N PRO B 276 -19.95 0.65 -12.43
CA PRO B 276 -20.00 -0.41 -13.42
C PRO B 276 -21.46 -0.67 -13.83
N TRP B 277 -21.65 -1.43 -14.90
CA TRP B 277 -23.02 -1.84 -15.30
C TRP B 277 -23.55 -2.91 -14.37
N ARG B 278 -24.87 -2.94 -14.25
CA ARG B 278 -25.60 -3.95 -13.50
C ARG B 278 -26.45 -4.63 -14.52
N THR B 279 -26.47 -5.96 -14.51
CA THR B 279 -27.10 -6.71 -15.61
C THR B 279 -28.18 -7.63 -15.17
N ILE B 280 -29.29 -7.61 -15.92
CA ILE B 280 -30.31 -8.64 -15.80
C ILE B 280 -30.39 -9.41 -17.12
N ILE B 281 -29.93 -10.66 -17.10
CA ILE B 281 -29.95 -11.51 -18.31
C ILE B 281 -31.12 -12.48 -18.19
N VAL B 282 -31.95 -12.52 -19.21
CA VAL B 282 -33.21 -13.27 -19.07
C VAL B 282 -33.64 -14.01 -20.36
N SER B 283 -34.20 -15.22 -20.22
CA SER B 283 -34.72 -15.98 -21.39
C SER B 283 -35.61 -17.11 -20.92
N ASP B 284 -36.42 -17.67 -21.82
CA ASP B 284 -37.24 -18.85 -21.50
C ASP B 284 -36.49 -20.16 -21.78
N ASP B 285 -35.30 -20.03 -22.34
CA ASP B 285 -34.44 -21.15 -22.67
C ASP B 285 -33.07 -21.02 -21.92
N ALA B 286 -32.84 -21.90 -20.96
CA ALA B 286 -31.59 -21.86 -20.21
C ALA B 286 -30.37 -21.71 -21.14
N ARG B 287 -30.38 -22.36 -22.31
CA ARG B 287 -29.27 -22.17 -23.26
C ARG B 287 -28.93 -20.72 -23.67
N ASN B 288 -29.93 -19.84 -23.68
CA ASN B 288 -29.70 -18.47 -24.09
C ASN B 288 -28.98 -17.67 -22.99
N ILE B 289 -28.98 -18.18 -21.77
CA ILE B 289 -28.19 -17.53 -20.73
C ILE B 289 -26.70 -17.72 -21.04
N LEU B 290 -26.36 -18.95 -21.43
CA LEU B 290 -24.99 -19.26 -21.85
C LEU B 290 -24.58 -18.50 -23.11
N ALA B 291 -25.54 -18.24 -24.00
CA ALA B 291 -25.21 -17.60 -25.28
C ALA B 291 -25.05 -16.10 -25.14
N SER B 292 -25.56 -15.53 -24.05
CA SER B 292 -25.53 -14.09 -23.91
C SER B 292 -24.13 -13.49 -23.90
N ARG B 293 -23.94 -12.38 -24.59
CA ARG B 293 -22.64 -11.68 -24.52
C ARG B 293 -22.80 -10.25 -24.03
N ILE B 294 -23.86 -10.03 -23.27
CA ILE B 294 -24.11 -8.71 -22.69
C ILE B 294 -22.94 -8.24 -21.83
N THR B 295 -22.42 -9.12 -20.96
CA THR B 295 -21.26 -8.76 -20.13
C THR B 295 -20.06 -8.28 -20.92
N LEU B 296 -19.64 -9.08 -21.90
CA LEU B 296 -18.51 -8.64 -22.72
C LEU B 296 -18.85 -7.39 -23.48
N ASN B 297 -20.09 -7.32 -24.00
CA ASN B 297 -20.54 -6.15 -24.80
C ASN B 297 -20.56 -4.84 -24.05
N LEU B 298 -20.73 -4.91 -22.75
CA LEU B 298 -20.74 -3.68 -21.97
C LEU B 298 -19.34 -3.24 -21.55
N ASN B 299 -18.31 -3.99 -21.91
CA ASN B 299 -16.97 -3.53 -21.56
C ASN B 299 -16.35 -2.69 -22.68
N GLU B 300 -15.38 -1.85 -22.34
CA GLU B 300 -14.63 -1.04 -23.30
C GLU B 300 -13.82 -1.94 -24.23
N PRO B 301 -13.75 -1.54 -25.52
CA PRO B 301 -13.01 -2.27 -26.50
C PRO B 301 -11.56 -2.48 -26.14
N CYS B 302 -10.99 -3.51 -26.73
CA CYS B 302 -9.59 -3.85 -26.54
C CYS B 302 -8.73 -2.58 -26.52
N LYS B 303 -7.81 -2.50 -25.57
CA LYS B 303 -6.91 -1.36 -25.49
C LYS B 303 -5.45 -1.79 -25.68
N ILE B 304 -5.24 -3.07 -25.95
CA ILE B 304 -3.90 -3.61 -26.24
C ILE B 304 -3.78 -3.79 -27.76
N ALA B 305 -3.38 -2.74 -28.48
CA ALA B 305 -3.30 -2.76 -29.95
C ALA B 305 -2.70 -4.05 -30.55
N ASP B 306 -1.51 -4.46 -30.12
CA ASP B 306 -0.90 -5.61 -30.78
C ASP B 306 -1.26 -6.94 -30.12
N ALA B 307 -2.44 -7.01 -29.50
CA ALA B 307 -2.80 -8.16 -28.67
C ALA B 307 -2.74 -9.50 -29.43
N ALA B 308 -3.42 -9.54 -30.57
CA ALA B 308 -3.44 -10.74 -31.42
C ALA B 308 -2.06 -11.32 -31.78
N SER B 309 -1.00 -10.52 -31.67
CA SER B 309 0.32 -11.00 -32.06
C SER B 309 1.05 -11.69 -30.92
N TRP B 310 0.55 -11.55 -29.68
CA TRP B 310 1.25 -12.22 -28.59
C TRP B 310 0.36 -12.96 -27.61
N VAL B 311 -0.91 -12.55 -27.51
CA VAL B 311 -1.83 -13.19 -26.56
C VAL B 311 -2.27 -14.48 -27.21
N LYS B 312 -2.01 -15.62 -26.57
CA LYS B 312 -2.33 -16.94 -27.13
C LYS B 312 -2.84 -17.91 -26.07
N PRO B 313 -3.79 -18.79 -26.44
CA PRO B 313 -4.23 -19.86 -25.55
C PRO B 313 -3.07 -20.76 -25.04
N VAL B 314 -3.26 -21.38 -23.88
CA VAL B 314 -2.21 -22.17 -23.27
C VAL B 314 -2.80 -23.46 -22.74
N LYS B 315 -2.36 -24.61 -23.28
CA LYS B 315 -2.68 -25.88 -22.66
C LYS B 315 -1.49 -26.27 -21.79
N TYR B 316 -1.70 -26.67 -20.55
CA TYR B 316 -0.54 -26.93 -19.73
C TYR B 316 -0.69 -28.02 -18.71
N ILE B 317 0.43 -28.51 -18.17
CA ILE B 317 0.49 -29.36 -16.98
C ILE B 317 1.30 -28.66 -15.93
N GLY B 318 1.45 -29.23 -14.73
CA GLY B 318 2.26 -28.48 -13.77
C GLY B 318 2.73 -29.33 -12.63
N VAL B 319 3.85 -28.94 -12.02
CA VAL B 319 4.21 -29.47 -10.72
C VAL B 319 3.27 -28.74 -9.75
N TRP B 320 2.28 -29.45 -9.21
CA TRP B 320 1.07 -28.79 -8.68
C TRP B 320 0.18 -29.69 -7.81
N TRP B 321 -0.44 -30.72 -8.42
CA TRP B 321 -1.30 -31.62 -7.70
C TRP B 321 -0.52 -32.29 -6.59
N ASP B 322 0.79 -32.50 -6.79
CA ASP B 322 1.63 -33.01 -5.70
C ASP B 322 1.37 -32.24 -4.40
N MET B 323 1.46 -30.91 -4.47
CA MET B 323 1.38 -30.08 -3.28
C MET B 323 -0.05 -29.93 -2.83
N ILE B 324 -0.96 -29.82 -3.79
CA ILE B 324 -2.38 -29.74 -3.48
C ILE B 324 -2.90 -30.94 -2.66
N THR B 325 -2.53 -32.17 -3.07
CA THR B 325 -2.90 -33.36 -2.32
C THR B 325 -2.03 -33.62 -1.08
N GLY B 326 -0.88 -32.95 -0.98
CA GLY B 326 0.00 -33.21 0.17
C GLY B 326 1.07 -34.28 -0.05
N LYS B 327 1.12 -34.82 -1.27
CA LYS B 327 2.20 -35.76 -1.63
C LYS B 327 3.56 -35.06 -1.55
N GLY B 328 3.59 -33.81 -2.01
CA GLY B 328 4.80 -33.03 -2.00
C GLY B 328 4.55 -31.70 -1.34
N SER B 329 5.60 -30.90 -1.23
CA SER B 329 5.52 -29.65 -0.51
C SER B 329 6.00 -28.51 -1.40
N TRP B 330 5.54 -27.30 -1.12
CA TRP B 330 6.05 -26.13 -1.84
C TRP B 330 7.37 -25.72 -1.20
N ALA B 331 7.48 -25.97 0.09
CA ALA B 331 8.67 -25.62 0.85
C ALA B 331 9.84 -26.54 0.54
N TYR B 332 11.04 -25.98 0.58
CA TYR B 332 12.26 -26.70 0.34
C TYR B 332 12.72 -27.39 1.60
N THR B 333 12.49 -26.79 2.76
CA THR B 333 12.98 -27.37 4.05
C THR B 333 11.95 -27.40 5.17
N ASP B 334 12.20 -28.23 6.17
CA ASP B 334 11.24 -28.38 7.24
C ASP B 334 11.90 -28.05 8.55
N GLU B 335 13.18 -27.71 8.49
CA GLU B 335 13.89 -27.54 9.74
C GLU B 335 13.83 -26.13 10.34
N LEU B 336 13.33 -25.13 9.61
CA LEU B 336 13.26 -23.75 10.17
C LEU B 336 11.87 -23.38 10.70
N THR B 337 11.81 -22.76 11.86
CA THR B 337 10.47 -22.41 12.37
C THR B 337 9.86 -21.19 11.62
N SER B 338 10.69 -20.46 10.89
CA SER B 338 10.25 -19.35 10.04
C SER B 338 11.47 -18.95 9.24
N VAL B 339 11.27 -18.21 8.15
CA VAL B 339 12.39 -17.79 7.33
C VAL B 339 12.36 -16.27 7.21
N LYS B 340 13.52 -15.68 6.95
CA LYS B 340 13.66 -14.29 6.57
C LYS B 340 14.52 -14.19 5.32
N LEU B 341 13.93 -13.73 4.23
CA LEU B 341 14.59 -13.64 2.93
C LEU B 341 15.74 -12.67 2.97
N GLY B 342 16.84 -13.02 2.30
CA GLY B 342 18.07 -12.23 2.35
C GLY B 342 18.89 -12.58 3.59
N GLU B 343 18.34 -13.40 4.48
CA GLU B 343 19.09 -13.79 5.70
C GLU B 343 19.20 -15.30 5.86
N THR B 344 18.06 -15.97 5.87
CA THR B 344 18.03 -17.43 5.72
C THR B 344 18.97 -17.90 4.57
N ASP B 345 19.93 -18.75 4.91
CA ASP B 345 20.81 -19.36 3.89
C ASP B 345 20.35 -20.80 3.55
N TYR B 346 19.52 -20.92 2.52
CA TYR B 346 18.90 -22.19 2.19
C TYR B 346 19.93 -23.31 1.92
N SER B 347 21.08 -22.95 1.37
CA SER B 347 22.15 -23.92 1.11
C SER B 347 22.63 -24.57 2.41
N LYS B 348 22.32 -23.96 3.54
CA LYS B 348 22.72 -24.55 4.81
C LYS B 348 21.56 -25.29 5.44
N THR B 349 20.49 -25.50 4.70
CA THR B 349 19.34 -26.17 5.32
C THR B 349 19.17 -27.56 4.72
N LYS B 350 18.52 -28.44 5.47
CA LYS B 350 18.29 -29.81 5.01
C LYS B 350 17.02 -29.93 4.14
N PRO B 351 17.18 -30.46 2.90
CA PRO B 351 16.01 -30.73 2.07
C PRO B 351 15.02 -31.61 2.83
N ASN B 352 13.72 -31.38 2.65
CA ASN B 352 12.74 -32.14 3.43
C ASN B 352 12.34 -33.47 2.75
N GLY B 353 12.84 -33.70 1.54
CA GLY B 353 12.60 -34.96 0.84
C GLY B 353 11.27 -34.96 0.11
N LYS B 354 10.57 -33.83 0.15
CA LYS B 354 9.25 -33.76 -0.47
C LYS B 354 9.05 -32.61 -1.43
N HIS B 355 10.12 -31.88 -1.70
CA HIS B 355 10.04 -30.64 -2.50
C HIS B 355 9.94 -30.97 -3.98
N SER B 356 8.73 -30.87 -4.54
CA SER B 356 8.49 -31.22 -5.96
C SER B 356 9.12 -30.34 -7.01
N ALA B 357 9.33 -29.06 -6.72
CA ALA B 357 9.91 -28.16 -7.72
C ALA B 357 11.46 -28.32 -7.75
N ASN B 358 11.94 -29.55 -8.00
CA ASN B 358 13.39 -29.74 -8.12
C ASN B 358 13.71 -29.98 -9.59
N THR B 359 14.91 -29.59 -10.01
CA THR B 359 15.25 -29.62 -11.44
C THR B 359 14.95 -30.98 -12.10
N ALA B 360 15.41 -32.07 -11.52
CA ALA B 360 15.19 -33.37 -12.19
C ALA B 360 13.69 -33.68 -12.40
N ASN B 361 12.87 -33.43 -11.36
CA ASN B 361 11.43 -33.68 -11.44
C ASN B 361 10.77 -32.77 -12.48
N VAL B 362 11.10 -31.48 -12.45
CA VAL B 362 10.59 -30.52 -13.44
C VAL B 362 10.93 -30.97 -14.85
N LYS B 363 12.16 -31.46 -15.04
CA LYS B 363 12.53 -31.97 -16.38
C LYS B 363 11.65 -33.17 -16.81
N ARG B 364 11.34 -34.09 -15.91
CA ARG B 364 10.41 -35.17 -16.27
C ARG B 364 9.05 -34.59 -16.71
N TYR B 365 8.55 -33.54 -16.02
CA TYR B 365 7.28 -32.92 -16.49
C TYR B 365 7.46 -32.33 -17.89
N ILE B 366 8.63 -31.75 -18.15
CA ILE B 366 8.86 -31.10 -19.45
C ILE B 366 8.82 -32.16 -20.58
N ASP B 367 9.49 -33.29 -20.31
CA ASP B 367 9.53 -34.42 -21.25
C ASP B 367 8.10 -34.78 -21.63
N PHE B 368 7.27 -35.00 -20.60
CA PHE B 368 5.86 -35.41 -20.83
C PHE B 368 5.12 -34.37 -21.61
N ALA B 369 5.28 -33.12 -21.24
CA ALA B 369 4.55 -32.05 -21.87
C ALA B 369 4.90 -31.92 -23.35
N ALA B 370 6.19 -31.97 -23.64
CA ALA B 370 6.62 -31.89 -25.02
C ALA B 370 6.19 -33.16 -25.75
N ALA B 371 6.42 -34.31 -25.13
CA ALA B 371 6.00 -35.56 -25.81
C ALA B 371 4.58 -35.49 -26.32
N HIS B 372 3.68 -34.82 -25.59
CA HIS B 372 2.25 -34.87 -25.94
C HIS B 372 1.61 -33.61 -26.48
N GLY B 373 2.44 -32.66 -26.92
CA GLY B 373 1.96 -31.45 -27.59
C GLY B 373 1.39 -30.36 -26.67
N PHE B 374 1.79 -30.34 -25.39
CA PHE B 374 1.37 -29.24 -24.49
C PHE B 374 2.17 -27.97 -24.76
N ASP B 375 1.60 -26.82 -24.40
CA ASP B 375 2.34 -25.53 -24.49
C ASP B 375 3.28 -25.20 -23.35
N ALA B 376 2.87 -25.48 -22.12
CA ALA B 376 3.58 -24.95 -20.98
C ALA B 376 3.60 -25.91 -19.80
N VAL B 377 4.56 -25.72 -18.89
CA VAL B 377 4.61 -26.48 -17.62
C VAL B 377 4.68 -25.45 -16.48
N LEU B 378 3.75 -25.49 -15.53
CA LEU B 378 3.72 -24.60 -14.36
C LEU B 378 4.56 -25.26 -13.29
N VAL B 379 5.35 -24.49 -12.55
CA VAL B 379 5.97 -25.06 -11.37
C VAL B 379 5.69 -24.16 -10.19
N GLU B 380 5.21 -24.75 -9.10
CA GLU B 380 4.96 -23.99 -7.88
C GLU B 380 5.93 -24.49 -6.80
N GLY B 381 6.43 -23.55 -5.99
CA GLY B 381 7.38 -23.88 -4.95
C GLY B 381 8.80 -23.70 -5.45
N TRP B 382 8.98 -22.94 -6.52
CA TRP B 382 10.33 -22.79 -7.09
C TRP B 382 11.20 -21.76 -6.34
N ASN B 383 10.55 -20.86 -5.59
CA ASN B 383 11.22 -19.67 -5.05
C ASN B 383 11.31 -19.66 -3.52
N GLU B 384 12.35 -19.04 -3.01
CA GLU B 384 12.50 -18.81 -1.56
C GLU B 384 11.24 -18.27 -0.87
N GLY B 385 10.99 -18.77 0.34
CA GLY B 385 9.94 -18.24 1.21
C GLY B 385 8.74 -19.13 1.48
N TRP B 386 8.60 -20.26 0.79
CA TRP B 386 7.37 -21.05 0.91
C TRP B 386 7.18 -21.66 2.28
N GLU B 387 8.25 -21.83 3.03
CA GLU B 387 8.05 -22.26 4.40
C GLU B 387 7.01 -21.40 5.17
N ASP B 388 6.87 -20.11 4.84
CA ASP B 388 6.03 -19.22 5.65
C ASP B 388 4.81 -18.72 4.86
N TRP B 389 4.47 -19.40 3.77
CA TRP B 389 3.47 -18.88 2.85
C TRP B 389 2.06 -18.78 3.41
N PHE B 390 1.77 -19.50 4.50
CA PHE B 390 0.38 -19.66 4.88
C PHE B 390 -0.02 -19.03 6.20
N GLY B 391 -0.95 -18.09 6.11
CA GLY B 391 -1.63 -17.64 7.32
C GLY B 391 -0.81 -16.83 8.32
N ASN B 392 0.35 -16.31 7.93
CA ASN B 392 1.19 -15.60 8.92
C ASN B 392 1.03 -14.09 8.89
N SER B 393 0.21 -13.61 7.94
CA SER B 393 0.11 -12.16 7.66
C SER B 393 1.50 -11.55 7.50
N LYS B 394 2.35 -12.29 6.80
CA LYS B 394 3.74 -11.91 6.61
C LYS B 394 3.90 -10.93 5.44
N ASP B 395 4.54 -9.79 5.71
CA ASP B 395 4.74 -8.72 4.70
C ASP B 395 5.74 -9.08 3.63
N TYR B 396 7.00 -9.31 4.02
CA TYR B 396 8.05 -9.60 3.05
C TYR B 396 8.17 -11.11 2.85
N VAL B 397 7.16 -11.65 2.22
CA VAL B 397 6.95 -13.10 2.20
C VAL B 397 7.64 -13.78 1.03
N PHE B 398 7.63 -13.13 -0.13
CA PHE B 398 8.37 -13.59 -1.33
C PHE B 398 9.12 -12.42 -1.98
N ASP B 399 10.15 -12.71 -2.79
CA ASP B 399 10.76 -11.69 -3.67
C ASP B 399 10.52 -11.97 -5.12
N PHE B 400 9.91 -13.13 -5.42
CA PHE B 400 9.50 -13.52 -6.82
C PHE B 400 10.61 -13.69 -7.84
N VAL B 401 11.84 -13.84 -7.35
CA VAL B 401 12.99 -13.91 -8.28
C VAL B 401 14.09 -14.87 -7.83
N THR B 402 14.21 -15.11 -6.54
CA THR B 402 15.29 -16.00 -6.04
C THR B 402 14.87 -17.47 -5.91
N PRO B 403 15.50 -18.37 -6.69
CA PRO B 403 15.10 -19.75 -6.65
C PRO B 403 15.73 -20.53 -5.49
N TYR B 404 15.09 -21.64 -5.14
CA TYR B 404 15.60 -22.51 -4.11
C TYR B 404 16.87 -23.21 -4.63
N PRO B 405 17.67 -23.77 -3.72
CA PRO B 405 18.93 -24.41 -4.17
C PRO B 405 18.74 -25.58 -5.19
N ASP B 406 17.60 -26.27 -5.16
CA ASP B 406 17.38 -27.43 -5.99
C ASP B 406 16.55 -27.05 -7.24
N PHE B 407 16.43 -25.77 -7.53
CA PHE B 407 15.67 -25.37 -8.75
C PHE B 407 16.57 -24.52 -9.62
N ASP B 408 16.98 -25.07 -10.75
CA ASP B 408 17.99 -24.41 -11.56
C ASP B 408 17.29 -23.65 -12.65
N VAL B 409 17.07 -22.35 -12.45
CA VAL B 409 16.28 -21.56 -13.40
C VAL B 409 16.82 -21.61 -14.82
N LYS B 410 18.12 -21.40 -14.99
CA LYS B 410 18.70 -21.34 -16.33
C LYS B 410 18.61 -22.69 -17.06
N GLU B 411 19.00 -23.74 -16.35
CA GLU B 411 18.97 -25.05 -16.97
C GLU B 411 17.54 -25.45 -17.34
N ILE B 412 16.59 -25.16 -16.45
CA ILE B 412 15.20 -25.55 -16.71
C ILE B 412 14.73 -24.79 -17.94
N HIS B 413 15.10 -23.51 -18.02
CA HIS B 413 14.75 -22.68 -19.17
C HIS B 413 15.36 -23.29 -20.43
N ARG B 414 16.62 -23.74 -20.31
CA ARG B 414 17.37 -24.24 -21.47
C ARG B 414 16.68 -25.50 -21.94
N TYR B 415 16.39 -26.38 -20.98
CA TYR B 415 15.76 -27.66 -21.28
C TYR B 415 14.42 -27.46 -21.98
N ALA B 416 13.56 -26.63 -21.40
CA ALA B 416 12.21 -26.39 -21.97
C ALA B 416 12.21 -25.83 -23.36
N ALA B 417 12.99 -24.77 -23.56
CA ALA B 417 13.06 -24.06 -24.84
C ALA B 417 13.57 -24.99 -25.96
N ARG B 418 14.62 -25.75 -25.67
CA ARG B 418 15.15 -26.69 -26.67
C ARG B 418 14.11 -27.72 -27.09
N LYS B 419 13.13 -28.00 -26.20
CA LYS B 419 12.07 -28.95 -26.53
C LYS B 419 10.73 -28.29 -26.89
N GLY B 420 10.71 -26.97 -27.08
CA GLY B 420 9.48 -26.34 -27.61
C GLY B 420 8.46 -25.99 -26.51
N ILE B 421 8.91 -26.04 -25.25
CA ILE B 421 8.00 -25.83 -24.09
C ILE B 421 8.28 -24.47 -23.44
N LYS B 422 7.23 -23.79 -23.00
CA LYS B 422 7.36 -22.55 -22.14
C LYS B 422 7.18 -22.91 -20.68
N MET B 423 7.97 -22.30 -19.79
CA MET B 423 7.69 -22.44 -18.36
CA MET B 423 7.68 -22.45 -18.37
C MET B 423 6.68 -21.37 -18.00
N MET B 424 5.68 -21.76 -17.19
CA MET B 424 4.69 -20.79 -16.75
C MET B 424 5.11 -20.32 -15.36
N MET B 425 5.29 -19.01 -15.18
CA MET B 425 5.67 -18.44 -13.89
C MET B 425 4.58 -18.56 -12.84
N HIS B 426 5.01 -18.73 -11.59
CA HIS B 426 4.08 -18.71 -10.48
C HIS B 426 4.43 -17.59 -9.49
N HIS B 427 3.48 -16.67 -9.30
CA HIS B 427 3.57 -15.59 -8.32
C HIS B 427 2.48 -15.71 -7.22
N GLU B 428 2.59 -16.68 -6.31
CA GLU B 428 1.78 -16.60 -5.09
C GLU B 428 2.23 -15.39 -4.24
N THR B 429 1.28 -14.56 -3.80
CA THR B 429 1.63 -13.38 -2.96
C THR B 429 1.41 -13.58 -1.47
N SER B 430 0.65 -14.61 -1.10
CA SER B 430 0.22 -14.80 0.28
C SER B 430 -0.51 -13.56 0.74
N ALA B 431 -1.14 -12.91 -0.23
CA ALA B 431 -2.02 -11.76 0.03
C ALA B 431 -1.23 -10.56 0.55
N SER B 432 0.09 -10.55 0.36
CA SER B 432 0.91 -9.43 0.80
C SER B 432 1.05 -8.50 -0.39
N VAL B 433 0.13 -7.54 -0.50
CA VAL B 433 -0.07 -6.86 -1.77
C VAL B 433 0.94 -5.70 -1.97
N ARG B 434 1.30 -4.96 -0.92
CA ARG B 434 2.34 -3.94 -1.13
C ARG B 434 3.62 -4.63 -1.56
N ASN B 435 3.91 -5.79 -0.95
CA ASN B 435 5.17 -6.45 -1.19
C ASN B 435 5.26 -6.86 -2.63
N TYR B 436 4.13 -7.31 -3.18
CA TYR B 436 4.06 -7.76 -4.58
C TYR B 436 4.27 -6.57 -5.50
N GLU B 437 3.53 -5.47 -5.27
CA GLU B 437 3.75 -4.25 -6.09
C GLU B 437 5.20 -3.79 -6.03
N ARG B 438 5.80 -3.78 -4.84
CA ARG B 438 7.21 -3.31 -4.79
C ARG B 438 8.10 -4.17 -5.65
N HIS B 439 7.81 -5.46 -5.74
CA HIS B 439 8.70 -6.36 -6.48
C HIS B 439 8.26 -6.60 -7.92
N MET B 440 7.20 -5.90 -8.33
CA MET B 440 6.51 -6.24 -9.58
C MET B 440 7.29 -6.07 -10.86
N ASP B 441 7.86 -4.89 -11.08
CA ASP B 441 8.74 -4.72 -12.23
C ASP B 441 9.94 -5.65 -12.18
N LYS B 442 10.58 -5.79 -11.04
CA LYS B 442 11.71 -6.74 -10.97
C LYS B 442 11.24 -8.16 -11.36
N ALA B 443 10.07 -8.58 -10.82
CA ALA B 443 9.51 -9.92 -11.11
C ALA B 443 9.16 -10.11 -12.57
N TYR B 444 8.48 -9.13 -13.19
CA TYR B 444 8.22 -9.23 -14.62
C TYR B 444 9.54 -9.21 -15.44
N GLN B 445 10.48 -8.35 -15.08
CA GLN B 445 11.79 -8.37 -15.73
C GLN B 445 12.47 -9.76 -15.67
N PHE B 446 12.44 -10.38 -14.49
CA PHE B 446 13.03 -11.71 -14.29
C PHE B 446 12.36 -12.72 -15.24
N MET B 447 11.04 -12.57 -15.36
CA MET B 447 10.28 -13.39 -16.29
C MET B 447 10.81 -13.22 -17.71
N ALA B 448 10.94 -11.98 -18.15
CA ALA B 448 11.43 -11.69 -19.51
C ALA B 448 12.86 -12.21 -19.64
N ASP B 449 13.69 -11.98 -18.64
CA ASP B 449 15.10 -12.40 -18.80
C ASP B 449 15.26 -13.92 -18.80
N ASN B 450 14.22 -14.64 -18.40
CA ASN B 450 14.33 -16.05 -18.28
C ASN B 450 13.29 -16.82 -19.07
N GLY B 451 12.67 -16.19 -20.06
CA GLY B 451 11.83 -16.91 -21.00
C GLY B 451 10.40 -17.27 -20.54
N TYR B 452 9.93 -16.66 -19.45
CA TYR B 452 8.53 -16.85 -19.00
C TYR B 452 7.66 -15.72 -19.54
N ASN B 453 6.56 -16.05 -20.19
CA ASN B 453 5.64 -15.03 -20.74
C ASN B 453 4.22 -15.13 -20.22
N SER B 454 3.98 -16.07 -19.31
CA SER B 454 2.66 -16.13 -18.65
C SER B 454 2.88 -16.42 -17.19
N VAL B 455 1.96 -15.91 -16.39
CA VAL B 455 2.09 -16.01 -14.97
C VAL B 455 0.76 -16.33 -14.28
N LYS B 456 0.84 -17.25 -13.31
CA LYS B 456 -0.28 -17.51 -12.45
C LYS B 456 0.02 -16.86 -11.09
N SER B 457 -0.85 -15.97 -10.68
CA SER B 457 -0.69 -15.30 -9.37
C SER B 457 -1.71 -15.81 -8.39
N GLY B 458 -1.55 -15.41 -7.14
CA GLY B 458 -2.49 -15.83 -6.13
C GLY B 458 -2.44 -14.88 -4.94
N TYR B 459 -3.48 -14.94 -4.12
CA TYR B 459 -3.63 -14.00 -3.04
C TYR B 459 -4.30 -14.69 -1.87
N VAL B 460 -3.68 -15.78 -1.40
CA VAL B 460 -4.24 -16.52 -0.27
C VAL B 460 -3.78 -15.89 1.05
N GLY B 461 -4.75 -15.64 1.91
CA GLY B 461 -4.49 -14.94 3.17
C GLY B 461 -5.29 -13.65 3.24
N ASN B 462 -5.43 -13.10 4.44
CA ASN B 462 -6.10 -11.82 4.57
C ASN B 462 -5.18 -10.76 3.98
N ILE B 463 -5.77 -9.87 3.21
CA ILE B 463 -5.06 -8.82 2.50
C ILE B 463 -4.17 -7.98 3.42
N ILE B 464 -2.95 -7.71 2.94
CA ILE B 464 -2.06 -6.72 3.51
C ILE B 464 -1.90 -5.71 2.38
N PRO B 465 -2.25 -4.43 2.59
CA PRO B 465 -2.56 -3.68 3.81
C PRO B 465 -3.75 -4.21 4.60
N ARG B 466 -3.49 -4.41 5.89
CA ARG B 466 -4.40 -5.10 6.79
C ARG B 466 -5.64 -4.27 7.08
N GLY B 467 -6.80 -4.87 6.87
CA GLY B 467 -8.07 -4.14 7.00
C GLY B 467 -8.84 -4.08 5.69
N GLU B 468 -8.13 -4.12 4.57
CA GLU B 468 -8.80 -4.23 3.28
C GLU B 468 -9.32 -5.65 3.02
N HIS B 469 -10.32 -5.78 2.14
CA HIS B 469 -10.85 -7.07 1.68
C HIS B 469 -10.41 -7.38 0.25
N HIS B 470 -10.57 -8.63 -0.16
CA HIS B 470 -10.07 -9.06 -1.46
C HIS B 470 -10.82 -8.31 -2.55
N TYR B 471 -12.09 -7.94 -2.36
CA TYR B 471 -12.93 -7.38 -3.48
C TYR B 471 -13.31 -5.89 -3.35
N GLY B 472 -12.62 -5.20 -2.46
CA GLY B 472 -12.82 -3.74 -2.37
C GLY B 472 -12.21 -2.94 -3.52
N GLN B 473 -12.62 -1.67 -3.64
CA GLN B 473 -12.05 -0.76 -4.64
C GLN B 473 -10.52 -0.77 -4.64
N TRP B 474 -9.92 -0.76 -3.44
CA TRP B 474 -8.45 -0.79 -3.31
C TRP B 474 -7.82 -1.98 -4.06
N MET B 475 -8.24 -3.21 -3.73
CA MET B 475 -7.71 -4.42 -4.38
C MET B 475 -8.12 -4.50 -5.87
N ASN B 476 -9.34 -4.08 -6.18
CA ASN B 476 -9.72 -4.13 -7.59
C ASN B 476 -8.72 -3.37 -8.41
N ASN B 477 -8.34 -2.20 -7.93
CA ASN B 477 -7.31 -1.42 -8.58
C ASN B 477 -6.01 -2.21 -8.62
N HIS B 478 -5.59 -2.80 -7.52
CA HIS B 478 -4.41 -3.64 -7.63
C HIS B 478 -4.47 -4.72 -8.76
N TYR B 479 -5.52 -5.54 -8.80
CA TYR B 479 -5.60 -6.60 -9.78
C TYR B 479 -5.49 -6.07 -11.19
N LEU B 480 -6.12 -4.94 -11.48
CA LEU B 480 -6.07 -4.42 -12.82
C LEU B 480 -4.70 -3.78 -13.09
N TYR B 481 -4.11 -3.16 -12.07
CA TYR B 481 -2.74 -2.66 -12.19
C TYR B 481 -1.75 -3.79 -12.61
N ALA B 482 -1.94 -4.98 -12.07
CA ALA B 482 -1.00 -6.08 -12.35
C ALA B 482 -1.08 -6.50 -13.83
N VAL B 483 -2.28 -6.35 -14.34
CA VAL B 483 -2.62 -6.84 -15.65
C VAL B 483 -2.15 -5.81 -16.64
N LYS B 484 -2.36 -4.54 -16.33
CA LYS B 484 -1.89 -3.45 -17.15
C LYS B 484 -0.37 -3.42 -17.27
N LYS B 485 0.28 -3.58 -16.13
CA LYS B 485 1.71 -3.63 -16.18
C LYS B 485 2.17 -4.87 -16.95
N ALA B 486 1.59 -6.03 -16.67
CA ALA B 486 1.93 -7.21 -17.48
C ALA B 486 1.83 -6.97 -19.01
N ALA B 487 0.75 -6.31 -19.44
CA ALA B 487 0.58 -6.10 -20.85
C ALA B 487 1.77 -5.33 -21.40
N ASP B 488 2.33 -4.41 -20.62
CA ASP B 488 3.49 -3.67 -21.09
C ASP B 488 4.67 -4.60 -21.27
N TYR B 489 4.74 -5.70 -20.53
CA TYR B 489 5.83 -6.65 -20.72
C TYR B 489 5.46 -7.79 -21.70
N LYS B 490 4.31 -7.67 -22.36
CA LYS B 490 3.74 -8.77 -23.15
C LYS B 490 3.58 -10.04 -22.32
N ILE B 491 3.02 -9.90 -21.13
CA ILE B 491 2.83 -11.03 -20.23
C ILE B 491 1.34 -11.28 -20.05
N MET B 492 0.97 -12.55 -20.08
CA MET B 492 -0.37 -13.03 -19.85
C MET B 492 -0.54 -13.38 -18.38
N VAL B 493 -1.70 -13.00 -17.84
CA VAL B 493 -1.96 -13.17 -16.39
C VAL B 493 -3.16 -14.09 -16.10
N ASN B 494 -2.99 -15.00 -15.13
CA ASN B 494 -4.07 -15.78 -14.57
C ASN B 494 -4.05 -15.61 -13.05
N ALA B 495 -5.05 -14.94 -12.51
CA ALA B 495 -4.99 -14.64 -11.06
C ALA B 495 -5.96 -15.43 -10.20
N HIS B 496 -5.42 -16.29 -9.32
CA HIS B 496 -6.25 -16.97 -8.34
C HIS B 496 -6.57 -16.02 -7.15
N GLU B 497 -7.72 -16.22 -6.50
CA GLU B 497 -8.24 -15.39 -5.41
C GLU B 497 -8.61 -13.91 -5.72
N ALA B 498 -8.44 -13.48 -6.97
CA ALA B 498 -8.76 -12.11 -7.34
C ALA B 498 -10.27 -11.96 -7.38
N THR B 499 -10.76 -10.71 -7.39
CA THR B 499 -12.18 -10.43 -7.71
C THR B 499 -12.65 -11.16 -9.00
N ARG B 500 -13.84 -11.74 -8.93
CA ARG B 500 -14.38 -12.58 -10.01
C ARG B 500 -14.66 -11.68 -11.24
N PRO B 501 -14.54 -12.23 -12.46
CA PRO B 501 -14.39 -11.36 -13.62
C PRO B 501 -15.71 -10.76 -14.10
N THR B 502 -15.63 -9.67 -14.87
CA THR B 502 -16.86 -8.94 -15.23
C THR B 502 -16.80 -8.42 -16.67
N GLY B 503 -16.05 -9.15 -17.51
CA GLY B 503 -15.89 -8.79 -18.92
C GLY B 503 -14.61 -8.06 -19.21
N ILE B 504 -13.78 -7.81 -18.19
CA ILE B 504 -12.70 -6.87 -18.49
C ILE B 504 -11.64 -7.44 -19.46
N CYS B 505 -11.68 -8.76 -19.70
CA CYS B 505 -10.74 -9.36 -20.65
C CYS B 505 -10.92 -8.76 -22.03
N ARG B 506 -12.11 -8.27 -22.31
CA ARG B 506 -12.30 -7.61 -23.58
C ARG B 506 -11.33 -6.45 -23.77
N THR B 507 -11.23 -5.60 -22.76
CA THR B 507 -10.35 -4.42 -22.81
C THR B 507 -8.89 -4.82 -22.66
N TYR B 508 -8.65 -5.86 -21.89
CA TYR B 508 -7.27 -6.38 -21.62
C TYR B 508 -7.18 -7.91 -21.81
N PRO B 509 -6.96 -8.34 -23.07
CA PRO B 509 -7.06 -9.76 -23.34
C PRO B 509 -5.87 -10.58 -22.81
N ASN B 510 -4.88 -9.92 -22.24
CA ASN B 510 -3.80 -10.67 -21.60
C ASN B 510 -4.25 -11.25 -20.24
N LEU B 511 -5.45 -10.86 -19.81
CA LEU B 511 -6.12 -11.49 -18.66
C LEU B 511 -6.87 -12.76 -19.10
N ILE B 512 -6.15 -13.87 -19.11
CA ILE B 512 -6.62 -15.11 -19.73
C ILE B 512 -7.17 -16.05 -18.68
N GLY B 513 -7.13 -15.63 -17.42
CA GLY B 513 -7.82 -16.42 -16.42
C GLY B 513 -7.97 -15.81 -15.04
N ASN B 514 -8.84 -16.48 -14.28
CA ASN B 514 -8.91 -16.33 -12.86
C ASN B 514 -9.32 -17.65 -12.29
N GLU B 515 -9.19 -17.79 -10.98
CA GLU B 515 -9.85 -18.90 -10.32
C GLU B 515 -11.16 -18.25 -9.83
N SER B 516 -11.13 -17.67 -8.62
CA SER B 516 -12.18 -16.74 -8.22
C SER B 516 -13.55 -17.47 -8.11
N ALA B 517 -13.46 -18.75 -7.76
CA ALA B 517 -14.60 -19.64 -7.48
C ALA B 517 -13.94 -20.87 -6.91
N ARG B 518 -14.75 -21.84 -6.51
CA ARG B 518 -14.24 -23.12 -6.03
C ARG B 518 -13.76 -24.01 -7.21
N GLY B 519 -12.47 -24.38 -7.22
CA GLY B 519 -11.87 -25.11 -8.34
C GLY B 519 -11.59 -26.58 -8.01
N THR B 520 -10.93 -27.26 -8.93
CA THR B 520 -10.65 -28.69 -8.76
C THR B 520 -9.78 -28.91 -7.52
N GLU B 521 -9.06 -27.89 -7.08
CA GLU B 521 -8.25 -28.06 -5.89
C GLU B 521 -9.11 -28.52 -4.72
N TYR B 522 -10.35 -28.06 -4.65
CA TYR B 522 -11.20 -28.48 -3.49
C TYR B 522 -11.68 -29.95 -3.58
N GLU B 523 -11.50 -30.56 -4.76
CA GLU B 523 -11.74 -31.99 -4.92
C GLU B 523 -10.74 -32.77 -4.07
N SER B 524 -9.64 -32.12 -3.67
CA SER B 524 -8.65 -32.72 -2.80
CA SER B 524 -8.67 -32.75 -2.79
C SER B 524 -8.88 -32.35 -1.34
N PHE B 525 -9.84 -31.45 -1.12
CA PHE B 525 -10.05 -30.97 0.25
C PHE B 525 -11.45 -31.38 0.69
N GLY B 526 -11.94 -32.52 0.21
CA GLY B 526 -13.26 -33.02 0.60
C GLY B 526 -14.19 -33.18 -0.57
N GLY B 527 -13.98 -32.40 -1.61
CA GLY B 527 -14.73 -32.62 -2.86
C GLY B 527 -15.51 -31.39 -3.19
N ASN B 528 -15.91 -31.27 -4.43
CA ASN B 528 -16.92 -30.30 -4.84
C ASN B 528 -18.25 -31.04 -5.02
N LYS B 529 -19.36 -30.30 -4.97
CA LYS B 529 -20.62 -30.98 -5.15
C LYS B 529 -20.64 -31.60 -6.51
N VAL B 530 -21.26 -32.77 -6.61
CA VAL B 530 -21.36 -33.46 -7.88
C VAL B 530 -21.90 -32.55 -8.97
N TYR B 531 -22.81 -31.67 -8.61
CA TYR B 531 -23.39 -30.84 -9.67
C TYR B 531 -22.62 -29.52 -9.96
N HIS B 532 -21.47 -29.36 -9.34
CA HIS B 532 -20.73 -28.04 -9.45
C HIS B 532 -20.51 -27.54 -10.90
N THR B 533 -19.98 -28.39 -11.78
CA THR B 533 -19.70 -27.94 -13.15
C THR B 533 -20.93 -27.72 -14.05
N THR B 534 -22.13 -28.09 -13.55
CA THR B 534 -23.36 -27.77 -14.27
C THR B 534 -23.93 -26.44 -13.81
N ILE B 535 -23.25 -25.78 -12.86
CA ILE B 535 -23.64 -24.45 -12.38
C ILE B 535 -22.62 -23.38 -12.78
N LEU B 536 -21.32 -23.65 -12.58
CA LEU B 536 -20.30 -22.64 -12.94
C LEU B 536 -20.53 -21.91 -14.27
N PRO B 537 -20.85 -22.67 -15.35
CA PRO B 537 -20.94 -21.94 -16.60
C PRO B 537 -22.09 -20.93 -16.60
N PHE B 538 -23.06 -21.12 -15.69
CA PHE B 538 -24.23 -20.22 -15.57
C PHE B 538 -23.98 -19.05 -14.60
N THR B 539 -22.91 -19.15 -13.80
CA THR B 539 -22.62 -18.14 -12.78
C THR B 539 -21.20 -17.56 -12.97
N ARG B 540 -20.22 -18.20 -12.33
CA ARG B 540 -18.85 -17.75 -12.40
C ARG B 540 -18.34 -17.41 -13.81
N LEU B 541 -18.64 -18.27 -14.78
CA LEU B 541 -18.12 -18.08 -16.14
C LEU B 541 -18.69 -16.88 -16.86
N VAL B 542 -19.75 -16.29 -16.34
CA VAL B 542 -20.27 -15.08 -16.99
C VAL B 542 -19.37 -13.90 -16.61
N GLY B 543 -18.63 -13.37 -17.57
CA GLY B 543 -17.64 -12.34 -17.32
C GLY B 543 -16.20 -12.77 -17.63
N GLY B 544 -15.96 -14.08 -17.82
CA GLY B 544 -14.57 -14.57 -17.98
C GLY B 544 -14.29 -16.04 -17.67
N PRO B 545 -13.29 -16.63 -18.36
CA PRO B 545 -12.98 -18.05 -18.19
C PRO B 545 -12.47 -18.31 -16.77
N MET B 546 -12.46 -19.57 -16.39
CA MET B 546 -11.92 -20.00 -15.12
C MET B 546 -10.76 -21.01 -15.33
N ASP B 547 -9.67 -20.79 -14.64
CA ASP B 547 -8.61 -21.81 -14.64
C ASP B 547 -9.09 -22.84 -13.63
N TYR B 548 -9.95 -23.73 -14.11
CA TYR B 548 -10.63 -24.75 -13.29
C TYR B 548 -9.75 -25.96 -12.97
N THR B 549 -8.71 -26.14 -13.79
CA THR B 549 -7.75 -27.27 -13.65
C THR B 549 -8.37 -28.68 -13.65
N PRO B 550 -9.14 -28.97 -14.70
CA PRO B 550 -9.77 -30.29 -14.86
C PRO B 550 -8.78 -31.38 -15.19
N GLY B 551 -9.28 -32.60 -15.44
CA GLY B 551 -8.42 -33.70 -15.96
C GLY B 551 -7.81 -34.62 -14.91
N ILE B 552 -8.49 -34.78 -13.77
CA ILE B 552 -8.07 -35.75 -12.79
C ILE B 552 -8.62 -37.15 -13.17
N PHE B 553 -7.71 -38.12 -13.37
CA PHE B 553 -8.07 -39.47 -13.81
C PHE B 553 -8.01 -40.44 -12.60
N GLU B 554 -7.02 -40.25 -11.75
CA GLU B 554 -6.89 -41.06 -10.55
C GLU B 554 -7.64 -40.27 -9.46
N THR B 555 -8.94 -40.55 -9.28
CA THR B 555 -9.81 -39.63 -8.56
C THR B 555 -9.81 -39.82 -7.04
N HIS B 556 -9.08 -40.82 -6.59
CA HIS B 556 -8.89 -41.07 -5.18
C HIS B 556 -7.58 -40.43 -4.74
N CYS B 557 -7.64 -39.36 -3.95
CA CYS B 557 -6.45 -38.61 -3.59
C CYS B 557 -5.54 -39.43 -2.68
N ASN B 558 -6.06 -40.53 -2.15
CA ASN B 558 -5.21 -41.35 -1.25
C ASN B 558 -4.09 -42.11 -1.96
N LYS B 559 -4.17 -42.22 -3.28
CA LYS B 559 -3.05 -42.79 -4.02
C LYS B 559 -1.87 -41.80 -4.15
N MET B 560 -2.18 -40.50 -4.13
CA MET B 560 -1.17 -39.43 -4.04
C MET B 560 -0.60 -39.34 -2.62
N ASN B 561 -1.48 -39.34 -1.64
CA ASN B 561 -1.06 -39.13 -0.25
C ASN B 561 -1.96 -39.98 0.61
N PRO B 562 -1.39 -41.02 1.23
CA PRO B 562 -2.19 -41.99 2.00
C PRO B 562 -3.04 -41.35 3.11
N ALA B 563 -2.63 -40.19 3.65
CA ALA B 563 -3.46 -39.51 4.65
C ALA B 563 -4.62 -38.67 4.08
N ASN B 564 -4.65 -38.47 2.78
CA ASN B 564 -5.73 -37.70 2.18
C ASN B 564 -6.82 -38.62 1.66
N ASN B 565 -7.98 -38.62 2.30
CA ASN B 565 -9.05 -39.51 1.87
C ASN B 565 -10.10 -38.88 0.97
N SER B 566 -9.77 -37.73 0.40
CA SER B 566 -10.72 -36.98 -0.42
C SER B 566 -10.86 -37.67 -1.77
N GLN B 567 -12.04 -37.55 -2.38
CA GLN B 567 -12.33 -38.19 -3.65
C GLN B 567 -12.95 -37.19 -4.62
N VAL B 568 -12.38 -37.08 -5.80
CA VAL B 568 -12.95 -36.19 -6.80
C VAL B 568 -14.37 -36.63 -7.22
N ARG B 569 -15.33 -35.70 -7.20
CA ARG B 569 -16.72 -36.02 -7.53
C ARG B 569 -16.93 -36.09 -9.04
N SER B 570 -16.30 -37.06 -9.71
CA SER B 570 -16.38 -37.16 -11.17
C SER B 570 -16.08 -38.58 -11.67
N THR B 571 -16.59 -38.87 -12.86
CA THR B 571 -16.06 -39.99 -13.69
C THR B 571 -14.91 -39.46 -14.55
N ILE B 572 -14.11 -40.38 -15.08
CA ILE B 572 -13.05 -40.00 -15.98
C ILE B 572 -13.67 -39.34 -17.21
N ALA B 573 -14.72 -39.91 -17.74
CA ALA B 573 -15.32 -39.29 -18.92
C ALA B 573 -15.79 -37.85 -18.64
N ARG B 574 -16.28 -37.57 -17.44
CA ARG B 574 -16.80 -36.23 -17.25
C ARG B 574 -15.64 -35.25 -17.21
N GLN B 575 -14.48 -35.67 -16.67
CA GLN B 575 -13.28 -34.79 -16.68
C GLN B 575 -12.90 -34.39 -18.08
N LEU B 576 -13.00 -35.33 -19.02
CA LEU B 576 -12.71 -35.01 -20.42
C LEU B 576 -13.71 -34.01 -20.95
N ALA B 577 -14.97 -34.18 -20.58
CA ALA B 577 -16.05 -33.24 -20.96
C ALA B 577 -15.74 -31.78 -20.61
N LEU B 578 -15.08 -31.58 -19.48
CA LEU B 578 -14.89 -30.18 -18.99
C LEU B 578 -13.99 -29.35 -19.89
N TYR B 579 -13.13 -30.00 -20.68
CA TYR B 579 -12.29 -29.24 -21.62
C TYR B 579 -13.16 -28.54 -22.64
N VAL B 580 -14.43 -28.88 -22.67
CA VAL B 580 -15.40 -28.23 -23.58
C VAL B 580 -16.52 -27.50 -22.81
N THR B 581 -16.97 -28.07 -21.68
CA THR B 581 -18.08 -27.47 -20.91
C THR B 581 -17.64 -26.41 -19.91
N MET B 582 -16.33 -26.30 -19.67
CA MET B 582 -15.81 -25.20 -18.83
C MET B 582 -14.87 -24.42 -19.71
N TYR B 583 -15.44 -23.48 -20.47
CA TYR B 583 -14.70 -22.74 -21.45
C TYR B 583 -13.50 -22.03 -20.83
N SER B 584 -12.33 -22.12 -21.47
CA SER B 584 -11.19 -21.33 -21.04
C SER B 584 -10.10 -21.38 -22.09
N PRO B 585 -9.46 -20.24 -22.38
CA PRO B 585 -8.35 -20.29 -23.34
C PRO B 585 -7.12 -20.85 -22.61
N LEU B 586 -7.24 -21.06 -21.30
CA LEU B 586 -6.14 -21.59 -20.47
C LEU B 586 -6.63 -22.89 -19.82
N GLN B 587 -6.07 -24.04 -20.25
CA GLN B 587 -6.59 -25.37 -19.83
C GLN B 587 -5.50 -26.22 -19.24
N MET B 588 -5.64 -26.54 -17.96
CA MET B 588 -4.66 -27.43 -17.35
C MET B 588 -5.07 -28.93 -17.54
N ALA B 589 -4.09 -29.80 -17.73
CA ALA B 589 -4.23 -31.22 -17.46
C ALA B 589 -3.53 -31.44 -16.10
N ALA B 590 -4.36 -31.58 -15.07
CA ALA B 590 -3.90 -31.40 -13.69
C ALA B 590 -3.35 -32.63 -13.00
N ASP B 591 -3.55 -33.83 -13.57
CA ASP B 591 -3.09 -35.02 -12.92
C ASP B 591 -1.61 -35.13 -13.19
N ILE B 592 -0.92 -36.02 -12.48
CA ILE B 592 0.52 -36.20 -12.67
C ILE B 592 0.78 -37.10 -13.85
N PRO B 593 1.95 -36.90 -14.51
CA PRO B 593 2.22 -37.65 -15.75
C PRO B 593 2.02 -39.18 -15.63
N GLU B 594 2.56 -39.81 -14.60
CA GLU B 594 2.44 -41.24 -14.43
CA GLU B 594 2.44 -41.24 -14.46
C GLU B 594 0.98 -41.70 -14.45
N ASN B 595 0.08 -40.88 -13.89
CA ASN B 595 -1.36 -41.21 -13.90
C ASN B 595 -1.95 -41.16 -15.27
N TYR B 596 -1.54 -40.21 -16.07
CA TYR B 596 -2.02 -40.17 -17.44
C TYR B 596 -1.44 -41.38 -18.23
N GLU B 597 -0.20 -41.78 -17.98
CA GLU B 597 0.41 -42.92 -18.70
C GLU B 597 -0.31 -44.24 -18.38
N ARG B 598 -1.17 -44.23 -17.37
CA ARG B 598 -1.96 -45.40 -17.05
C ARG B 598 -3.27 -45.39 -17.84
N PHE B 599 -3.60 -44.26 -18.44
CA PHE B 599 -4.88 -44.14 -19.17
C PHE B 599 -4.71 -43.39 -20.45
N MET B 600 -3.74 -43.76 -21.26
CA MET B 600 -3.32 -42.94 -22.38
C MET B 600 -4.34 -42.93 -23.49
N ASP B 601 -5.19 -43.95 -23.50
CA ASP B 601 -6.25 -43.99 -24.50
C ASP B 601 -7.32 -42.90 -24.19
N ALA B 602 -7.65 -42.70 -22.92
CA ALA B 602 -8.58 -41.59 -22.59
C ALA B 602 -7.88 -40.24 -22.82
N PHE B 603 -6.60 -40.23 -22.45
CA PHE B 603 -5.78 -39.02 -22.49
C PHE B 603 -5.80 -38.41 -23.85
N GLN B 604 -6.08 -39.23 -24.86
CA GLN B 604 -6.05 -38.73 -26.25
C GLN B 604 -7.00 -37.58 -26.48
N PHE B 605 -8.14 -37.57 -25.80
CA PHE B 605 -9.06 -36.42 -25.95
C PHE B 605 -8.41 -35.13 -25.47
N ILE B 606 -7.69 -35.19 -24.36
CA ILE B 606 -7.05 -33.98 -23.82
C ILE B 606 -5.97 -33.48 -24.78
N LYS B 607 -5.22 -34.41 -25.40
CA LYS B 607 -4.21 -34.01 -26.38
C LYS B 607 -4.85 -33.31 -27.58
N ASP B 608 -6.02 -33.81 -27.98
CA ASP B 608 -6.68 -33.37 -29.21
C ASP B 608 -7.47 -32.10 -29.07
N VAL B 609 -8.16 -31.94 -27.96
CA VAL B 609 -9.09 -30.81 -27.84
C VAL B 609 -8.43 -29.43 -28.05
N ALA B 610 -9.14 -28.54 -28.73
CA ALA B 610 -8.64 -27.21 -28.99
C ALA B 610 -8.99 -26.33 -27.80
N LEU B 611 -8.56 -25.08 -27.85
CA LEU B 611 -8.69 -24.21 -26.73
C LEU B 611 -9.39 -22.94 -27.11
N ASP B 612 -9.71 -22.79 -28.39
CA ASP B 612 -10.21 -21.49 -28.90
C ASP B 612 -11.16 -21.80 -30.05
N TRP B 613 -12.21 -21.02 -30.22
CA TRP B 613 -13.31 -21.53 -31.00
C TRP B 613 -13.85 -20.51 -31.97
N ASP B 614 -14.22 -20.97 -33.17
CA ASP B 614 -14.81 -20.09 -34.18
C ASP B 614 -16.31 -20.06 -33.99
N GLU B 615 -16.87 -21.11 -33.40
CA GLU B 615 -18.32 -21.22 -33.11
C GLU B 615 -18.58 -22.10 -31.91
N THR B 616 -19.64 -21.80 -31.17
CA THR B 616 -20.08 -22.66 -30.10
C THR B 616 -21.57 -22.89 -30.26
N ASN B 617 -22.04 -24.13 -30.03
CA ASN B 617 -23.45 -24.43 -30.05
CA ASN B 617 -23.46 -24.43 -30.04
C ASN B 617 -23.87 -25.11 -28.76
N TYR B 618 -24.80 -24.48 -28.02
CA TYR B 618 -25.29 -24.99 -26.73
C TYR B 618 -26.43 -26.01 -26.96
N LEU B 619 -26.10 -27.29 -26.96
CA LEU B 619 -27.04 -28.32 -27.37
C LEU B 619 -28.09 -28.50 -26.31
N GLU B 620 -27.67 -28.86 -25.10
CA GLU B 620 -28.59 -28.86 -23.98
C GLU B 620 -27.99 -28.11 -22.78
N ALA B 621 -28.86 -27.62 -21.89
CA ALA B 621 -28.42 -26.90 -20.69
C ALA B 621 -29.57 -26.70 -19.69
N GLU B 622 -29.36 -27.14 -18.45
CA GLU B 622 -30.28 -26.92 -17.35
C GLU B 622 -29.47 -26.75 -16.06
N PRO B 623 -29.56 -25.56 -15.42
CA PRO B 623 -28.65 -25.29 -14.30
C PRO B 623 -28.78 -26.36 -13.26
N GLY B 624 -27.66 -26.83 -12.74
CA GLY B 624 -27.69 -27.80 -11.66
C GLY B 624 -27.89 -29.23 -12.18
N GLU B 625 -28.17 -29.39 -13.47
CA GLU B 625 -28.52 -30.75 -13.98
C GLU B 625 -27.59 -31.31 -15.10
N TYR B 626 -27.52 -30.56 -16.21
CA TYR B 626 -26.76 -31.01 -17.37
C TYR B 626 -26.34 -29.85 -18.24
N ILE B 627 -25.16 -29.95 -18.83
CA ILE B 627 -24.77 -29.00 -19.84
C ILE B 627 -24.06 -29.77 -20.97
N THR B 628 -24.45 -29.47 -22.20
CA THR B 628 -23.91 -30.14 -23.38
C THR B 628 -23.57 -29.11 -24.42
N ILE B 629 -22.31 -29.07 -24.83
CA ILE B 629 -21.88 -28.01 -25.72
C ILE B 629 -21.01 -28.59 -26.85
N ALA B 630 -21.13 -28.00 -28.04
CA ALA B 630 -20.33 -28.40 -29.17
C ALA B 630 -19.64 -27.14 -29.68
N ARG B 631 -18.34 -27.21 -29.96
CA ARG B 631 -17.62 -26.03 -30.41
C ARG B 631 -16.74 -26.33 -31.63
N LYS B 632 -16.52 -25.33 -32.47
CA LYS B 632 -15.72 -25.52 -33.68
C LYS B 632 -14.29 -25.01 -33.48
N ALA B 633 -13.34 -25.92 -33.44
CA ALA B 633 -11.94 -25.54 -33.24
C ALA B 633 -11.57 -24.46 -34.22
N LYS B 634 -11.07 -23.32 -33.72
CA LYS B 634 -10.78 -22.18 -34.58
C LYS B 634 -9.91 -22.56 -35.79
N ASP B 635 -10.28 -22.00 -36.95
CA ASP B 635 -9.59 -22.19 -38.23
C ASP B 635 -9.47 -23.65 -38.63
N THR B 636 -10.41 -24.48 -38.16
CA THR B 636 -10.48 -25.88 -38.54
C THR B 636 -11.92 -26.16 -38.88
N ASP B 637 -12.18 -27.40 -39.27
CA ASP B 637 -13.51 -27.87 -39.60
C ASP B 637 -13.93 -28.90 -38.58
N ASP B 638 -13.12 -29.05 -37.52
CA ASP B 638 -13.34 -30.05 -36.51
C ASP B 638 -14.18 -29.54 -35.33
N TRP B 639 -15.06 -30.38 -34.80
CA TRP B 639 -15.85 -30.02 -33.63
C TRP B 639 -15.46 -30.85 -32.44
N TYR B 640 -15.67 -30.28 -31.26
CA TYR B 640 -15.48 -30.98 -30.01
C TYR B 640 -16.72 -30.78 -29.15
N VAL B 641 -17.22 -31.87 -28.56
CA VAL B 641 -18.46 -31.88 -27.80
C VAL B 641 -18.24 -32.38 -26.37
N GLY B 642 -18.84 -31.72 -25.38
CA GLY B 642 -18.74 -32.21 -24.02
C GLY B 642 -20.09 -32.20 -23.30
N CYS B 643 -20.29 -33.13 -22.40
CA CYS B 643 -21.48 -33.12 -21.58
C CYS B 643 -21.07 -33.44 -20.16
N THR B 644 -21.48 -32.58 -19.24
CA THR B 644 -21.32 -32.77 -17.80
C THR B 644 -22.72 -32.82 -17.18
N ALA B 645 -22.92 -33.68 -16.20
CA ALA B 645 -24.23 -33.88 -15.64
C ALA B 645 -24.12 -33.99 -14.13
N GLY B 646 -25.24 -33.76 -13.44
CA GLY B 646 -25.23 -33.90 -12.00
C GLY B 646 -25.58 -35.26 -11.43
N GLU B 647 -26.32 -35.21 -10.34
CA GLU B 647 -26.51 -36.35 -9.45
C GLU B 647 -27.34 -37.50 -10.05
N ASN B 648 -28.20 -37.19 -11.01
CA ASN B 648 -29.06 -38.19 -11.63
C ASN B 648 -28.61 -38.55 -13.03
N GLY B 649 -27.43 -38.10 -13.44
CA GLY B 649 -26.92 -38.39 -14.77
C GLY B 649 -27.79 -37.64 -15.75
N HIS B 650 -27.68 -37.97 -17.02
CA HIS B 650 -28.47 -37.33 -18.04
C HIS B 650 -28.41 -38.20 -19.28
N THR B 651 -29.50 -38.17 -20.07
CA THR B 651 -29.59 -38.91 -21.31
C THR B 651 -29.74 -37.95 -22.45
N SER B 652 -28.81 -38.02 -23.40
CA SER B 652 -28.88 -37.16 -24.55
C SER B 652 -29.29 -37.99 -25.74
N LYS B 653 -30.15 -37.39 -26.55
CA LYS B 653 -30.40 -37.79 -27.89
C LYS B 653 -29.78 -36.69 -28.72
N LEU B 654 -28.51 -36.85 -29.09
CA LEU B 654 -27.78 -35.84 -29.84
C LEU B 654 -28.12 -35.85 -31.32
N VAL B 655 -28.00 -34.68 -31.94
CA VAL B 655 -28.44 -34.48 -33.29
C VAL B 655 -27.44 -33.54 -33.94
N PHE B 656 -26.92 -33.89 -35.11
CA PHE B 656 -25.69 -33.24 -35.58
C PHE B 656 -25.82 -32.31 -36.78
N ASP B 657 -26.92 -31.57 -36.85
CA ASP B 657 -27.12 -30.64 -37.96
C ASP B 657 -26.17 -29.46 -37.98
N PHE B 658 -25.31 -29.32 -36.97
CA PHE B 658 -24.31 -28.25 -37.02
C PHE B 658 -23.13 -28.58 -37.96
N LEU B 659 -23.01 -29.86 -38.34
CA LEU B 659 -21.96 -30.33 -39.26
C LEU B 659 -22.23 -29.86 -40.69
N THR B 660 -21.18 -29.61 -41.47
CA THR B 660 -21.35 -29.12 -42.84
C THR B 660 -22.03 -30.18 -43.70
N PRO B 661 -23.21 -29.86 -44.30
CA PRO B 661 -23.87 -30.90 -45.13
C PRO B 661 -22.93 -31.42 -46.23
N GLY B 662 -23.05 -32.70 -46.55
CA GLY B 662 -22.22 -33.31 -47.61
C GLY B 662 -20.90 -33.86 -47.12
N LYS B 663 -20.28 -33.21 -46.15
CA LYS B 663 -19.01 -33.69 -45.62
C LYS B 663 -19.14 -34.89 -44.65
N GLN B 664 -18.04 -35.60 -44.46
CA GLN B 664 -17.99 -36.73 -43.54
C GLN B 664 -16.98 -36.48 -42.41
N TYR B 665 -17.22 -37.07 -41.25
CA TYR B 665 -16.39 -36.83 -40.08
C TYR B 665 -16.03 -38.09 -39.38
N ILE B 666 -14.78 -38.17 -38.92
CA ILE B 666 -14.41 -39.24 -38.02
C ILE B 666 -14.61 -38.81 -36.57
N ALA B 667 -15.48 -39.52 -35.86
CA ALA B 667 -15.86 -39.20 -34.49
C ALA B 667 -15.33 -40.22 -33.51
N THR B 668 -14.74 -39.75 -32.42
CA THR B 668 -14.33 -40.61 -31.35
C THR B 668 -15.10 -40.18 -30.14
N VAL B 669 -15.93 -41.08 -29.62
CA VAL B 669 -16.83 -40.83 -28.51
C VAL B 669 -16.18 -41.42 -27.28
N TYR B 670 -15.96 -40.59 -26.27
CA TYR B 670 -15.40 -41.10 -25.03
C TYR B 670 -16.54 -40.99 -24.04
N ALA B 671 -17.15 -42.12 -23.67
CA ALA B 671 -18.30 -42.07 -22.81
C ALA B 671 -18.12 -42.87 -21.51
N ASP B 672 -19.04 -42.66 -20.57
CA ASP B 672 -19.09 -43.49 -19.38
C ASP B 672 -19.50 -44.89 -19.84
N ALA B 673 -18.92 -45.91 -19.23
CA ALA B 673 -19.34 -47.27 -19.50
C ALA B 673 -20.64 -47.49 -18.74
N LYS B 674 -21.39 -48.51 -19.14
CA LYS B 674 -22.57 -48.87 -18.39
C LYS B 674 -22.22 -49.10 -16.92
N ASP B 675 -23.05 -48.63 -16.00
CA ASP B 675 -22.71 -48.77 -14.56
C ASP B 675 -21.53 -47.91 -14.08
N ALA B 676 -21.06 -46.98 -14.90
CA ALA B 676 -20.12 -45.98 -14.37
C ALA B 676 -20.81 -45.18 -13.25
N ASP B 677 -20.01 -44.63 -12.34
CA ASP B 677 -20.53 -43.82 -11.23
C ASP B 677 -19.40 -43.04 -10.53
N TRP B 678 -19.57 -41.73 -10.33
CA TRP B 678 -18.44 -40.90 -9.82
C TRP B 678 -17.86 -41.51 -8.57
N LYS B 679 -18.75 -42.06 -7.74
CA LYS B 679 -18.32 -42.55 -6.48
C LYS B 679 -17.89 -44.03 -6.50
N GLU B 680 -18.72 -44.86 -7.10
CA GLU B 680 -18.48 -46.31 -7.04
C GLU B 680 -17.59 -46.81 -8.19
N ASN B 681 -17.73 -46.23 -9.36
CA ASN B 681 -17.04 -46.73 -10.51
C ASN B 681 -16.65 -45.60 -11.49
N PRO B 682 -15.71 -44.74 -11.05
CA PRO B 682 -15.41 -43.50 -11.77
C PRO B 682 -14.47 -43.70 -12.96
N GLN B 683 -13.71 -44.79 -12.95
CA GLN B 683 -12.74 -45.04 -14.02
C GLN B 683 -13.25 -45.97 -15.14
N ALA B 684 -14.56 -46.18 -15.22
CA ALA B 684 -15.16 -47.02 -16.25
C ALA B 684 -15.62 -46.19 -17.43
N TYR B 685 -14.87 -46.20 -18.53
CA TYR B 685 -15.24 -45.49 -19.75
C TYR B 685 -15.11 -46.38 -21.00
N THR B 686 -15.78 -46.03 -22.10
CA THR B 686 -15.56 -46.74 -23.31
C THR B 686 -15.15 -45.71 -24.31
N ILE B 687 -14.47 -46.12 -25.37
CA ILE B 687 -14.15 -45.21 -26.45
C ILE B 687 -14.58 -45.88 -27.74
N LYS B 688 -15.27 -45.15 -28.60
CA LYS B 688 -15.74 -45.75 -29.86
C LYS B 688 -15.39 -44.80 -30.98
N LYS B 689 -14.90 -45.37 -32.07
CA LYS B 689 -14.47 -44.60 -33.20
C LYS B 689 -15.40 -44.92 -34.39
N GLY B 690 -15.84 -43.90 -35.12
CA GLY B 690 -16.85 -44.10 -36.16
C GLY B 690 -16.96 -42.93 -37.12
N ILE B 691 -17.99 -42.97 -37.96
CA ILE B 691 -18.26 -41.91 -38.96
C ILE B 691 -19.53 -41.15 -38.63
N LEU B 692 -19.49 -39.83 -38.75
CA LEU B 692 -20.68 -39.01 -38.52
C LEU B 692 -20.85 -38.06 -39.69
N THR B 693 -22.10 -37.70 -39.95
CA THR B 693 -22.45 -36.61 -40.84
C THR B 693 -23.57 -35.82 -40.16
N ASN B 694 -23.96 -34.71 -40.78
CA ASN B 694 -25.05 -33.91 -40.25
C ASN B 694 -26.37 -34.66 -40.23
N LYS B 695 -26.39 -35.86 -40.80
CA LYS B 695 -27.60 -36.70 -40.71
C LYS B 695 -27.55 -37.63 -39.49
N SER B 696 -26.37 -37.81 -38.91
CA SER B 696 -26.21 -38.76 -37.82
C SER B 696 -26.97 -38.38 -36.55
N LYS B 697 -27.34 -39.40 -35.80
CA LYS B 697 -28.04 -39.17 -34.56
C LYS B 697 -27.44 -40.14 -33.57
N LEU B 698 -27.24 -39.70 -32.32
CA LEU B 698 -26.51 -40.50 -31.34
C LEU B 698 -27.14 -40.43 -29.94
N ASN B 699 -27.33 -41.56 -29.29
CA ASN B 699 -27.85 -41.54 -27.94
C ASN B 699 -26.79 -41.96 -26.96
N LEU B 700 -26.58 -41.12 -25.94
CA LEU B 700 -25.51 -41.30 -24.96
C LEU B 700 -26.05 -41.03 -23.59
N HIS B 701 -25.47 -41.64 -22.58
CA HIS B 701 -25.98 -41.47 -21.26
C HIS B 701 -24.83 -41.14 -20.34
N ALA B 702 -24.85 -39.90 -19.83
CA ALA B 702 -23.92 -39.52 -18.76
C ALA B 702 -24.40 -40.14 -17.44
N ALA B 703 -23.47 -40.76 -16.73
CA ALA B 703 -23.74 -41.34 -15.42
C ALA B 703 -23.93 -40.29 -14.28
N ASN B 704 -24.22 -40.78 -13.08
CA ASN B 704 -24.20 -39.92 -11.89
C ASN B 704 -22.79 -39.30 -11.74
N GLY B 705 -22.71 -37.97 -11.82
CA GLY B 705 -21.45 -37.25 -11.74
C GLY B 705 -20.64 -37.57 -13.00
N GLY B 706 -21.35 -37.69 -14.12
CA GLY B 706 -20.74 -38.23 -15.34
C GLY B 706 -20.86 -37.32 -16.54
N GLY B 707 -20.43 -37.84 -17.68
CA GLY B 707 -20.47 -37.10 -18.93
C GLY B 707 -19.81 -37.90 -20.05
N TYR B 708 -19.48 -37.21 -21.11
CA TYR B 708 -18.79 -37.80 -22.22
C TYR B 708 -18.21 -36.68 -23.04
N ALA B 709 -17.34 -37.06 -23.95
CA ALA B 709 -16.69 -36.10 -24.80
C ALA B 709 -16.54 -36.69 -26.20
N ILE B 710 -16.65 -35.83 -27.21
CA ILE B 710 -16.55 -36.29 -28.57
C ILE B 710 -15.61 -35.43 -29.40
N SER B 711 -14.66 -36.09 -30.07
CA SER B 711 -13.88 -35.42 -31.09
C SER B 711 -14.50 -35.73 -32.45
N ILE B 712 -14.69 -34.72 -33.26
CA ILE B 712 -15.34 -34.88 -34.55
C ILE B 712 -14.54 -34.17 -35.64
N LYS B 713 -13.72 -34.94 -36.36
CA LYS B 713 -12.75 -34.33 -37.26
C LYS B 713 -13.12 -34.58 -38.73
N GLU B 714 -13.18 -33.51 -39.49
CA GLU B 714 -13.55 -33.57 -40.91
C GLU B 714 -12.57 -34.48 -41.67
N VAL B 715 -13.06 -35.23 -42.63
CA VAL B 715 -12.24 -36.27 -43.25
C VAL B 715 -11.07 -35.79 -44.12
#